data_4KXJ
# 
_entry.id   4KXJ 
# 
_audit_conform.dict_name       mmcif_pdbx.dic 
_audit_conform.dict_version    5.388 
_audit_conform.dict_location   http://mmcif.pdb.org/dictionaries/ascii/mmcif_pdbx.dic 
# 
loop_
_database_2.database_id 
_database_2.database_code 
_database_2.pdbx_database_accession 
_database_2.pdbx_DOI 
PDB   4KXJ         pdb_00004kxj 10.2210/pdb4kxj/pdb 
RCSB  RCSB079919   ?            ?                   
WWPDB D_1000079919 ?            ?                   
# 
loop_
_pdbx_audit_revision_history.ordinal 
_pdbx_audit_revision_history.data_content_type 
_pdbx_audit_revision_history.major_revision 
_pdbx_audit_revision_history.minor_revision 
_pdbx_audit_revision_history.revision_date 
1 'Structure model' 1 0 2014-05-28 
2 'Structure model' 1 1 2024-03-20 
# 
_pdbx_audit_revision_details.ordinal             1 
_pdbx_audit_revision_details.revision_ordinal    1 
_pdbx_audit_revision_details.data_content_type   'Structure model' 
_pdbx_audit_revision_details.provider            repository 
_pdbx_audit_revision_details.type                'Initial release' 
_pdbx_audit_revision_details.description         ? 
_pdbx_audit_revision_details.details             ? 
# 
loop_
_pdbx_audit_revision_group.ordinal 
_pdbx_audit_revision_group.revision_ordinal 
_pdbx_audit_revision_group.data_content_type 
_pdbx_audit_revision_group.group 
1 2 'Structure model' 'Data collection'      
2 2 'Structure model' 'Database references'  
3 2 'Structure model' 'Derived calculations' 
# 
loop_
_pdbx_audit_revision_category.ordinal 
_pdbx_audit_revision_category.revision_ordinal 
_pdbx_audit_revision_category.data_content_type 
_pdbx_audit_revision_category.category 
1 2 'Structure model' chem_comp_atom     
2 2 'Structure model' chem_comp_bond     
3 2 'Structure model' database_2         
4 2 'Structure model' struct_ref_seq_dif 
5 2 'Structure model' struct_site        
# 
loop_
_pdbx_audit_revision_item.ordinal 
_pdbx_audit_revision_item.revision_ordinal 
_pdbx_audit_revision_item.data_content_type 
_pdbx_audit_revision_item.item 
1 2 'Structure model' '_database_2.pdbx_DOI'                
2 2 'Structure model' '_database_2.pdbx_database_accession' 
3 2 'Structure model' '_struct_ref_seq_dif.details'         
4 2 'Structure model' '_struct_site.pdbx_auth_asym_id'      
5 2 'Structure model' '_struct_site.pdbx_auth_comp_id'      
6 2 'Structure model' '_struct_site.pdbx_auth_seq_id'       
# 
_pdbx_database_status.status_code                     REL 
_pdbx_database_status.entry_id                        4KXJ 
_pdbx_database_status.recvd_initial_deposition_date   2013-05-27 
_pdbx_database_status.deposit_site                    RCSB 
_pdbx_database_status.process_site                    PDBJ 
_pdbx_database_status.methods_development_category    ? 
_pdbx_database_status.status_code_sf                  REL 
_pdbx_database_status.status_code_mr                  ? 
_pdbx_database_status.SG_entry                        ? 
_pdbx_database_status.status_code_cs                  ? 
_pdbx_database_status.pdb_format_compatible           Y 
_pdbx_database_status.status_code_nmr_data            ? 
# 
loop_
_audit_author.name 
_audit_author.pdbx_ordinal 
'Lin, S.Y.' 1 
'Hou, M.H.' 2 
# 
_citation.id                        primary 
_citation.title                     
'Structural basis for the identification of the N-terminal domain of coronavirus nucleocapsid protein as an antiviral target' 
_citation.journal_abbrev            J.Med.Chem. 
_citation.journal_volume            57 
_citation.page_first                2247 
_citation.page_last                 2257 
_citation.year                      2014 
_citation.journal_id_ASTM           JMCMAR 
_citation.country                   US 
_citation.journal_id_ISSN           0022-2623 
_citation.journal_id_CSD            0151 
_citation.book_publisher            ? 
_citation.pdbx_database_id_PubMed   24564608 
_citation.pdbx_database_id_DOI      10.1021/jm500089r 
# 
loop_
_citation_author.citation_id 
_citation_author.name 
_citation_author.ordinal 
_citation_author.identifier_ORCID 
primary 'Lin, S.Y.'   1 ? 
primary 'Liu, C.L.'   2 ? 
primary 'Chang, Y.M.' 3 ? 
primary 'Zhao, J.'    4 ? 
primary 'Perlman, S.' 5 ? 
primary 'Hou, M.H.'   6 ? 
# 
loop_
_entity.id 
_entity.type 
_entity.src_method 
_entity.pdbx_description 
_entity.formula_weight 
_entity.pdbx_number_of_molecules 
_entity.pdbx_ec 
_entity.pdbx_mutation 
_entity.pdbx_fragment 
_entity.details 
1 polymer     man Nucleoprotein                                                              15437.901 1  ? ? 
'UNP residues 55-188' ? 
2 non-polymer syn 'N~2~,N~2~-DIMETHYL-N~1~-(6-OXO-5,6-DIHYDROPHENANTHRIDIN-2-YL)GLYCINAMIDE' 295.336   1  ? ? ? ? 
3 water       nat water                                                                      18.015    49 ? ? ? ? 
# 
_entity_poly.entity_id                      1 
_entity_poly.type                           'polypeptide(L)' 
_entity_poly.nstd_linkage                   no 
_entity_poly.nstd_monomer                   no 
_entity_poly.pdbx_seq_one_letter_code       
;EFNVVPYYSWFSGITQFQKGKEFEFVEGQGVPIAPGVPATEAKGYWYRHNRRSFKTADGNQRQLLPRWYFYYLGTGPHAK
DQYGTDIDGVYWVASNQADVNTPADIVDRDPSSDEAIPTRFPPGTVLPQGYYIEGS
;
_entity_poly.pdbx_seq_one_letter_code_can   
;EFNVVPYYSWFSGITQFQKGKEFEFVEGQGVPIAPGVPATEAKGYWYRHNRRSFKTADGNQRQLLPRWYFYYLGTGPHAK
DQYGTDIDGVYWVASNQADVNTPADIVDRDPSSDEAIPTRFPPGTVLPQGYYIEGS
;
_entity_poly.pdbx_strand_id                 A 
_entity_poly.pdbx_target_identifier         ? 
# 
loop_
_pdbx_entity_nonpoly.entity_id 
_pdbx_entity_nonpoly.name 
_pdbx_entity_nonpoly.comp_id 
2 'N~2~,N~2~-DIMETHYL-N~1~-(6-OXO-5,6-DIHYDROPHENANTHRIDIN-2-YL)GLYCINAMIDE' P34 
3 water                                                                      HOH 
# 
loop_
_entity_poly_seq.entity_id 
_entity_poly_seq.num 
_entity_poly_seq.mon_id 
_entity_poly_seq.hetero 
1 1   GLU n 
1 2   PHE n 
1 3   ASN n 
1 4   VAL n 
1 5   VAL n 
1 6   PRO n 
1 7   TYR n 
1 8   TYR n 
1 9   SER n 
1 10  TRP n 
1 11  PHE n 
1 12  SER n 
1 13  GLY n 
1 14  ILE n 
1 15  THR n 
1 16  GLN n 
1 17  PHE n 
1 18  GLN n 
1 19  LYS n 
1 20  GLY n 
1 21  LYS n 
1 22  GLU n 
1 23  PHE n 
1 24  GLU n 
1 25  PHE n 
1 26  VAL n 
1 27  GLU n 
1 28  GLY n 
1 29  GLN n 
1 30  GLY n 
1 31  VAL n 
1 32  PRO n 
1 33  ILE n 
1 34  ALA n 
1 35  PRO n 
1 36  GLY n 
1 37  VAL n 
1 38  PRO n 
1 39  ALA n 
1 40  THR n 
1 41  GLU n 
1 42  ALA n 
1 43  LYS n 
1 44  GLY n 
1 45  TYR n 
1 46  TRP n 
1 47  TYR n 
1 48  ARG n 
1 49  HIS n 
1 50  ASN n 
1 51  ARG n 
1 52  ARG n 
1 53  SER n 
1 54  PHE n 
1 55  LYS n 
1 56  THR n 
1 57  ALA n 
1 58  ASP n 
1 59  GLY n 
1 60  ASN n 
1 61  GLN n 
1 62  ARG n 
1 63  GLN n 
1 64  LEU n 
1 65  LEU n 
1 66  PRO n 
1 67  ARG n 
1 68  TRP n 
1 69  TYR n 
1 70  PHE n 
1 71  TYR n 
1 72  TYR n 
1 73  LEU n 
1 74  GLY n 
1 75  THR n 
1 76  GLY n 
1 77  PRO n 
1 78  HIS n 
1 79  ALA n 
1 80  LYS n 
1 81  ASP n 
1 82  GLN n 
1 83  TYR n 
1 84  GLY n 
1 85  THR n 
1 86  ASP n 
1 87  ILE n 
1 88  ASP n 
1 89  GLY n 
1 90  VAL n 
1 91  TYR n 
1 92  TRP n 
1 93  VAL n 
1 94  ALA n 
1 95  SER n 
1 96  ASN n 
1 97  GLN n 
1 98  ALA n 
1 99  ASP n 
1 100 VAL n 
1 101 ASN n 
1 102 THR n 
1 103 PRO n 
1 104 ALA n 
1 105 ASP n 
1 106 ILE n 
1 107 VAL n 
1 108 ASP n 
1 109 ARG n 
1 110 ASP n 
1 111 PRO n 
1 112 SER n 
1 113 SER n 
1 114 ASP n 
1 115 GLU n 
1 116 ALA n 
1 117 ILE n 
1 118 PRO n 
1 119 THR n 
1 120 ARG n 
1 121 PHE n 
1 122 PRO n 
1 123 PRO n 
1 124 GLY n 
1 125 THR n 
1 126 VAL n 
1 127 LEU n 
1 128 PRO n 
1 129 GLN n 
1 130 GLY n 
1 131 TYR n 
1 132 TYR n 
1 133 ILE n 
1 134 GLU n 
1 135 GLY n 
1 136 SER n 
# 
_entity_src_gen.entity_id                          1 
_entity_src_gen.pdbx_src_id                        1 
_entity_src_gen.pdbx_alt_source_flag               sample 
_entity_src_gen.pdbx_seq_type                      ? 
_entity_src_gen.pdbx_beg_seq_num                   ? 
_entity_src_gen.pdbx_end_seq_num                   ? 
_entity_src_gen.gene_src_common_name               HCoV-OC43 
_entity_src_gen.gene_src_genus                     ? 
_entity_src_gen.pdbx_gene_src_gene                 N 
_entity_src_gen.gene_src_species                   ? 
_entity_src_gen.gene_src_strain                    OC43 
_entity_src_gen.gene_src_tissue                    ? 
_entity_src_gen.gene_src_tissue_fraction           ? 
_entity_src_gen.gene_src_details                   ? 
_entity_src_gen.pdbx_gene_src_fragment             ? 
_entity_src_gen.pdbx_gene_src_scientific_name      'Human coronavirus' 
_entity_src_gen.pdbx_gene_src_ncbi_taxonomy_id     31631 
_entity_src_gen.pdbx_gene_src_variant              ? 
_entity_src_gen.pdbx_gene_src_cell_line            ? 
_entity_src_gen.pdbx_gene_src_atcc                 ? 
_entity_src_gen.pdbx_gene_src_organ                ? 
_entity_src_gen.pdbx_gene_src_organelle            ? 
_entity_src_gen.pdbx_gene_src_cell                 ? 
_entity_src_gen.pdbx_gene_src_cellular_location    ? 
_entity_src_gen.host_org_common_name               ? 
_entity_src_gen.pdbx_host_org_scientific_name      'Escherichia coli' 
_entity_src_gen.pdbx_host_org_ncbi_taxonomy_id     562 
_entity_src_gen.host_org_genus                     ? 
_entity_src_gen.pdbx_host_org_gene                 ? 
_entity_src_gen.pdbx_host_org_organ                ? 
_entity_src_gen.host_org_species                   ? 
_entity_src_gen.pdbx_host_org_tissue               ? 
_entity_src_gen.pdbx_host_org_tissue_fraction      ? 
_entity_src_gen.pdbx_host_org_strain               ? 
_entity_src_gen.pdbx_host_org_variant              ? 
_entity_src_gen.pdbx_host_org_cell_line            ? 
_entity_src_gen.pdbx_host_org_atcc                 ? 
_entity_src_gen.pdbx_host_org_culture_collection   ? 
_entity_src_gen.pdbx_host_org_cell                 ? 
_entity_src_gen.pdbx_host_org_organelle            ? 
_entity_src_gen.pdbx_host_org_cellular_location    ? 
_entity_src_gen.pdbx_host_org_vector_type          ? 
_entity_src_gen.pdbx_host_org_vector               ? 
_entity_src_gen.host_org_details                   ? 
_entity_src_gen.expression_system_id               ? 
_entity_src_gen.plasmid_name                       ? 
_entity_src_gen.plasmid_details                    ? 
_entity_src_gen.pdbx_description                   ? 
# 
loop_
_chem_comp.id 
_chem_comp.type 
_chem_comp.mon_nstd_flag 
_chem_comp.name 
_chem_comp.pdbx_synonyms 
_chem_comp.formula 
_chem_comp.formula_weight 
ALA 'L-peptide linking' y ALANINE                                                                    ? 'C3 H7 N O2'     89.093  
ARG 'L-peptide linking' y ARGININE                                                                   ? 'C6 H15 N4 O2 1' 175.209 
ASN 'L-peptide linking' y ASPARAGINE                                                                 ? 'C4 H8 N2 O3'    132.118 
ASP 'L-peptide linking' y 'ASPARTIC ACID'                                                            ? 'C4 H7 N O4'     133.103 
GLN 'L-peptide linking' y GLUTAMINE                                                                  ? 'C5 H10 N2 O3'   146.144 
GLU 'L-peptide linking' y 'GLUTAMIC ACID'                                                            ? 'C5 H9 N O4'     147.129 
GLY 'peptide linking'   y GLYCINE                                                                    ? 'C2 H5 N O2'     75.067  
HIS 'L-peptide linking' y HISTIDINE                                                                  ? 'C6 H10 N3 O2 1' 156.162 
HOH non-polymer         . WATER                                                                      ? 'H2 O'           18.015  
ILE 'L-peptide linking' y ISOLEUCINE                                                                 ? 'C6 H13 N O2'    131.173 
LEU 'L-peptide linking' y LEUCINE                                                                    ? 'C6 H13 N O2'    131.173 
LYS 'L-peptide linking' y LYSINE                                                                     ? 'C6 H15 N2 O2 1' 147.195 
P34 non-polymer         . 'N~2~,N~2~-DIMETHYL-N~1~-(6-OXO-5,6-DIHYDROPHENANTHRIDIN-2-YL)GLYCINAMIDE' ? 'C17 H17 N3 O2'  295.336 
PHE 'L-peptide linking' y PHENYLALANINE                                                              ? 'C9 H11 N O2'    165.189 
PRO 'L-peptide linking' y PROLINE                                                                    ? 'C5 H9 N O2'     115.130 
SER 'L-peptide linking' y SERINE                                                                     ? 'C3 H7 N O3'     105.093 
THR 'L-peptide linking' y THREONINE                                                                  ? 'C4 H9 N O3'     119.119 
TRP 'L-peptide linking' y TRYPTOPHAN                                                                 ? 'C11 H12 N2 O2'  204.225 
TYR 'L-peptide linking' y TYROSINE                                                                   ? 'C9 H11 N O3'    181.189 
VAL 'L-peptide linking' y VALINE                                                                     ? 'C5 H11 N O2'    117.146 
# 
loop_
_pdbx_poly_seq_scheme.asym_id 
_pdbx_poly_seq_scheme.entity_id 
_pdbx_poly_seq_scheme.seq_id 
_pdbx_poly_seq_scheme.mon_id 
_pdbx_poly_seq_scheme.ndb_seq_num 
_pdbx_poly_seq_scheme.pdb_seq_num 
_pdbx_poly_seq_scheme.auth_seq_num 
_pdbx_poly_seq_scheme.pdb_mon_id 
_pdbx_poly_seq_scheme.auth_mon_id 
_pdbx_poly_seq_scheme.pdb_strand_id 
_pdbx_poly_seq_scheme.pdb_ins_code 
_pdbx_poly_seq_scheme.hetero 
A 1 1   GLU 1   56  56  GLU GLU A . n 
A 1 2   PHE 2   57  57  PHE PHE A . n 
A 1 3   ASN 3   58  58  ASN ASN A . n 
A 1 4   VAL 4   59  59  VAL VAL A . n 
A 1 5   VAL 5   60  60  VAL VAL A . n 
A 1 6   PRO 6   61  61  PRO PRO A . n 
A 1 7   TYR 7   62  62  TYR TYR A . n 
A 1 8   TYR 8   63  63  TYR TYR A . n 
A 1 9   SER 9   64  64  SER SER A . n 
A 1 10  TRP 10  65  65  TRP TRP A . n 
A 1 11  PHE 11  66  66  PHE PHE A . n 
A 1 12  SER 12  67  67  SER SER A . n 
A 1 13  GLY 13  68  68  GLY GLY A . n 
A 1 14  ILE 14  69  69  ILE ILE A . n 
A 1 15  THR 15  70  70  THR THR A . n 
A 1 16  GLN 16  71  71  GLN GLN A . n 
A 1 17  PHE 17  72  72  PHE PHE A . n 
A 1 18  GLN 18  73  73  GLN GLN A . n 
A 1 19  LYS 19  74  74  LYS LYS A . n 
A 1 20  GLY 20  75  75  GLY GLY A . n 
A 1 21  LYS 21  76  76  LYS LYS A . n 
A 1 22  GLU 22  77  77  GLU GLU A . n 
A 1 23  PHE 23  78  78  PHE PHE A . n 
A 1 24  GLU 24  79  79  GLU GLU A . n 
A 1 25  PHE 25  80  80  PHE PHE A . n 
A 1 26  VAL 26  81  81  VAL VAL A . n 
A 1 27  GLU 27  82  82  GLU GLU A . n 
A 1 28  GLY 28  83  83  GLY GLY A . n 
A 1 29  GLN 29  84  84  GLN GLN A . n 
A 1 30  GLY 30  85  85  GLY GLY A . n 
A 1 31  VAL 31  86  86  VAL VAL A . n 
A 1 32  PRO 32  87  87  PRO PRO A . n 
A 1 33  ILE 33  88  88  ILE ILE A . n 
A 1 34  ALA 34  89  89  ALA ALA A . n 
A 1 35  PRO 35  90  90  PRO PRO A . n 
A 1 36  GLY 36  91  91  GLY GLY A . n 
A 1 37  VAL 37  92  92  VAL VAL A . n 
A 1 38  PRO 38  93  93  PRO PRO A . n 
A 1 39  ALA 39  94  94  ALA ALA A . n 
A 1 40  THR 40  95  95  THR THR A . n 
A 1 41  GLU 41  96  96  GLU GLU A . n 
A 1 42  ALA 42  97  97  ALA ALA A . n 
A 1 43  LYS 43  98  98  LYS LYS A . n 
A 1 44  GLY 44  99  99  GLY GLY A . n 
A 1 45  TYR 45  100 100 TYR TYR A . n 
A 1 46  TRP 46  101 101 TRP TRP A . n 
A 1 47  TYR 47  102 102 TYR TYR A . n 
A 1 48  ARG 48  103 103 ARG ARG A . n 
A 1 49  HIS 49  104 104 HIS HIS A . n 
A 1 50  ASN 50  105 105 ASN ASN A . n 
A 1 51  ARG 51  106 106 ARG ARG A . n 
A 1 52  ARG 52  107 107 ARG ARG A . n 
A 1 53  SER 53  108 108 SER SER A . n 
A 1 54  PHE 54  109 109 PHE PHE A . n 
A 1 55  LYS 55  110 110 LYS LYS A . n 
A 1 56  THR 56  111 111 THR THR A . n 
A 1 57  ALA 57  112 112 ALA ALA A . n 
A 1 58  ASP 58  113 113 ASP ASP A . n 
A 1 59  GLY 59  114 114 GLY GLY A . n 
A 1 60  ASN 60  115 ?   ?   ?   A . n 
A 1 61  GLN 61  116 116 GLN GLN A . n 
A 1 62  ARG 62  117 117 ARG ARG A . n 
A 1 63  GLN 63  118 118 GLN GLN A . n 
A 1 64  LEU 64  119 119 LEU LEU A . n 
A 1 65  LEU 65  120 120 LEU LEU A . n 
A 1 66  PRO 66  121 121 PRO PRO A . n 
A 1 67  ARG 67  122 122 ARG ARG A . n 
A 1 68  TRP 68  123 123 TRP TRP A . n 
A 1 69  TYR 69  124 124 TYR TYR A . n 
A 1 70  PHE 70  125 125 PHE PHE A . n 
A 1 71  TYR 71  126 126 TYR TYR A . n 
A 1 72  TYR 72  127 127 TYR TYR A . n 
A 1 73  LEU 73  128 128 LEU LEU A . n 
A 1 74  GLY 74  129 129 GLY GLY A . n 
A 1 75  THR 75  130 130 THR THR A . n 
A 1 76  GLY 76  131 131 GLY GLY A . n 
A 1 77  PRO 77  132 132 PRO PRO A . n 
A 1 78  HIS 78  133 133 HIS HIS A . n 
A 1 79  ALA 79  134 134 ALA ALA A . n 
A 1 80  LYS 80  135 135 LYS LYS A . n 
A 1 81  ASP 81  136 136 ASP ASP A . n 
A 1 82  GLN 82  137 137 GLN GLN A . n 
A 1 83  TYR 83  138 138 TYR TYR A . n 
A 1 84  GLY 84  139 139 GLY GLY A . n 
A 1 85  THR 85  140 140 THR THR A . n 
A 1 86  ASP 86  141 141 ASP ASP A . n 
A 1 87  ILE 87  142 142 ILE ILE A . n 
A 1 88  ASP 88  143 143 ASP ASP A . n 
A 1 89  GLY 89  144 144 GLY GLY A . n 
A 1 90  VAL 90  145 145 VAL VAL A . n 
A 1 91  TYR 91  146 146 TYR TYR A . n 
A 1 92  TRP 92  147 147 TRP TRP A . n 
A 1 93  VAL 93  148 148 VAL VAL A . n 
A 1 94  ALA 94  149 149 ALA ALA A . n 
A 1 95  SER 95  150 150 SER SER A . n 
A 1 96  ASN 96  151 151 ASN ASN A . n 
A 1 97  GLN 97  152 152 GLN GLN A . n 
A 1 98  ALA 98  153 153 ALA ALA A . n 
A 1 99  ASP 99  154 154 ASP ASP A . n 
A 1 100 VAL 100 155 155 VAL VAL A . n 
A 1 101 ASN 101 156 156 ASN ASN A . n 
A 1 102 THR 102 157 157 THR THR A . n 
A 1 103 PRO 103 158 158 PRO PRO A . n 
A 1 104 ALA 104 159 159 ALA ALA A . n 
A 1 105 ASP 105 160 160 ASP ASP A . n 
A 1 106 ILE 106 161 161 ILE ILE A . n 
A 1 107 VAL 107 162 162 VAL VAL A . n 
A 1 108 ASP 108 163 163 ASP ASP A . n 
A 1 109 ARG 109 164 164 ARG ARG A . n 
A 1 110 ASP 110 165 165 ASP ASP A . n 
A 1 111 PRO 111 166 166 PRO PRO A . n 
A 1 112 SER 112 167 167 SER SER A . n 
A 1 113 SER 113 168 168 SER SER A . n 
A 1 114 ASP 114 169 169 ASP ASP A . n 
A 1 115 GLU 115 170 170 GLU GLU A . n 
A 1 116 ALA 116 171 171 ALA ALA A . n 
A 1 117 ILE 117 172 172 ILE ILE A . n 
A 1 118 PRO 118 173 173 PRO PRO A . n 
A 1 119 THR 119 174 174 THR THR A . n 
A 1 120 ARG 120 175 175 ARG ARG A . n 
A 1 121 PHE 121 176 176 PHE PHE A . n 
A 1 122 PRO 122 177 177 PRO PRO A . n 
A 1 123 PRO 123 178 178 PRO PRO A . n 
A 1 124 GLY 124 179 179 GLY GLY A . n 
A 1 125 THR 125 180 180 THR THR A . n 
A 1 126 VAL 126 181 181 VAL VAL A . n 
A 1 127 LEU 127 182 182 LEU LEU A . n 
A 1 128 PRO 128 183 183 PRO PRO A . n 
A 1 129 GLN 129 184 184 GLN GLN A . n 
A 1 130 GLY 130 185 185 GLY GLY A . n 
A 1 131 TYR 131 186 186 TYR TYR A . n 
A 1 132 TYR 132 187 187 TYR TYR A . n 
A 1 133 ILE 133 188 188 ILE ILE A . n 
A 1 134 GLU 134 189 189 GLU GLU A . n 
A 1 135 GLY 135 190 190 GLY GLY A . n 
A 1 136 SER 136 191 191 SER SER A . n 
# 
loop_
_pdbx_nonpoly_scheme.asym_id 
_pdbx_nonpoly_scheme.entity_id 
_pdbx_nonpoly_scheme.mon_id 
_pdbx_nonpoly_scheme.ndb_seq_num 
_pdbx_nonpoly_scheme.pdb_seq_num 
_pdbx_nonpoly_scheme.auth_seq_num 
_pdbx_nonpoly_scheme.pdb_mon_id 
_pdbx_nonpoly_scheme.auth_mon_id 
_pdbx_nonpoly_scheme.pdb_strand_id 
_pdbx_nonpoly_scheme.pdb_ins_code 
B 2 P34 1  201 1  P34 DRG A . 
C 3 HOH 1  301 1  HOH HOH A . 
C 3 HOH 2  302 2  HOH HOH A . 
C 3 HOH 3  303 3  HOH HOH A . 
C 3 HOH 4  304 4  HOH HOH A . 
C 3 HOH 5  305 5  HOH HOH A . 
C 3 HOH 6  306 6  HOH HOH A . 
C 3 HOH 7  307 7  HOH HOH A . 
C 3 HOH 8  308 8  HOH HOH A . 
C 3 HOH 9  309 9  HOH HOH A . 
C 3 HOH 10 310 10 HOH HOH A . 
C 3 HOH 11 311 11 HOH HOH A . 
C 3 HOH 12 312 12 HOH HOH A . 
C 3 HOH 13 313 13 HOH HOH A . 
C 3 HOH 14 314 14 HOH HOH A . 
C 3 HOH 15 315 15 HOH HOH A . 
C 3 HOH 16 316 16 HOH HOH A . 
C 3 HOH 17 317 17 HOH HOH A . 
C 3 HOH 18 318 18 HOH HOH A . 
C 3 HOH 19 319 19 HOH HOH A . 
C 3 HOH 20 320 20 HOH HOH A . 
C 3 HOH 21 321 21 HOH HOH A . 
C 3 HOH 22 322 22 HOH HOH A . 
C 3 HOH 23 323 23 HOH HOH A . 
C 3 HOH 24 324 24 HOH HOH A . 
C 3 HOH 25 325 25 HOH HOH A . 
C 3 HOH 26 326 26 HOH HOH A . 
C 3 HOH 27 327 27 HOH HOH A . 
C 3 HOH 28 328 28 HOH HOH A . 
C 3 HOH 29 329 29 HOH HOH A . 
C 3 HOH 30 330 30 HOH HOH A . 
C 3 HOH 31 331 31 HOH HOH A . 
C 3 HOH 32 332 32 HOH HOH A . 
C 3 HOH 33 333 33 HOH HOH A . 
C 3 HOH 34 334 34 HOH HOH A . 
C 3 HOH 35 335 35 HOH HOH A . 
C 3 HOH 36 336 36 HOH HOH A . 
C 3 HOH 37 337 37 HOH HOH A . 
C 3 HOH 38 338 41 HOH HOH A . 
C 3 HOH 39 339 42 HOH HOH A . 
C 3 HOH 40 340 45 HOH HOH A . 
C 3 HOH 41 341 46 HOH HOH A . 
C 3 HOH 42 342 47 HOH HOH A . 
C 3 HOH 43 343 48 HOH HOH A . 
C 3 HOH 44 344 49 HOH HOH A . 
C 3 HOH 45 345 51 HOH HOH A . 
C 3 HOH 46 346 52 HOH HOH A . 
C 3 HOH 47 347 53 HOH HOH A . 
C 3 HOH 48 348 54 HOH HOH A . 
C 3 HOH 49 349 55 HOH HOH A . 
# 
loop_
_software.name 
_software.classification 
_software.version 
_software.citation_id 
_software.pdbx_ordinal 
HKL-2000 'data collection' . ? 1 
PHENIX   'model building'  . ? 2 
CNS      refinement        . ? 3 
HKL-2000 'data reduction'  . ? 4 
HKL-2000 'data scaling'    . ? 5 
PHENIX   phasing           . ? 6 
# 
_cell.entry_id           4KXJ 
_cell.length_a           81.684 
_cell.length_b           81.684 
_cell.length_c           42.950 
_cell.angle_alpha        90.00 
_cell.angle_beta         90.00 
_cell.angle_gamma        120.00 
_cell.Z_PDB              6 
_cell.pdbx_unique_axis   ? 
_cell.length_a_esd       ? 
_cell.length_b_esd       ? 
_cell.length_c_esd       ? 
_cell.angle_alpha_esd    ? 
_cell.angle_beta_esd     ? 
_cell.angle_gamma_esd    ? 
# 
_symmetry.entry_id                         4KXJ 
_symmetry.space_group_name_H-M             'P 65' 
_symmetry.pdbx_full_space_group_name_H-M   ? 
_symmetry.cell_setting                     ? 
_symmetry.Int_Tables_number                170 
_symmetry.space_group_name_Hall            ? 
# 
_exptl.entry_id          4KXJ 
_exptl.method            'X-RAY DIFFRACTION' 
_exptl.crystals_number   1 
# 
_exptl_crystal.id                    1 
_exptl_crystal.density_meas          ? 
_exptl_crystal.density_Matthews      2.68 
_exptl_crystal.density_percent_sol   54.09 
_exptl_crystal.description           ? 
_exptl_crystal.F_000                 ? 
_exptl_crystal.preparation           ? 
# 
_exptl_crystal_grow.crystal_id      1 
_exptl_crystal_grow.method          'VAPOR DIFFUSION, SITTING DROP' 
_exptl_crystal_grow.temp            293 
_exptl_crystal_grow.temp_details    ? 
_exptl_crystal_grow.pH              7.5 
_exptl_crystal_grow.pdbx_details    
'25% PEG1500, 0.25M SPG, 225mM NaCl, 50mM Tris-HCl, pH 7.5, VAPOR DIFFUSION, SITTING DROP, temperature 293K' 
_exptl_crystal_grow.pdbx_pH_range   . 
# 
_diffrn.id                     1 
_diffrn.ambient_temp           100 
_diffrn.ambient_temp_details   ? 
_diffrn.crystal_id             1 
# 
_diffrn_detector.diffrn_id              1 
_diffrn_detector.detector               CCD 
_diffrn_detector.type                   'ADSC QUANTUM 315r' 
_diffrn_detector.pdbx_collection_date   2013-05-03 
_diffrn_detector.details                ? 
# 
_diffrn_radiation.diffrn_id                        1 
_diffrn_radiation.wavelength_id                    1 
_diffrn_radiation.pdbx_monochromatic_or_laue_m_l   M 
_diffrn_radiation.monochromator                    'LN2-Cooled, Fixed-Exit Double Crystal Monochromator' 
_diffrn_radiation.pdbx_diffrn_protocol             'SINGLE WAVELENGTH' 
_diffrn_radiation.pdbx_scattering_type             x-ray 
# 
_diffrn_radiation_wavelength.id           1 
_diffrn_radiation_wavelength.wavelength   1 
_diffrn_radiation_wavelength.wt           1.0 
# 
_diffrn_source.diffrn_id                   1 
_diffrn_source.source                      SYNCHROTRON 
_diffrn_source.type                        'NSRRC BEAMLINE BL13B1' 
_diffrn_source.pdbx_synchrotron_site       NSRRC 
_diffrn_source.pdbx_synchrotron_beamline   BL13B1 
_diffrn_source.pdbx_wavelength             ? 
_diffrn_source.pdbx_wavelength_list        1 
# 
_reflns.entry_id                     4KXJ 
_reflns.observed_criterion_sigma_I   -3 
_reflns.observed_criterion_sigma_F   0 
_reflns.d_resolution_low             30 
_reflns.d_resolution_high            2.65 
_reflns.number_obs                   33506 
_reflns.number_all                   33506 
_reflns.percent_possible_obs         99.7 
_reflns.pdbx_Rmerge_I_obs            ? 
_reflns.pdbx_Rsym_value              ? 
_reflns.pdbx_netI_over_sigmaI        ? 
_reflns.B_iso_Wilson_estimate        ? 
_reflns.pdbx_redundancy              ? 
_reflns.R_free_details               ? 
_reflns.limit_h_max                  ? 
_reflns.limit_h_min                  ? 
_reflns.limit_k_max                  ? 
_reflns.limit_k_min                  ? 
_reflns.limit_l_max                  ? 
_reflns.limit_l_min                  ? 
_reflns.observed_criterion_F_max     ? 
_reflns.observed_criterion_F_min     ? 
_reflns.pdbx_chi_squared             ? 
_reflns.pdbx_scaling_rejects         ? 
_reflns.pdbx_ordinal                 1 
_reflns.pdbx_diffrn_id               1 
# 
_reflns_shell.d_res_high                  2.65 
_reflns_shell.d_res_low                   ? 
_reflns_shell.percent_possible_all        99.7 
_reflns_shell.Rmerge_I_obs                ? 
_reflns_shell.pdbx_Rsym_value             ? 
_reflns_shell.meanI_over_sigI_obs         ? 
_reflns_shell.pdbx_redundancy             ? 
_reflns_shell.percent_possible_obs        ? 
_reflns_shell.number_unique_all           ? 
_reflns_shell.number_measured_all         ? 
_reflns_shell.number_measured_obs         ? 
_reflns_shell.number_unique_obs           ? 
_reflns_shell.pdbx_chi_squared            ? 
_reflns_shell.pdbx_rejects                ? 
_reflns_shell.pdbx_netI_over_sigmaI_obs   ? 
_reflns_shell.number_possible             ? 
_reflns_shell.Rmerge_F_all                ? 
_reflns_shell.Rmerge_F_obs                ? 
_reflns_shell.Rmerge_I_all                ? 
_reflns_shell.meanI_over_sigI_all         ? 
_reflns_shell.pdbx_Rrim_I_all             ? 
_reflns_shell.pdbx_Rpim_I_all             ? 
_reflns_shell.pdbx_ordinal                1 
_reflns_shell.pdbx_diffrn_id              1 
# 
_refine.entry_id                                 4KXJ 
_refine.ls_number_reflns_obs                     4233 
_refine.ls_number_reflns_all                     4822 
_refine.pdbx_ls_sigma_I                          ? 
_refine.pdbx_ls_sigma_F                          ? 
_refine.pdbx_data_cutoff_high_absF               ? 
_refine.pdbx_data_cutoff_low_absF                ? 
_refine.pdbx_data_cutoff_high_rms_absF           ? 
_refine.ls_d_res_low                             30 
_refine.ls_d_res_high                            2.65 
_refine.ls_percent_reflns_obs                    ? 
_refine.ls_R_factor_obs                          0.18 
_refine.ls_R_factor_all                          ? 
_refine.ls_R_factor_R_work                       0.18 
_refine.ls_R_factor_R_free                       0.22 
_refine.ls_R_factor_R_free_error                 ? 
_refine.ls_R_factor_R_free_error_details         ? 
_refine.ls_percent_reflns_R_free                 ? 
_refine.ls_number_reflns_R_free                  231 
_refine.ls_number_parameters                     ? 
_refine.ls_number_restraints                     ? 
_refine.occupancy_min                            ? 
_refine.occupancy_max                            ? 
_refine.correlation_coeff_Fo_to_Fc               ? 
_refine.correlation_coeff_Fo_to_Fc_free          ? 
_refine.B_iso_mean                               ? 
_refine.aniso_B[1][1]                            ? 
_refine.aniso_B[2][2]                            ? 
_refine.aniso_B[3][3]                            ? 
_refine.aniso_B[1][2]                            ? 
_refine.aniso_B[1][3]                            ? 
_refine.aniso_B[2][3]                            ? 
_refine.solvent_model_details                    ? 
_refine.solvent_model_param_ksol                 ? 
_refine.solvent_model_param_bsol                 ? 
_refine.pdbx_solvent_vdw_probe_radii             ? 
_refine.pdbx_solvent_ion_probe_radii             ? 
_refine.pdbx_solvent_shrinkage_radii             ? 
_refine.pdbx_ls_cross_valid_method               ? 
_refine.details                                  ? 
_refine.pdbx_starting_model                      ? 
_refine.pdbx_method_to_determine_struct          'MOLECULAR REPLACEMENT' 
_refine.pdbx_isotropic_thermal_model             ? 
_refine.pdbx_stereochemistry_target_values       'Engh & Huber' 
_refine.pdbx_stereochem_target_val_spec_case     ? 
_refine.pdbx_R_Free_selection_details            RANDOM 
_refine.pdbx_overall_ESU_R                       ? 
_refine.pdbx_overall_ESU_R_Free                  ? 
_refine.overall_SU_ML                            ? 
_refine.pdbx_overall_phase_error                 ? 
_refine.overall_SU_B                             ? 
_refine.overall_SU_R_Cruickshank_DPI             ? 
_refine.ls_redundancy_reflns_obs                 ? 
_refine.B_iso_min                                ? 
_refine.B_iso_max                                ? 
_refine.overall_SU_R_free                        ? 
_refine.ls_wR_factor_R_free                      ? 
_refine.ls_wR_factor_R_work                      ? 
_refine.overall_FOM_free_R_set                   ? 
_refine.overall_FOM_work_R_set                   ? 
_refine.pdbx_diffrn_id                           1 
_refine.pdbx_refine_id                           'X-RAY DIFFRACTION' 
_refine.pdbx_TLS_residual_ADP_flag               ? 
_refine.pdbx_overall_SU_R_free_Cruickshank_DPI   ? 
_refine.pdbx_overall_SU_R_Blow_DPI               ? 
_refine.pdbx_overall_SU_R_free_Blow_DPI          ? 
# 
_refine_hist.pdbx_refine_id                   'X-RAY DIFFRACTION' 
_refine_hist.cycle_id                         LAST 
_refine_hist.pdbx_number_atoms_protein        1091 
_refine_hist.pdbx_number_atoms_nucleic_acid   0 
_refine_hist.pdbx_number_atoms_ligand         22 
_refine_hist.number_atoms_solvent             49 
_refine_hist.number_atoms_total               1162 
_refine_hist.d_res_high                       2.65 
_refine_hist.d_res_low                        30 
# 
loop_
_refine_ls_restr.type 
_refine_ls_restr.dev_ideal 
_refine_ls_restr.dev_ideal_target 
_refine_ls_restr.weight 
_refine_ls_restr.number 
_refine_ls_restr.pdbx_restraint_function 
_refine_ls_restr.pdbx_refine_id 
c_angle_deg 2.032 ? ? ? ? 'X-RAY DIFFRACTION' 
c_bond_d    0.013 ? ? ? ? 'X-RAY DIFFRACTION' 
# 
_struct.entry_id                  4KXJ 
_struct.title                     'Crystal structure of HCoV-OC43 N-NTD complexed with PJ34' 
_struct.pdbx_model_details        ? 
_struct.pdbx_CASP_flag            ? 
_struct.pdbx_model_type_details   ? 
# 
_struct_keywords.entry_id        4KXJ 
_struct_keywords.pdbx_keywords   'RNA BINDING PROTEIN' 
_struct_keywords.text            'HCoV-OC43 N-NTD, RNA BINDING PROTEIN, N-protein ligand' 
# 
loop_
_struct_asym.id 
_struct_asym.pdbx_blank_PDB_chainid_flag 
_struct_asym.pdbx_modified 
_struct_asym.entity_id 
_struct_asym.details 
A N N 1 ? 
B N N 2 ? 
C N N 3 ? 
# 
_struct_ref.id                         1 
_struct_ref.db_name                    UNP 
_struct_ref.db_code                    Q6SA23_CVHOC 
_struct_ref.pdbx_db_accession          Q6SA23 
_struct_ref.entity_id                  1 
_struct_ref.pdbx_seq_one_letter_code   
;NVVPYYSWFSGITQFQKGKEFEFVEGQGVPIAPGVPATEAKGYWYRHNRRSFKTADGNQRQLLPRWYFYYLGTGPHAKDQ
YGTDIDGVYWVASNQADVNTPADIVDRDPSSDEAIPTRFPPGTVLPQGYYIEGS
;
_struct_ref.pdbx_align_begin           55 
_struct_ref.pdbx_db_isoform            ? 
# 
_struct_ref_seq.align_id                      1 
_struct_ref_seq.ref_id                        1 
_struct_ref_seq.pdbx_PDB_id_code              4KXJ 
_struct_ref_seq.pdbx_strand_id                A 
_struct_ref_seq.seq_align_beg                 3 
_struct_ref_seq.pdbx_seq_align_beg_ins_code   ? 
_struct_ref_seq.seq_align_end                 136 
_struct_ref_seq.pdbx_seq_align_end_ins_code   ? 
_struct_ref_seq.pdbx_db_accession             Q6SA23 
_struct_ref_seq.db_align_beg                  55 
_struct_ref_seq.pdbx_db_align_beg_ins_code    ? 
_struct_ref_seq.db_align_end                  188 
_struct_ref_seq.pdbx_db_align_end_ins_code    ? 
_struct_ref_seq.pdbx_auth_seq_align_beg       58 
_struct_ref_seq.pdbx_auth_seq_align_end       191 
# 
loop_
_struct_ref_seq_dif.align_id 
_struct_ref_seq_dif.pdbx_pdb_id_code 
_struct_ref_seq_dif.mon_id 
_struct_ref_seq_dif.pdbx_pdb_strand_id 
_struct_ref_seq_dif.seq_num 
_struct_ref_seq_dif.pdbx_pdb_ins_code 
_struct_ref_seq_dif.pdbx_seq_db_name 
_struct_ref_seq_dif.pdbx_seq_db_accession_code 
_struct_ref_seq_dif.db_mon_id 
_struct_ref_seq_dif.pdbx_seq_db_seq_num 
_struct_ref_seq_dif.details 
_struct_ref_seq_dif.pdbx_auth_seq_num 
_struct_ref_seq_dif.pdbx_ordinal 
1 4KXJ GLU A 1 ? UNP Q6SA23 ? ? 'expression tag' 56 1 
1 4KXJ PHE A 2 ? UNP Q6SA23 ? ? 'expression tag' 57 2 
# 
_pdbx_struct_assembly.id                   1 
_pdbx_struct_assembly.details              author_and_software_defined_assembly 
_pdbx_struct_assembly.method_details       PISA 
_pdbx_struct_assembly.oligomeric_details   monomeric 
_pdbx_struct_assembly.oligomeric_count     1 
# 
_pdbx_struct_assembly_gen.assembly_id       1 
_pdbx_struct_assembly_gen.oper_expression   1 
_pdbx_struct_assembly_gen.asym_id_list      A,B,C 
# 
_pdbx_struct_oper_list.id                   1 
_pdbx_struct_oper_list.type                 'identity operation' 
_pdbx_struct_oper_list.name                 1_555 
_pdbx_struct_oper_list.symmetry_operation   x,y,z 
_pdbx_struct_oper_list.matrix[1][1]         1.0000000000 
_pdbx_struct_oper_list.matrix[1][2]         0.0000000000 
_pdbx_struct_oper_list.matrix[1][3]         0.0000000000 
_pdbx_struct_oper_list.vector[1]            0.0000000000 
_pdbx_struct_oper_list.matrix[2][1]         0.0000000000 
_pdbx_struct_oper_list.matrix[2][2]         1.0000000000 
_pdbx_struct_oper_list.matrix[2][3]         0.0000000000 
_pdbx_struct_oper_list.vector[2]            0.0000000000 
_pdbx_struct_oper_list.matrix[3][1]         0.0000000000 
_pdbx_struct_oper_list.matrix[3][2]         0.0000000000 
_pdbx_struct_oper_list.matrix[3][3]         1.0000000000 
_pdbx_struct_oper_list.vector[3]            0.0000000000 
# 
_struct_biol.id        1 
_struct_biol.details   ? 
# 
_struct_conf.conf_type_id            HELX_P 
_struct_conf.id                      HELX_P1 
_struct_conf.pdbx_PDB_helix_id       1 
_struct_conf.beg_label_comp_id       THR 
_struct_conf.beg_label_asym_id       A 
_struct_conf.beg_label_seq_id        75 
_struct_conf.pdbx_beg_PDB_ins_code   ? 
_struct_conf.end_label_comp_id       ALA 
_struct_conf.end_label_asym_id       A 
_struct_conf.end_label_seq_id        79 
_struct_conf.pdbx_end_PDB_ins_code   ? 
_struct_conf.beg_auth_comp_id        THR 
_struct_conf.beg_auth_asym_id        A 
_struct_conf.beg_auth_seq_id         130 
_struct_conf.end_auth_comp_id        ALA 
_struct_conf.end_auth_asym_id        A 
_struct_conf.end_auth_seq_id         134 
_struct_conf.pdbx_PDB_helix_class    5 
_struct_conf.details                 ? 
_struct_conf.pdbx_PDB_helix_length   5 
# 
_struct_conf_type.id          HELX_P 
_struct_conf_type.criteria    ? 
_struct_conf_type.reference   ? 
# 
_struct_sheet.id               A 
_struct_sheet.type             ? 
_struct_sheet.number_strands   5 
_struct_sheet.details          ? 
# 
loop_
_struct_sheet_order.sheet_id 
_struct_sheet_order.range_id_1 
_struct_sheet_order.range_id_2 
_struct_sheet_order.offset 
_struct_sheet_order.sense 
A 1 2 ? anti-parallel 
A 2 3 ? anti-parallel 
A 3 4 ? anti-parallel 
A 4 5 ? anti-parallel 
# 
loop_
_struct_sheet_range.sheet_id 
_struct_sheet_range.id 
_struct_sheet_range.beg_label_comp_id 
_struct_sheet_range.beg_label_asym_id 
_struct_sheet_range.beg_label_seq_id 
_struct_sheet_range.pdbx_beg_PDB_ins_code 
_struct_sheet_range.end_label_comp_id 
_struct_sheet_range.end_label_asym_id 
_struct_sheet_range.end_label_seq_id 
_struct_sheet_range.pdbx_end_PDB_ins_code 
_struct_sheet_range.beg_auth_comp_id 
_struct_sheet_range.beg_auth_asym_id 
_struct_sheet_range.beg_auth_seq_id 
_struct_sheet_range.end_auth_comp_id 
_struct_sheet_range.end_auth_asym_id 
_struct_sheet_range.end_auth_seq_id 
A 1 VAL A 90  ? ALA A 94  ? VAL A 145 ALA A 149 
A 2 LYS A 43  ? HIS A 49  ? LYS A 98  HIS A 104 
A 3 ARG A 67  ? TYR A 72  ? ARG A 122 TYR A 127 
A 4 ILE A 14  ? GLN A 16  ? ILE A 69  GLN A 71  
A 5 TYR A 131 ? ILE A 133 ? TYR A 186 ILE A 188 
# 
loop_
_pdbx_struct_sheet_hbond.sheet_id 
_pdbx_struct_sheet_hbond.range_id_1 
_pdbx_struct_sheet_hbond.range_id_2 
_pdbx_struct_sheet_hbond.range_1_label_atom_id 
_pdbx_struct_sheet_hbond.range_1_label_comp_id 
_pdbx_struct_sheet_hbond.range_1_label_asym_id 
_pdbx_struct_sheet_hbond.range_1_label_seq_id 
_pdbx_struct_sheet_hbond.range_1_PDB_ins_code 
_pdbx_struct_sheet_hbond.range_1_auth_atom_id 
_pdbx_struct_sheet_hbond.range_1_auth_comp_id 
_pdbx_struct_sheet_hbond.range_1_auth_asym_id 
_pdbx_struct_sheet_hbond.range_1_auth_seq_id 
_pdbx_struct_sheet_hbond.range_2_label_atom_id 
_pdbx_struct_sheet_hbond.range_2_label_comp_id 
_pdbx_struct_sheet_hbond.range_2_label_asym_id 
_pdbx_struct_sheet_hbond.range_2_label_seq_id 
_pdbx_struct_sheet_hbond.range_2_PDB_ins_code 
_pdbx_struct_sheet_hbond.range_2_auth_atom_id 
_pdbx_struct_sheet_hbond.range_2_auth_comp_id 
_pdbx_struct_sheet_hbond.range_2_auth_asym_id 
_pdbx_struct_sheet_hbond.range_2_auth_seq_id 
A 1 2 O VAL A 93 ? O VAL A 148 N GLY A 44  ? N GLY A 99  
A 2 3 N TYR A 45 ? N TYR A 100 O TYR A 71  ? O TYR A 126 
A 3 4 O TRP A 68 ? O TRP A 123 N ILE A 14  ? N ILE A 69  
A 4 5 N THR A 15 ? N THR A 70  O TYR A 132 ? O TYR A 187 
# 
_struct_site.id                   AC1 
_struct_site.pdbx_evidence_code   Software 
_struct_site.pdbx_auth_asym_id    A 
_struct_site.pdbx_auth_comp_id    P34 
_struct_site.pdbx_auth_seq_id     201 
_struct_site.pdbx_auth_ins_code   ? 
_struct_site.pdbx_num_residues    10 
_struct_site.details              'BINDING SITE FOR RESIDUE P34 A 201' 
# 
loop_
_struct_site_gen.id 
_struct_site_gen.site_id 
_struct_site_gen.pdbx_num_res 
_struct_site_gen.label_comp_id 
_struct_site_gen.label_asym_id 
_struct_site_gen.label_seq_id 
_struct_site_gen.pdbx_auth_ins_code 
_struct_site_gen.auth_comp_id 
_struct_site_gen.auth_asym_id 
_struct_site_gen.auth_seq_id 
_struct_site_gen.label_atom_id 
_struct_site_gen.label_alt_id 
_struct_site_gen.symmetry 
_struct_site_gen.details 
1  AC1 10 PRO A 6  ? PRO A 61  . ? 1_555 ? 
2  AC1 10 TYR A 7  ? TYR A 62  . ? 1_555 ? 
3  AC1 10 TYR A 8  ? TYR A 63  . ? 1_555 ? 
4  AC1 10 SER A 9  ? SER A 64  . ? 1_555 ? 
5  AC1 10 HIS A 49 ? HIS A 104 . ? 1_555 ? 
6  AC1 10 ASN A 50 ? ASN A 105 . ? 1_555 ? 
7  AC1 10 TYR A 69 ? TYR A 124 . ? 1_555 ? 
8  AC1 10 TYR A 71 ? TYR A 126 . ? 1_555 ? 
9  AC1 10 HOH C .  ? HOH A 312 . ? 1_555 ? 
10 AC1 10 HOH C .  ? HOH A 331 . ? 1_555 ? 
# 
loop_
_pdbx_validate_close_contact.id 
_pdbx_validate_close_contact.PDB_model_num 
_pdbx_validate_close_contact.auth_atom_id_1 
_pdbx_validate_close_contact.auth_asym_id_1 
_pdbx_validate_close_contact.auth_comp_id_1 
_pdbx_validate_close_contact.auth_seq_id_1 
_pdbx_validate_close_contact.PDB_ins_code_1 
_pdbx_validate_close_contact.label_alt_id_1 
_pdbx_validate_close_contact.auth_atom_id_2 
_pdbx_validate_close_contact.auth_asym_id_2 
_pdbx_validate_close_contact.auth_comp_id_2 
_pdbx_validate_close_contact.auth_seq_id_2 
_pdbx_validate_close_contact.PDB_ins_code_2 
_pdbx_validate_close_contact.label_alt_id_2 
_pdbx_validate_close_contact.dist 
1 1 OD2 A ASP 143 ? ? O A HOH 311 ? ? 2.02 
2 1 NH2 A ARG 107 ? ? O A HOH 309 ? ? 2.18 
# 
loop_
_pdbx_validate_torsion.id 
_pdbx_validate_torsion.PDB_model_num 
_pdbx_validate_torsion.auth_comp_id 
_pdbx_validate_torsion.auth_asym_id 
_pdbx_validate_torsion.auth_seq_id 
_pdbx_validate_torsion.PDB_ins_code 
_pdbx_validate_torsion.label_alt_id 
_pdbx_validate_torsion.phi 
_pdbx_validate_torsion.psi 
1 1 ARG A 107 ? ? 48.40   138.66  
2 1 SER A 108 ? ? -110.70 -161.56 
3 1 ARG A 117 ? ? -124.93 -163.28 
4 1 GLN A 118 ? ? 60.93   125.61  
5 1 LEU A 119 ? ? -160.95 83.60   
6 1 ASP A 163 ? ? -61.06  -176.51 
7 1 PRO A 166 ? ? -59.34  11.05   
8 1 ASP A 169 ? ? -170.96 134.74  
# 
_pdbx_unobs_or_zero_occ_residues.id               1 
_pdbx_unobs_or_zero_occ_residues.PDB_model_num    1 
_pdbx_unobs_or_zero_occ_residues.polymer_flag     Y 
_pdbx_unobs_or_zero_occ_residues.occupancy_flag   1 
_pdbx_unobs_or_zero_occ_residues.auth_asym_id     A 
_pdbx_unobs_or_zero_occ_residues.auth_comp_id     ASN 
_pdbx_unobs_or_zero_occ_residues.auth_seq_id      115 
_pdbx_unobs_or_zero_occ_residues.PDB_ins_code     ? 
_pdbx_unobs_or_zero_occ_residues.label_asym_id    A 
_pdbx_unobs_or_zero_occ_residues.label_comp_id    ASN 
_pdbx_unobs_or_zero_occ_residues.label_seq_id     60 
# 
loop_
_chem_comp_atom.comp_id 
_chem_comp_atom.atom_id 
_chem_comp_atom.type_symbol 
_chem_comp_atom.pdbx_aromatic_flag 
_chem_comp_atom.pdbx_stereo_config 
_chem_comp_atom.pdbx_ordinal 
ALA N    N N N 1   
ALA CA   C N S 2   
ALA C    C N N 3   
ALA O    O N N 4   
ALA CB   C N N 5   
ALA OXT  O N N 6   
ALA H    H N N 7   
ALA H2   H N N 8   
ALA HA   H N N 9   
ALA HB1  H N N 10  
ALA HB2  H N N 11  
ALA HB3  H N N 12  
ALA HXT  H N N 13  
ARG N    N N N 14  
ARG CA   C N S 15  
ARG C    C N N 16  
ARG O    O N N 17  
ARG CB   C N N 18  
ARG CG   C N N 19  
ARG CD   C N N 20  
ARG NE   N N N 21  
ARG CZ   C N N 22  
ARG NH1  N N N 23  
ARG NH2  N N N 24  
ARG OXT  O N N 25  
ARG H    H N N 26  
ARG H2   H N N 27  
ARG HA   H N N 28  
ARG HB2  H N N 29  
ARG HB3  H N N 30  
ARG HG2  H N N 31  
ARG HG3  H N N 32  
ARG HD2  H N N 33  
ARG HD3  H N N 34  
ARG HE   H N N 35  
ARG HH11 H N N 36  
ARG HH12 H N N 37  
ARG HH21 H N N 38  
ARG HH22 H N N 39  
ARG HXT  H N N 40  
ASN N    N N N 41  
ASN CA   C N S 42  
ASN C    C N N 43  
ASN O    O N N 44  
ASN CB   C N N 45  
ASN CG   C N N 46  
ASN OD1  O N N 47  
ASN ND2  N N N 48  
ASN OXT  O N N 49  
ASN H    H N N 50  
ASN H2   H N N 51  
ASN HA   H N N 52  
ASN HB2  H N N 53  
ASN HB3  H N N 54  
ASN HD21 H N N 55  
ASN HD22 H N N 56  
ASN HXT  H N N 57  
ASP N    N N N 58  
ASP CA   C N S 59  
ASP C    C N N 60  
ASP O    O N N 61  
ASP CB   C N N 62  
ASP CG   C N N 63  
ASP OD1  O N N 64  
ASP OD2  O N N 65  
ASP OXT  O N N 66  
ASP H    H N N 67  
ASP H2   H N N 68  
ASP HA   H N N 69  
ASP HB2  H N N 70  
ASP HB3  H N N 71  
ASP HD2  H N N 72  
ASP HXT  H N N 73  
GLN N    N N N 74  
GLN CA   C N S 75  
GLN C    C N N 76  
GLN O    O N N 77  
GLN CB   C N N 78  
GLN CG   C N N 79  
GLN CD   C N N 80  
GLN OE1  O N N 81  
GLN NE2  N N N 82  
GLN OXT  O N N 83  
GLN H    H N N 84  
GLN H2   H N N 85  
GLN HA   H N N 86  
GLN HB2  H N N 87  
GLN HB3  H N N 88  
GLN HG2  H N N 89  
GLN HG3  H N N 90  
GLN HE21 H N N 91  
GLN HE22 H N N 92  
GLN HXT  H N N 93  
GLU N    N N N 94  
GLU CA   C N S 95  
GLU C    C N N 96  
GLU O    O N N 97  
GLU CB   C N N 98  
GLU CG   C N N 99  
GLU CD   C N N 100 
GLU OE1  O N N 101 
GLU OE2  O N N 102 
GLU OXT  O N N 103 
GLU H    H N N 104 
GLU H2   H N N 105 
GLU HA   H N N 106 
GLU HB2  H N N 107 
GLU HB3  H N N 108 
GLU HG2  H N N 109 
GLU HG3  H N N 110 
GLU HE2  H N N 111 
GLU HXT  H N N 112 
GLY N    N N N 113 
GLY CA   C N N 114 
GLY C    C N N 115 
GLY O    O N N 116 
GLY OXT  O N N 117 
GLY H    H N N 118 
GLY H2   H N N 119 
GLY HA2  H N N 120 
GLY HA3  H N N 121 
GLY HXT  H N N 122 
HIS N    N N N 123 
HIS CA   C N S 124 
HIS C    C N N 125 
HIS O    O N N 126 
HIS CB   C N N 127 
HIS CG   C Y N 128 
HIS ND1  N Y N 129 
HIS CD2  C Y N 130 
HIS CE1  C Y N 131 
HIS NE2  N Y N 132 
HIS OXT  O N N 133 
HIS H    H N N 134 
HIS H2   H N N 135 
HIS HA   H N N 136 
HIS HB2  H N N 137 
HIS HB3  H N N 138 
HIS HD1  H N N 139 
HIS HD2  H N N 140 
HIS HE1  H N N 141 
HIS HE2  H N N 142 
HIS HXT  H N N 143 
HOH O    O N N 144 
HOH H1   H N N 145 
HOH H2   H N N 146 
ILE N    N N N 147 
ILE CA   C N S 148 
ILE C    C N N 149 
ILE O    O N N 150 
ILE CB   C N S 151 
ILE CG1  C N N 152 
ILE CG2  C N N 153 
ILE CD1  C N N 154 
ILE OXT  O N N 155 
ILE H    H N N 156 
ILE H2   H N N 157 
ILE HA   H N N 158 
ILE HB   H N N 159 
ILE HG12 H N N 160 
ILE HG13 H N N 161 
ILE HG21 H N N 162 
ILE HG22 H N N 163 
ILE HG23 H N N 164 
ILE HD11 H N N 165 
ILE HD12 H N N 166 
ILE HD13 H N N 167 
ILE HXT  H N N 168 
LEU N    N N N 169 
LEU CA   C N S 170 
LEU C    C N N 171 
LEU O    O N N 172 
LEU CB   C N N 173 
LEU CG   C N N 174 
LEU CD1  C N N 175 
LEU CD2  C N N 176 
LEU OXT  O N N 177 
LEU H    H N N 178 
LEU H2   H N N 179 
LEU HA   H N N 180 
LEU HB2  H N N 181 
LEU HB3  H N N 182 
LEU HG   H N N 183 
LEU HD11 H N N 184 
LEU HD12 H N N 185 
LEU HD13 H N N 186 
LEU HD21 H N N 187 
LEU HD22 H N N 188 
LEU HD23 H N N 189 
LEU HXT  H N N 190 
LYS N    N N N 191 
LYS CA   C N S 192 
LYS C    C N N 193 
LYS O    O N N 194 
LYS CB   C N N 195 
LYS CG   C N N 196 
LYS CD   C N N 197 
LYS CE   C N N 198 
LYS NZ   N N N 199 
LYS OXT  O N N 200 
LYS H    H N N 201 
LYS H2   H N N 202 
LYS HA   H N N 203 
LYS HB2  H N N 204 
LYS HB3  H N N 205 
LYS HG2  H N N 206 
LYS HG3  H N N 207 
LYS HD2  H N N 208 
LYS HD3  H N N 209 
LYS HE2  H N N 210 
LYS HE3  H N N 211 
LYS HZ1  H N N 212 
LYS HZ2  H N N 213 
LYS HZ3  H N N 214 
LYS HXT  H N N 215 
P34 CAA  C N N 216 
P34 N    N N N 217 
P34 CAB  C N N 218 
P34 CA   C N N 219 
P34 C    C N N 220 
P34 O    O N N 221 
P34 NAM  N N N 222 
P34 CAP  C Y N 223 
P34 CAK  C Y N 224 
P34 CAU  C Y N 225 
P34 CAT  C Y N 226 
P34 CAI  C Y N 227 
P34 CAF  C Y N 228 
P34 CAE  C Y N 229 
P34 CAH  C Y N 230 
P34 CAS  C Y N 231 
P34 CAQ  C Y N 232 
P34 OAD  O N N 233 
P34 NAN  N Y N 234 
P34 CAR  C Y N 235 
P34 CAJ  C Y N 236 
P34 CAG  C Y N 237 
P34 HAA1 H N N 238 
P34 HAA2 H N N 239 
P34 HAA3 H N N 240 
P34 HAB1 H N N 241 
P34 HAB2 H N N 242 
P34 HAB3 H N N 243 
P34 HA1  H N N 244 
P34 HA2  H N N 245 
P34 HAM  H N N 246 
P34 HAK  H N N 247 
P34 HAI  H N N 248 
P34 HAF  H N N 249 
P34 HAE  H N N 250 
P34 HAH  H N N 251 
P34 HAN  H N N 252 
P34 HAJ  H N N 253 
P34 HAG  H N N 254 
PHE N    N N N 255 
PHE CA   C N S 256 
PHE C    C N N 257 
PHE O    O N N 258 
PHE CB   C N N 259 
PHE CG   C Y N 260 
PHE CD1  C Y N 261 
PHE CD2  C Y N 262 
PHE CE1  C Y N 263 
PHE CE2  C Y N 264 
PHE CZ   C Y N 265 
PHE OXT  O N N 266 
PHE H    H N N 267 
PHE H2   H N N 268 
PHE HA   H N N 269 
PHE HB2  H N N 270 
PHE HB3  H N N 271 
PHE HD1  H N N 272 
PHE HD2  H N N 273 
PHE HE1  H N N 274 
PHE HE2  H N N 275 
PHE HZ   H N N 276 
PHE HXT  H N N 277 
PRO N    N N N 278 
PRO CA   C N S 279 
PRO C    C N N 280 
PRO O    O N N 281 
PRO CB   C N N 282 
PRO CG   C N N 283 
PRO CD   C N N 284 
PRO OXT  O N N 285 
PRO H    H N N 286 
PRO HA   H N N 287 
PRO HB2  H N N 288 
PRO HB3  H N N 289 
PRO HG2  H N N 290 
PRO HG3  H N N 291 
PRO HD2  H N N 292 
PRO HD3  H N N 293 
PRO HXT  H N N 294 
SER N    N N N 295 
SER CA   C N S 296 
SER C    C N N 297 
SER O    O N N 298 
SER CB   C N N 299 
SER OG   O N N 300 
SER OXT  O N N 301 
SER H    H N N 302 
SER H2   H N N 303 
SER HA   H N N 304 
SER HB2  H N N 305 
SER HB3  H N N 306 
SER HG   H N N 307 
SER HXT  H N N 308 
THR N    N N N 309 
THR CA   C N S 310 
THR C    C N N 311 
THR O    O N N 312 
THR CB   C N R 313 
THR OG1  O N N 314 
THR CG2  C N N 315 
THR OXT  O N N 316 
THR H    H N N 317 
THR H2   H N N 318 
THR HA   H N N 319 
THR HB   H N N 320 
THR HG1  H N N 321 
THR HG21 H N N 322 
THR HG22 H N N 323 
THR HG23 H N N 324 
THR HXT  H N N 325 
TRP N    N N N 326 
TRP CA   C N S 327 
TRP C    C N N 328 
TRP O    O N N 329 
TRP CB   C N N 330 
TRP CG   C Y N 331 
TRP CD1  C Y N 332 
TRP CD2  C Y N 333 
TRP NE1  N Y N 334 
TRP CE2  C Y N 335 
TRP CE3  C Y N 336 
TRP CZ2  C Y N 337 
TRP CZ3  C Y N 338 
TRP CH2  C Y N 339 
TRP OXT  O N N 340 
TRP H    H N N 341 
TRP H2   H N N 342 
TRP HA   H N N 343 
TRP HB2  H N N 344 
TRP HB3  H N N 345 
TRP HD1  H N N 346 
TRP HE1  H N N 347 
TRP HE3  H N N 348 
TRP HZ2  H N N 349 
TRP HZ3  H N N 350 
TRP HH2  H N N 351 
TRP HXT  H N N 352 
TYR N    N N N 353 
TYR CA   C N S 354 
TYR C    C N N 355 
TYR O    O N N 356 
TYR CB   C N N 357 
TYR CG   C Y N 358 
TYR CD1  C Y N 359 
TYR CD2  C Y N 360 
TYR CE1  C Y N 361 
TYR CE2  C Y N 362 
TYR CZ   C Y N 363 
TYR OH   O N N 364 
TYR OXT  O N N 365 
TYR H    H N N 366 
TYR H2   H N N 367 
TYR HA   H N N 368 
TYR HB2  H N N 369 
TYR HB3  H N N 370 
TYR HD1  H N N 371 
TYR HD2  H N N 372 
TYR HE1  H N N 373 
TYR HE2  H N N 374 
TYR HH   H N N 375 
TYR HXT  H N N 376 
VAL N    N N N 377 
VAL CA   C N S 378 
VAL C    C N N 379 
VAL O    O N N 380 
VAL CB   C N N 381 
VAL CG1  C N N 382 
VAL CG2  C N N 383 
VAL OXT  O N N 384 
VAL H    H N N 385 
VAL H2   H N N 386 
VAL HA   H N N 387 
VAL HB   H N N 388 
VAL HG11 H N N 389 
VAL HG12 H N N 390 
VAL HG13 H N N 391 
VAL HG21 H N N 392 
VAL HG22 H N N 393 
VAL HG23 H N N 394 
VAL HXT  H N N 395 
# 
loop_
_chem_comp_bond.comp_id 
_chem_comp_bond.atom_id_1 
_chem_comp_bond.atom_id_2 
_chem_comp_bond.value_order 
_chem_comp_bond.pdbx_aromatic_flag 
_chem_comp_bond.pdbx_stereo_config 
_chem_comp_bond.pdbx_ordinal 
ALA N   CA   sing N N 1   
ALA N   H    sing N N 2   
ALA N   H2   sing N N 3   
ALA CA  C    sing N N 4   
ALA CA  CB   sing N N 5   
ALA CA  HA   sing N N 6   
ALA C   O    doub N N 7   
ALA C   OXT  sing N N 8   
ALA CB  HB1  sing N N 9   
ALA CB  HB2  sing N N 10  
ALA CB  HB3  sing N N 11  
ALA OXT HXT  sing N N 12  
ARG N   CA   sing N N 13  
ARG N   H    sing N N 14  
ARG N   H2   sing N N 15  
ARG CA  C    sing N N 16  
ARG CA  CB   sing N N 17  
ARG CA  HA   sing N N 18  
ARG C   O    doub N N 19  
ARG C   OXT  sing N N 20  
ARG CB  CG   sing N N 21  
ARG CB  HB2  sing N N 22  
ARG CB  HB3  sing N N 23  
ARG CG  CD   sing N N 24  
ARG CG  HG2  sing N N 25  
ARG CG  HG3  sing N N 26  
ARG CD  NE   sing N N 27  
ARG CD  HD2  sing N N 28  
ARG CD  HD3  sing N N 29  
ARG NE  CZ   sing N N 30  
ARG NE  HE   sing N N 31  
ARG CZ  NH1  sing N N 32  
ARG CZ  NH2  doub N N 33  
ARG NH1 HH11 sing N N 34  
ARG NH1 HH12 sing N N 35  
ARG NH2 HH21 sing N N 36  
ARG NH2 HH22 sing N N 37  
ARG OXT HXT  sing N N 38  
ASN N   CA   sing N N 39  
ASN N   H    sing N N 40  
ASN N   H2   sing N N 41  
ASN CA  C    sing N N 42  
ASN CA  CB   sing N N 43  
ASN CA  HA   sing N N 44  
ASN C   O    doub N N 45  
ASN C   OXT  sing N N 46  
ASN CB  CG   sing N N 47  
ASN CB  HB2  sing N N 48  
ASN CB  HB3  sing N N 49  
ASN CG  OD1  doub N N 50  
ASN CG  ND2  sing N N 51  
ASN ND2 HD21 sing N N 52  
ASN ND2 HD22 sing N N 53  
ASN OXT HXT  sing N N 54  
ASP N   CA   sing N N 55  
ASP N   H    sing N N 56  
ASP N   H2   sing N N 57  
ASP CA  C    sing N N 58  
ASP CA  CB   sing N N 59  
ASP CA  HA   sing N N 60  
ASP C   O    doub N N 61  
ASP C   OXT  sing N N 62  
ASP CB  CG   sing N N 63  
ASP CB  HB2  sing N N 64  
ASP CB  HB3  sing N N 65  
ASP CG  OD1  doub N N 66  
ASP CG  OD2  sing N N 67  
ASP OD2 HD2  sing N N 68  
ASP OXT HXT  sing N N 69  
GLN N   CA   sing N N 70  
GLN N   H    sing N N 71  
GLN N   H2   sing N N 72  
GLN CA  C    sing N N 73  
GLN CA  CB   sing N N 74  
GLN CA  HA   sing N N 75  
GLN C   O    doub N N 76  
GLN C   OXT  sing N N 77  
GLN CB  CG   sing N N 78  
GLN CB  HB2  sing N N 79  
GLN CB  HB3  sing N N 80  
GLN CG  CD   sing N N 81  
GLN CG  HG2  sing N N 82  
GLN CG  HG3  sing N N 83  
GLN CD  OE1  doub N N 84  
GLN CD  NE2  sing N N 85  
GLN NE2 HE21 sing N N 86  
GLN NE2 HE22 sing N N 87  
GLN OXT HXT  sing N N 88  
GLU N   CA   sing N N 89  
GLU N   H    sing N N 90  
GLU N   H2   sing N N 91  
GLU CA  C    sing N N 92  
GLU CA  CB   sing N N 93  
GLU CA  HA   sing N N 94  
GLU C   O    doub N N 95  
GLU C   OXT  sing N N 96  
GLU CB  CG   sing N N 97  
GLU CB  HB2  sing N N 98  
GLU CB  HB3  sing N N 99  
GLU CG  CD   sing N N 100 
GLU CG  HG2  sing N N 101 
GLU CG  HG3  sing N N 102 
GLU CD  OE1  doub N N 103 
GLU CD  OE2  sing N N 104 
GLU OE2 HE2  sing N N 105 
GLU OXT HXT  sing N N 106 
GLY N   CA   sing N N 107 
GLY N   H    sing N N 108 
GLY N   H2   sing N N 109 
GLY CA  C    sing N N 110 
GLY CA  HA2  sing N N 111 
GLY CA  HA3  sing N N 112 
GLY C   O    doub N N 113 
GLY C   OXT  sing N N 114 
GLY OXT HXT  sing N N 115 
HIS N   CA   sing N N 116 
HIS N   H    sing N N 117 
HIS N   H2   sing N N 118 
HIS CA  C    sing N N 119 
HIS CA  CB   sing N N 120 
HIS CA  HA   sing N N 121 
HIS C   O    doub N N 122 
HIS C   OXT  sing N N 123 
HIS CB  CG   sing N N 124 
HIS CB  HB2  sing N N 125 
HIS CB  HB3  sing N N 126 
HIS CG  ND1  sing Y N 127 
HIS CG  CD2  doub Y N 128 
HIS ND1 CE1  doub Y N 129 
HIS ND1 HD1  sing N N 130 
HIS CD2 NE2  sing Y N 131 
HIS CD2 HD2  sing N N 132 
HIS CE1 NE2  sing Y N 133 
HIS CE1 HE1  sing N N 134 
HIS NE2 HE2  sing N N 135 
HIS OXT HXT  sing N N 136 
HOH O   H1   sing N N 137 
HOH O   H2   sing N N 138 
ILE N   CA   sing N N 139 
ILE N   H    sing N N 140 
ILE N   H2   sing N N 141 
ILE CA  C    sing N N 142 
ILE CA  CB   sing N N 143 
ILE CA  HA   sing N N 144 
ILE C   O    doub N N 145 
ILE C   OXT  sing N N 146 
ILE CB  CG1  sing N N 147 
ILE CB  CG2  sing N N 148 
ILE CB  HB   sing N N 149 
ILE CG1 CD1  sing N N 150 
ILE CG1 HG12 sing N N 151 
ILE CG1 HG13 sing N N 152 
ILE CG2 HG21 sing N N 153 
ILE CG2 HG22 sing N N 154 
ILE CG2 HG23 sing N N 155 
ILE CD1 HD11 sing N N 156 
ILE CD1 HD12 sing N N 157 
ILE CD1 HD13 sing N N 158 
ILE OXT HXT  sing N N 159 
LEU N   CA   sing N N 160 
LEU N   H    sing N N 161 
LEU N   H2   sing N N 162 
LEU CA  C    sing N N 163 
LEU CA  CB   sing N N 164 
LEU CA  HA   sing N N 165 
LEU C   O    doub N N 166 
LEU C   OXT  sing N N 167 
LEU CB  CG   sing N N 168 
LEU CB  HB2  sing N N 169 
LEU CB  HB3  sing N N 170 
LEU CG  CD1  sing N N 171 
LEU CG  CD2  sing N N 172 
LEU CG  HG   sing N N 173 
LEU CD1 HD11 sing N N 174 
LEU CD1 HD12 sing N N 175 
LEU CD1 HD13 sing N N 176 
LEU CD2 HD21 sing N N 177 
LEU CD2 HD22 sing N N 178 
LEU CD2 HD23 sing N N 179 
LEU OXT HXT  sing N N 180 
LYS N   CA   sing N N 181 
LYS N   H    sing N N 182 
LYS N   H2   sing N N 183 
LYS CA  C    sing N N 184 
LYS CA  CB   sing N N 185 
LYS CA  HA   sing N N 186 
LYS C   O    doub N N 187 
LYS C   OXT  sing N N 188 
LYS CB  CG   sing N N 189 
LYS CB  HB2  sing N N 190 
LYS CB  HB3  sing N N 191 
LYS CG  CD   sing N N 192 
LYS CG  HG2  sing N N 193 
LYS CG  HG3  sing N N 194 
LYS CD  CE   sing N N 195 
LYS CD  HD2  sing N N 196 
LYS CD  HD3  sing N N 197 
LYS CE  NZ   sing N N 198 
LYS CE  HE2  sing N N 199 
LYS CE  HE3  sing N N 200 
LYS NZ  HZ1  sing N N 201 
LYS NZ  HZ2  sing N N 202 
LYS NZ  HZ3  sing N N 203 
LYS OXT HXT  sing N N 204 
P34 CAA N    sing N N 205 
P34 CAA HAA1 sing N N 206 
P34 CAA HAA2 sing N N 207 
P34 CAA HAA3 sing N N 208 
P34 N   CAB  sing N N 209 
P34 N   CA   sing N N 210 
P34 CAB HAB1 sing N N 211 
P34 CAB HAB2 sing N N 212 
P34 CAB HAB3 sing N N 213 
P34 CA  C    sing N N 214 
P34 CA  HA1  sing N N 215 
P34 CA  HA2  sing N N 216 
P34 C   O    doub N N 217 
P34 C   NAM  sing N N 218 
P34 NAM CAP  sing N N 219 
P34 NAM HAM  sing N N 220 
P34 CAP CAK  sing Y N 221 
P34 CAP CAG  doub Y N 222 
P34 CAK CAU  doub Y N 223 
P34 CAK HAK  sing N N 224 
P34 CAU CAT  sing Y N 225 
P34 CAU CAR  sing Y N 226 
P34 CAT CAI  sing Y N 227 
P34 CAT CAS  doub Y N 228 
P34 CAI CAF  doub Y N 229 
P34 CAI HAI  sing N N 230 
P34 CAF CAE  sing Y N 231 
P34 CAF HAF  sing N N 232 
P34 CAE CAH  doub Y N 233 
P34 CAE HAE  sing N N 234 
P34 CAH CAS  sing Y N 235 
P34 CAH HAH  sing N N 236 
P34 CAS CAQ  sing Y N 237 
P34 CAQ OAD  doub N N 238 
P34 CAQ NAN  sing Y N 239 
P34 NAN CAR  sing Y N 240 
P34 NAN HAN  sing N N 241 
P34 CAR CAJ  doub Y N 242 
P34 CAJ CAG  sing Y N 243 
P34 CAJ HAJ  sing N N 244 
P34 CAG HAG  sing N N 245 
PHE N   CA   sing N N 246 
PHE N   H    sing N N 247 
PHE N   H2   sing N N 248 
PHE CA  C    sing N N 249 
PHE CA  CB   sing N N 250 
PHE CA  HA   sing N N 251 
PHE C   O    doub N N 252 
PHE C   OXT  sing N N 253 
PHE CB  CG   sing N N 254 
PHE CB  HB2  sing N N 255 
PHE CB  HB3  sing N N 256 
PHE CG  CD1  doub Y N 257 
PHE CG  CD2  sing Y N 258 
PHE CD1 CE1  sing Y N 259 
PHE CD1 HD1  sing N N 260 
PHE CD2 CE2  doub Y N 261 
PHE CD2 HD2  sing N N 262 
PHE CE1 CZ   doub Y N 263 
PHE CE1 HE1  sing N N 264 
PHE CE2 CZ   sing Y N 265 
PHE CE2 HE2  sing N N 266 
PHE CZ  HZ   sing N N 267 
PHE OXT HXT  sing N N 268 
PRO N   CA   sing N N 269 
PRO N   CD   sing N N 270 
PRO N   H    sing N N 271 
PRO CA  C    sing N N 272 
PRO CA  CB   sing N N 273 
PRO CA  HA   sing N N 274 
PRO C   O    doub N N 275 
PRO C   OXT  sing N N 276 
PRO CB  CG   sing N N 277 
PRO CB  HB2  sing N N 278 
PRO CB  HB3  sing N N 279 
PRO CG  CD   sing N N 280 
PRO CG  HG2  sing N N 281 
PRO CG  HG3  sing N N 282 
PRO CD  HD2  sing N N 283 
PRO CD  HD3  sing N N 284 
PRO OXT HXT  sing N N 285 
SER N   CA   sing N N 286 
SER N   H    sing N N 287 
SER N   H2   sing N N 288 
SER CA  C    sing N N 289 
SER CA  CB   sing N N 290 
SER CA  HA   sing N N 291 
SER C   O    doub N N 292 
SER C   OXT  sing N N 293 
SER CB  OG   sing N N 294 
SER CB  HB2  sing N N 295 
SER CB  HB3  sing N N 296 
SER OG  HG   sing N N 297 
SER OXT HXT  sing N N 298 
THR N   CA   sing N N 299 
THR N   H    sing N N 300 
THR N   H2   sing N N 301 
THR CA  C    sing N N 302 
THR CA  CB   sing N N 303 
THR CA  HA   sing N N 304 
THR C   O    doub N N 305 
THR C   OXT  sing N N 306 
THR CB  OG1  sing N N 307 
THR CB  CG2  sing N N 308 
THR CB  HB   sing N N 309 
THR OG1 HG1  sing N N 310 
THR CG2 HG21 sing N N 311 
THR CG2 HG22 sing N N 312 
THR CG2 HG23 sing N N 313 
THR OXT HXT  sing N N 314 
TRP N   CA   sing N N 315 
TRP N   H    sing N N 316 
TRP N   H2   sing N N 317 
TRP CA  C    sing N N 318 
TRP CA  CB   sing N N 319 
TRP CA  HA   sing N N 320 
TRP C   O    doub N N 321 
TRP C   OXT  sing N N 322 
TRP CB  CG   sing N N 323 
TRP CB  HB2  sing N N 324 
TRP CB  HB3  sing N N 325 
TRP CG  CD1  doub Y N 326 
TRP CG  CD2  sing Y N 327 
TRP CD1 NE1  sing Y N 328 
TRP CD1 HD1  sing N N 329 
TRP CD2 CE2  doub Y N 330 
TRP CD2 CE3  sing Y N 331 
TRP NE1 CE2  sing Y N 332 
TRP NE1 HE1  sing N N 333 
TRP CE2 CZ2  sing Y N 334 
TRP CE3 CZ3  doub Y N 335 
TRP CE3 HE3  sing N N 336 
TRP CZ2 CH2  doub Y N 337 
TRP CZ2 HZ2  sing N N 338 
TRP CZ3 CH2  sing Y N 339 
TRP CZ3 HZ3  sing N N 340 
TRP CH2 HH2  sing N N 341 
TRP OXT HXT  sing N N 342 
TYR N   CA   sing N N 343 
TYR N   H    sing N N 344 
TYR N   H2   sing N N 345 
TYR CA  C    sing N N 346 
TYR CA  CB   sing N N 347 
TYR CA  HA   sing N N 348 
TYR C   O    doub N N 349 
TYR C   OXT  sing N N 350 
TYR CB  CG   sing N N 351 
TYR CB  HB2  sing N N 352 
TYR CB  HB3  sing N N 353 
TYR CG  CD1  doub Y N 354 
TYR CG  CD2  sing Y N 355 
TYR CD1 CE1  sing Y N 356 
TYR CD1 HD1  sing N N 357 
TYR CD2 CE2  doub Y N 358 
TYR CD2 HD2  sing N N 359 
TYR CE1 CZ   doub Y N 360 
TYR CE1 HE1  sing N N 361 
TYR CE2 CZ   sing Y N 362 
TYR CE2 HE2  sing N N 363 
TYR CZ  OH   sing N N 364 
TYR OH  HH   sing N N 365 
TYR OXT HXT  sing N N 366 
VAL N   CA   sing N N 367 
VAL N   H    sing N N 368 
VAL N   H2   sing N N 369 
VAL CA  C    sing N N 370 
VAL CA  CB   sing N N 371 
VAL CA  HA   sing N N 372 
VAL C   O    doub N N 373 
VAL C   OXT  sing N N 374 
VAL CB  CG1  sing N N 375 
VAL CB  CG2  sing N N 376 
VAL CB  HB   sing N N 377 
VAL CG1 HG11 sing N N 378 
VAL CG1 HG12 sing N N 379 
VAL CG1 HG13 sing N N 380 
VAL CG2 HG21 sing N N 381 
VAL CG2 HG22 sing N N 382 
VAL CG2 HG23 sing N N 383 
VAL OXT HXT  sing N N 384 
# 
_atom_sites.entry_id                    4KXJ 
_atom_sites.fract_transf_matrix[1][1]   -0.00051330 
_atom_sites.fract_transf_matrix[1][2]   -0.00656086 
_atom_sites.fract_transf_matrix[1][3]   0.01251059 
_atom_sites.fract_transf_matrix[2][1]   0.00710552 
_atom_sites.fract_transf_matrix[2][2]   -0.01206359 
_atom_sites.fract_transf_matrix[2][3]   0.00195139 
_atom_sites.fract_transf_matrix[3][1]   0.01858301 
_atom_sites.fract_transf_matrix[3][2]   0.01209483 
_atom_sites.fract_transf_matrix[3][3]   0.00710527 
_atom_sites.fract_transf_vector[1]      1.282842 
_atom_sites.fract_transf_vector[2]      0.830672 
_atom_sites.fract_transf_vector[3]      0.061698 
# 
loop_
_atom_type.symbol 
C 
N 
O 
# 
loop_
_atom_site.group_PDB 
_atom_site.id 
_atom_site.type_symbol 
_atom_site.label_atom_id 
_atom_site.label_alt_id 
_atom_site.label_comp_id 
_atom_site.label_asym_id 
_atom_site.label_entity_id 
_atom_site.label_seq_id 
_atom_site.pdbx_PDB_ins_code 
_atom_site.Cartn_x 
_atom_site.Cartn_y 
_atom_site.Cartn_z 
_atom_site.occupancy 
_atom_site.B_iso_or_equiv 
_atom_site.pdbx_formal_charge 
_atom_site.auth_seq_id 
_atom_site.auth_comp_id 
_atom_site.auth_asym_id 
_atom_site.auth_atom_id 
_atom_site.pdbx_PDB_model_num 
ATOM   1    N N   . GLU A 1 1   ? -7.276  4.086   -13.190 1.00 88.98  ? 56  GLU A N   1 
ATOM   2    C CA  . GLU A 1 1   ? -6.215  5.121   -13.267 1.00 82.48  ? 56  GLU A CA  1 
ATOM   3    C C   . GLU A 1 1   ? -6.571  6.353   -12.438 1.00 78.26  ? 56  GLU A C   1 
ATOM   4    O O   . GLU A 1 1   ? -7.414  6.325   -11.529 1.00 59.68  ? 56  GLU A O   1 
ATOM   5    C CB  . GLU A 1 1   ? -5.986  5.546   -14.733 1.00 77.36  ? 56  GLU A CB  1 
ATOM   6    C CG  . GLU A 1 1   ? -7.008  6.571   -15.270 1.00 64.38  ? 56  GLU A CG  1 
ATOM   7    C CD  . GLU A 1 1   ? -6.471  7.419   -16.422 1.00 63.43  ? 56  GLU A CD  1 
ATOM   8    O OE1 . GLU A 1 1   ? -7.174  8.369   -16.831 1.00 63.95  ? 56  GLU A OE1 1 
ATOM   9    O OE2 . GLU A 1 1   ? -5.356  7.143   -16.918 1.00 59.46  ? 56  GLU A OE2 1 
ATOM   10   N N   . PHE A 1 2   ? -5.913  7.443   -12.803 1.00 86.46  ? 57  PHE A N   1 
ATOM   11   C CA  . PHE A 1 2   ? -6.070  8.736   -12.164 1.00 78.95  ? 57  PHE A CA  1 
ATOM   12   C C   . PHE A 1 2   ? -6.106  9.853   -13.213 1.00 59.64  ? 57  PHE A C   1 
ATOM   13   O O   . PHE A 1 2   ? -5.581  9.701   -14.317 1.00 56.15  ? 57  PHE A O   1 
ATOM   14   C CB  . PHE A 1 2   ? -4.836  8.979   -11.319 1.00 69.66  ? 57  PHE A CB  1 
ATOM   15   C CG  . PHE A 1 2   ? -3.566  8.915   -12.128 1.00 73.47  ? 57  PHE A CG  1 
ATOM   16   C CD1 . PHE A 1 2   ? -3.131  10.031  -12.841 1.00 69.92  ? 57  PHE A CD1 1 
ATOM   17   C CD2 . PHE A 1 2   ? -2.819  7.741   -12.200 1.00 66.07  ? 57  PHE A CD2 1 
ATOM   18   C CE1 . PHE A 1 2   ? -1.983  9.989   -13.614 1.00 53.16  ? 57  PHE A CE1 1 
ATOM   19   C CE2 . PHE A 1 2   ? -1.660  7.684   -12.978 1.00 56.18  ? 57  PHE A CE2 1 
ATOM   20   C CZ  . PHE A 1 2   ? -1.243  8.814   -13.688 1.00 53.47  ? 57  PHE A CZ  1 
ATOM   21   N N   . ASN A 1 3   ? -6.720  10.972  -12.835 1.00 56.40  ? 58  ASN A N   1 
ATOM   22   C CA  . ASN A 1 3   ? -6.724  12.184  -13.641 1.00 44.11  ? 58  ASN A CA  1 
ATOM   23   C C   . ASN A 1 3   ? -6.160  13.359  -12.780 1.00 36.62  ? 58  ASN A C   1 
ATOM   24   O O   . ASN A 1 3   ? -6.325  14.529  -13.107 1.00 34.79  ? 58  ASN A O   1 
ATOM   25   C CB  . ASN A 1 3   ? -8.076  12.499  -14.170 1.00 41.53  ? 58  ASN A CB  1 
ATOM   26   C CG  . ASN A 1 3   ? -9.028  12.869  -13.073 1.00 51.54  ? 58  ASN A CG  1 
ATOM   27   O OD1 . ASN A 1 3   ? -8.862  12.455  -11.925 1.00 56.13  ? 58  ASN A OD1 1 
ATOM   28   N ND2 . ASN A 1 3   ? -10.042 13.646  -13.416 1.00 53.97  ? 58  ASN A ND2 1 
ATOM   29   N N   . VAL A 1 4   ? -5.603  12.997  -11.626 1.00 41.77  ? 59  VAL A N   1 
ATOM   30   C CA  . VAL A 1 4   ? -4.810  13.922  -10.807 1.00 31.91  ? 59  VAL A CA  1 
ATOM   31   C C   . VAL A 1 4   ? -3.601  13.020  -10.497 1.00 25.54  ? 59  VAL A C   1 
ATOM   32   O O   . VAL A 1 4   ? -3.767  11.882  -10.057 1.00 32.34  ? 59  VAL A O   1 
ATOM   33   C CB  . VAL A 1 4   ? -5.423  14.351  -9.474  1.00 29.15  ? 59  VAL A CB  1 
ATOM   34   C CG1 . VAL A 1 4   ? -4.344  14.958  -8.578  1.00 28.14  ? 59  VAL A CG1 1 
ATOM   35   C CG2 . VAL A 1 4   ? -6.528  15.359  -9.701  1.00 26.88  ? 59  VAL A CG2 1 
ATOM   36   N N   . VAL A 1 5   ? -2.402  13.533  -10.721 1.00 23.95  ? 60  VAL A N   1 
ATOM   37   C CA  . VAL A 1 5   ? -1.194  12.770  -10.484 1.00 26.95  ? 60  VAL A CA  1 
ATOM   38   C C   . VAL A 1 5   ? -1.028  12.381  -9.026  1.00 25.78  ? 60  VAL A C   1 
ATOM   39   O O   . VAL A 1 5   ? -0.990  13.238  -8.131  1.00 21.42  ? 60  VAL A O   1 
ATOM   40   C CB  . VAL A 1 5   ? 0.050   13.577  -10.947 1.00 22.24  ? 60  VAL A CB  1 
ATOM   41   C CG1 . VAL A 1 5   ? 1.302   12.806  -10.676 1.00 17.86  ? 60  VAL A CG1 1 
ATOM   42   C CG2 . VAL A 1 5   ? -0.069  13.917  -12.426 1.00 20.88  ? 60  VAL A CG2 1 
ATOM   43   N N   . PRO A 1 6   ? -0.916  11.080  -8.772  1.00 32.41  ? 61  PRO A N   1 
ATOM   44   C CA  . PRO A 1 6   ? -0.763  10.525  -7.435  1.00 24.82  ? 61  PRO A CA  1 
ATOM   45   C C   . PRO A 1 6   ? 0.656   10.708  -6.936  1.00 23.49  ? 61  PRO A C   1 
ATOM   46   O O   . PRO A 1 6   ? 1.547   11.027  -7.717  1.00 21.98  ? 61  PRO A O   1 
ATOM   47   C CB  . PRO A 1 6   ? -0.959  9.016   -7.670  1.00 28.91  ? 61  PRO A CB  1 
ATOM   48   C CG  . PRO A 1 6   ? -0.377  8.796   -9.034  1.00 30.54  ? 61  PRO A CG  1 
ATOM   49   C CD  . PRO A 1 6   ? -0.764  10.040  -9.817  1.00 32.10  ? 61  PRO A CD  1 
ATOM   50   N N   . TYR A 1 7   ? 0.802   10.553  -5.619  1.00 26.49  ? 62  TYR A N   1 
ATOM   51   C CA  . TYR A 1 7   ? 2.137   10.365  -5.065  1.00 23.77  ? 62  TYR A CA  1 
ATOM   52   C C   . TYR A 1 7   ? 2.404   8.911   -5.568  1.00 21.33  ? 62  TYR A C   1 
ATOM   53   O O   . TYR A 1 7   ? 1.496   8.085   -5.586  1.00 20.47  ? 62  TYR A O   1 
ATOM   54   C CB  . TYR A 1 7   ? 2.087   10.392  -3.541  1.00 23.24  ? 62  TYR A CB  1 
ATOM   55   C CG  . TYR A 1 7   ? 1.855   11.795  -3.025  1.00 24.70  ? 62  TYR A CG  1 
ATOM   56   C CD1 . TYR A 1 7   ? 0.565   12.299  -2.883  1.00 21.51  ? 62  TYR A CD1 1 
ATOM   57   C CD2 . TYR A 1 7   ? 2.928   12.626  -2.715  1.00 24.11  ? 62  TYR A CD2 1 
ATOM   58   C CE1 . TYR A 1 7   ? 0.351   13.585  -2.440  1.00 21.07  ? 62  TYR A CE1 1 
ATOM   59   C CE2 . TYR A 1 7   ? 2.729   13.925  -2.268  1.00 21.50  ? 62  TYR A CE2 1 
ATOM   60   C CZ  . TYR A 1 7   ? 1.435   14.399  -2.131  1.00 30.45  ? 62  TYR A CZ  1 
ATOM   61   O OH  . TYR A 1 7   ? 1.211   15.697  -1.703  1.00 31.16  ? 62  TYR A OH  1 
ATOM   62   N N   . TYR A 1 8   ? 3.616   8.628   -6.046  1.00 26.42  ? 63  TYR A N   1 
ATOM   63   C CA  . TYR A 1 8   ? 3.885   7.272   -6.522  1.00 33.66  ? 63  TYR A CA  1 
ATOM   64   C C   . TYR A 1 8   ? 4.551   6.413   -5.445  1.00 27.96  ? 63  TYR A C   1 
ATOM   65   O O   . TYR A 1 8   ? 5.477   6.866   -4.756  1.00 30.10  ? 63  TYR A O   1 
ATOM   66   C CB  . TYR A 1 8   ? 4.753   7.258   -7.818  1.00 39.62  ? 63  TYR A CB  1 
ATOM   67   C CG  . TYR A 1 8   ? 3.971   7.478   -9.108  1.00 37.83  ? 63  TYR A CG  1 
ATOM   68   C CD1 . TYR A 1 8   ? 3.786   8.768   -9.619  1.00 36.59  ? 63  TYR A CD1 1 
ATOM   69   C CD2 . TYR A 1 8   ? 3.398   6.408   -9.806  1.00 36.74  ? 63  TYR A CD2 1 
ATOM   70   C CE1 . TYR A 1 8   ? 3.058   9.003   -10.788 1.00 26.89  ? 63  TYR A CE1 1 
ATOM   71   C CE2 . TYR A 1 8   ? 2.655   6.629   -10.993 1.00 49.90  ? 63  TYR A CE2 1 
ATOM   72   C CZ  . TYR A 1 8   ? 2.490   7.941   -11.477 1.00 47.36  ? 63  TYR A CZ  1 
ATOM   73   O OH  . TYR A 1 8   ? 1.760   8.207   -12.628 1.00 36.03  ? 63  TYR A OH  1 
ATOM   74   N N   . SER A 1 9   ? 4.009   5.203   -5.274  1.00 27.41  ? 64  SER A N   1 
ATOM   75   C CA  . SER A 1 9   ? 4.521   4.174   -4.355  1.00 24.25  ? 64  SER A CA  1 
ATOM   76   C C   . SER A 1 9   ? 5.822   3.508   -4.865  1.00 24.13  ? 64  SER A C   1 
ATOM   77   O O   . SER A 1 9   ? 6.013   3.332   -6.066  1.00 23.45  ? 64  SER A O   1 
ATOM   78   C CB  . SER A 1 9   ? 3.482   3.038   -4.219  1.00 21.55  ? 64  SER A CB  1 
ATOM   79   O OG  . SER A 1 9   ? 3.924   2.001   -3.364  1.00 23.52  ? 64  SER A OG  1 
ATOM   80   N N   . TRP A 1 10  ? 6.713   3.139   -3.954  1.00 24.41  ? 65  TRP A N   1 
ATOM   81   C CA  . TRP A 1 10  ? 7.892   2.415   -4.396  1.00 21.73  ? 65  TRP A CA  1 
ATOM   82   C C   . TRP A 1 10  ? 7.525   1.000   -4.853  1.00 22.73  ? 65  TRP A C   1 
ATOM   83   O O   . TRP A 1 10  ? 8.338   0.337   -5.478  1.00 25.60  ? 65  TRP A O   1 
ATOM   84   C CB  . TRP A 1 10  ? 8.876   2.260   -3.231  1.00 23.87  ? 65  TRP A CB  1 
ATOM   85   C CG  . TRP A 1 10  ? 9.826   3.341   -3.221  1.00 30.35  ? 65  TRP A CG  1 
ATOM   86   C CD1 . TRP A 1 10  ? 9.924   4.351   -2.313  1.00 27.09  ? 65  TRP A CD1 1 
ATOM   87   C CD2 . TRP A 1 10  ? 10.831  3.567   -4.197  1.00 39.49  ? 65  TRP A CD2 1 
ATOM   88   N NE1 . TRP A 1 10  ? 10.943  5.203   -2.669  1.00 29.94  ? 65  TRP A NE1 1 
ATOM   89   C CE2 . TRP A 1 10  ? 11.518  4.739   -3.824  1.00 44.13  ? 65  TRP A CE2 1 
ATOM   90   C CE3 . TRP A 1 10  ? 11.225  2.888   -5.359  1.00 32.74  ? 65  TRP A CE3 1 
ATOM   91   C CZ2 . TRP A 1 10  ? 12.580  5.252   -4.572  1.00 40.38  ? 65  TRP A CZ2 1 
ATOM   92   C CZ3 . TRP A 1 10  ? 12.278  3.393   -6.099  1.00 30.57  ? 65  TRP A CZ3 1 
ATOM   93   C CH2 . TRP A 1 10  ? 12.944  4.565   -5.705  1.00 42.49  ? 65  TRP A CH2 1 
ATOM   94   N N   . PHE A 1 11  ? 6.287   0.575   -4.601  1.00 20.51  ? 66  PHE A N   1 
ATOM   95   C CA  . PHE A 1 11  ? 5.939   -0.828  -4.858  1.00 19.82  ? 66  PHE A CA  1 
ATOM   96   C C   . PHE A 1 11  ? 4.707   -1.058  -5.684  1.00 20.13  ? 66  PHE A C   1 
ATOM   97   O O   . PHE A 1 11  ? 3.907   -0.152  -5.889  1.00 19.24  ? 66  PHE A O   1 
ATOM   98   C CB  . PHE A 1 11  ? 5.712   -1.525  -3.486  1.00 17.97  ? 66  PHE A CB  1 
ATOM   99   C CG  . PHE A 1 11  ? 6.864   -1.403  -2.534  1.00 18.54  ? 66  PHE A CG  1 
ATOM   100  C CD1 . PHE A 1 11  ? 7.896   -2.329  -2.547  1.00 21.37  ? 66  PHE A CD1 1 
ATOM   101  C CD2 . PHE A 1 11  ? 6.929   -0.366  -1.635  1.00 18.07  ? 66  PHE A CD2 1 
ATOM   102  C CE1 . PHE A 1 11  ? 8.959   -2.230  -1.684  1.00 18.01  ? 66  PHE A CE1 1 
ATOM   103  C CE2 . PHE A 1 11  ? 7.999   -0.269  -0.769  1.00 18.71  ? 66  PHE A CE2 1 
ATOM   104  C CZ  . PHE A 1 11  ? 9.016   -1.215  -0.799  1.00 17.61  ? 66  PHE A CZ  1 
ATOM   105  N N   . SER A 1 12  ? 4.571   -2.269  -6.195  1.00 19.06  ? 67  SER A N   1 
ATOM   106  C CA  . SER A 1 12  ? 3.368   -2.588  -6.933  1.00 20.09  ? 67  SER A CA  1 
ATOM   107  C C   . SER A 1 12  ? 2.202   -2.678  -5.928  1.00 19.68  ? 67  SER A C   1 
ATOM   108  O O   . SER A 1 12  ? 2.396   -2.908  -4.735  1.00 18.77  ? 67  SER A O   1 
ATOM   109  C CB  . SER A 1 12  ? 3.534   -3.912  -7.669  1.00 21.89  ? 67  SER A CB  1 
ATOM   110  O OG  . SER A 1 12  ? 3.562   -5.017  -6.780  1.00 25.06  ? 67  SER A OG  1 
ATOM   111  N N   . GLY A 1 13  ? 0.995   -2.524  -6.460  1.00 20.99  ? 68  GLY A N   1 
ATOM   112  C CA  . GLY A 1 13  ? -0.202  -2.538  -5.652  1.00 19.87  ? 68  GLY A CA  1 
ATOM   113  C C   . GLY A 1 13  ? -0.710  -3.898  -5.238  1.00 23.12  ? 68  GLY A C   1 
ATOM   114  O O   . GLY A 1 13  ? -0.193  -4.936  -5.665  1.00 24.83  ? 68  GLY A O   1 
ATOM   115  N N   . ILE A 1 14  ? -1.675  -3.867  -4.313  1.00 23.08  ? 69  ILE A N   1 
ATOM   116  C CA  . ILE A 1 14  ? -2.420  -5.061  -3.873  1.00 25.95  ? 69  ILE A CA  1 
ATOM   117  C C   . ILE A 1 14  ? -3.901  -4.743  -4.198  1.00 28.16  ? 69  ILE A C   1 
ATOM   118  O O   . ILE A 1 14  ? -4.443  -3.718  -3.750  1.00 24.63  ? 69  ILE A O   1 
ATOM   119  C CB  . ILE A 1 14  ? -2.272  -5.348  -2.411  1.00 20.87  ? 69  ILE A CB  1 
ATOM   120  C CG1 . ILE A 1 14  ? -0.877  -5.908  -2.149  1.00 21.81  ? 69  ILE A CG1 1 
ATOM   121  C CG2 . ILE A 1 14  ? -3.329  -6.321  -1.984  1.00 21.68  ? 69  ILE A CG2 1 
ATOM   122  C CD1 . ILE A 1 14  ? -0.462  -5.912  -0.682  1.00 32.59  ? 69  ILE A CD1 1 
ATOM   123  N N   . THR A 1 15  ? -4.544  -5.662  -4.918  1.00 28.72  ? 70  THR A N   1 
ATOM   124  C CA  . THR A 1 15  ? -5.884  -5.451  -5.436  1.00 23.74  ? 70  THR A CA  1 
ATOM   125  C C   . THR A 1 15  ? -6.969  -6.352  -4.926  1.00 23.84  ? 70  THR A C   1 
ATOM   126  O O   . THR A 1 15  ? -6.857  -7.565  -5.013  1.00 26.62  ? 70  THR A O   1 
ATOM   127  C CB  . THR A 1 15  ? -5.837  -5.635  -6.964  1.00 27.03  ? 70  THR A CB  1 
ATOM   128  O OG1 . THR A 1 15  ? -4.871  -4.733  -7.524  1.00 30.90  ? 70  THR A OG1 1 
ATOM   129  C CG2 . THR A 1 15  ? -7.213  -5.400  -7.574  1.00 23.42  ? 70  THR A CG2 1 
ATOM   130  N N   . GLN A 1 16  ? -8.038  -5.774  -4.402  1.00 27.66  ? 71  GLN A N   1 
ATOM   131  C CA  . GLN A 1 16  ? -9.118  -6.613  -3.955  1.00 28.44  ? 71  GLN A CA  1 
ATOM   132  C C   . GLN A 1 16  ? -9.836  -7.277  -5.153  1.00 35.33  ? 71  GLN A C   1 
ATOM   133  O O   . GLN A 1 16  ? -9.999  -6.653  -6.217  1.00 30.02  ? 71  GLN A O   1 
ATOM   134  C CB  . GLN A 1 16  ? -10.139 -5.766  -3.176  1.00 23.17  ? 71  GLN A CB  1 
ATOM   135  C CG  . GLN A 1 16  ? -11.131 -6.612  -2.408  1.00 25.47  ? 71  GLN A CG  1 
ATOM   136  C CD  . GLN A 1 16  ? -12.233 -5.807  -1.748  1.00 25.92  ? 71  GLN A CD  1 
ATOM   137  O OE1 . GLN A 1 16  ? -12.162 -4.587  -1.617  1.00 24.10  ? 71  GLN A OE1 1 
ATOM   138  N NE2 . GLN A 1 16  ? -13.264 -6.502  -1.324  1.00 38.83  ? 71  GLN A NE2 1 
ATOM   139  N N   . PHE A 1 17  ? -10.186 -8.559  -4.993  1.00 35.30  ? 72  PHE A N   1 
ATOM   140  C CA  . PHE A 1 17  ? -11.010 -9.258  -5.991  1.00 28.49  ? 72  PHE A CA  1 
ATOM   141  C C   . PHE A 1 17  ? -12.295 -9.888  -5.413  1.00 35.16  ? 72  PHE A C   1 
ATOM   142  O O   . PHE A 1 17  ? -13.234 -10.168 -6.165  1.00 45.67  ? 72  PHE A O   1 
ATOM   143  C CB  . PHE A 1 17  ? -10.234 -10.252 -6.843  1.00 33.17  ? 72  PHE A CB  1 
ATOM   144  C CG  . PHE A 1 17  ? -9.653  -11.402 -6.095  1.00 41.46  ? 72  PHE A CG  1 
ATOM   145  C CD1 . PHE A 1 17  ? -10.401 -12.552 -5.871  1.00 34.70  ? 72  PHE A CD1 1 
ATOM   146  C CD2 . PHE A 1 17  ? -8.337  -11.356 -5.635  1.00 37.53  ? 72  PHE A CD2 1 
ATOM   147  C CE1 . PHE A 1 17  ? -9.845  -13.637 -5.210  1.00 34.91  ? 72  PHE A CE1 1 
ATOM   148  C CE2 . PHE A 1 17  ? -7.779  -12.445 -4.972  1.00 32.17  ? 72  PHE A CE2 1 
ATOM   149  C CZ  . PHE A 1 17  ? -8.538  -13.586 -4.764  1.00 31.11  ? 72  PHE A CZ  1 
ATOM   150  N N   . GLN A 1 18  ? -12.329 -10.099 -4.094  1.00 35.04  ? 73  GLN A N   1 
ATOM   151  C CA  . GLN A 1 18  ? -13.537 -10.580 -3.415  1.00 25.59  ? 73  GLN A CA  1 
ATOM   152  C C   . GLN A 1 18  ? -14.171 -9.468  -2.542  1.00 37.99  ? 73  GLN A C   1 
ATOM   153  O O   . GLN A 1 18  ? -13.593 -9.050  -1.530  1.00 38.89  ? 73  GLN A O   1 
ATOM   154  C CB  . GLN A 1 18  ? -13.240 -11.765 -2.498  1.00 30.69  ? 73  GLN A CB  1 
ATOM   155  C CG  . GLN A 1 18  ? -12.759 -13.038 -3.200  1.00 53.23  ? 73  GLN A CG  1 
ATOM   156  C CD  . GLN A 1 18  ? -12.663 -14.240 -2.246  1.00 52.80  ? 73  GLN A CD  1 
ATOM   157  O OE1 . GLN A 1 18  ? -12.017 -14.176 -1.192  1.00 48.50  ? 73  GLN A OE1 1 
ATOM   158  N NE2 . GLN A 1 18  ? -13.309 -15.337 -2.622  1.00 50.48  ? 73  GLN A NE2 1 
ATOM   159  N N   . LYS A 1 19  ? -15.374 -9.024  -2.900  1.00 34.78  ? 74  LYS A N   1 
ATOM   160  C CA  . LYS A 1 19  ? -16.025 -7.993  -2.103  1.00 34.42  ? 74  LYS A CA  1 
ATOM   161  C C   . LYS A 1 19  ? -16.278 -8.503  -0.674  1.00 38.90  ? 74  LYS A C   1 
ATOM   162  O O   . LYS A 1 19  ? -16.472 -9.689  -0.442  1.00 40.92  ? 74  LYS A O   1 
ATOM   163  C CB  . LYS A 1 19  ? -17.325 -7.533  -2.786  1.00 48.12  ? 74  LYS A CB  1 
ATOM   164  C CG  . LYS A 1 19  ? -17.798 -6.150  -2.318  1.00 50.55  ? 74  LYS A CG  1 
ATOM   165  C CD  . LYS A 1 19  ? -18.808 -5.544  -3.276  1.00 45.70  ? 74  LYS A CD  1 
ATOM   166  C CE  . LYS A 1 19  ? -18.113 -5.063  -4.544  1.00 52.75  ? 74  LYS A CE  1 
ATOM   167  N NZ  . LYS A 1 19  ? -19.009 -4.365  -5.523  1.00 70.95  ? 74  LYS A NZ  1 
ATOM   168  N N   . GLY A 1 20  ? -16.210 -7.592  0.288   1.00 43.39  ? 75  GLY A N   1 
ATOM   169  C CA  . GLY A 1 20  ? -16.425 -7.975  1.675   1.00 49.63  ? 75  GLY A CA  1 
ATOM   170  C C   . GLY A 1 20  ? -15.220 -8.439  2.486   1.00 42.72  ? 75  GLY A C   1 
ATOM   171  O O   . GLY A 1 20  ? -15.304 -8.497  3.718   1.00 42.44  ? 75  GLY A O   1 
ATOM   172  N N   . LYS A 1 21  ? -14.105 -8.783  1.837   1.00 41.90  ? 76  LYS A N   1 
ATOM   173  C CA  . LYS A 1 21  ? -12.927 -9.216  2.593   1.00 40.00  ? 76  LYS A CA  1 
ATOM   174  C C   . LYS A 1 21  ? -12.069 -8.016  3.005   1.00 39.26  ? 76  LYS A C   1 
ATOM   175  O O   . LYS A 1 21  ? -11.813 -7.115  2.214   1.00 34.30  ? 76  LYS A O   1 
ATOM   176  C CB  . LYS A 1 21  ? -12.126 -10.225 1.791   1.00 38.93  ? 76  LYS A CB  1 
ATOM   177  C CG  . LYS A 1 21  ? -12.870 -11.531 1.553   1.00 41.37  ? 76  LYS A CG  1 
ATOM   178  C CD  . LYS A 1 21  ? -12.232 -12.677 2.326   1.00 58.04  ? 76  LYS A CD  1 
ATOM   179  C CE  . LYS A 1 21  ? -12.726 -14.033 1.820   1.00 60.11  ? 76  LYS A CE  1 
ATOM   180  N NZ  . LYS A 1 21  ? -14.116 -14.332 2.271   1.00 72.36  ? 76  LYS A NZ  1 
ATOM   181  N N   . GLU A 1 22  ? -11.625 -8.006  4.255   1.00 41.09  ? 77  GLU A N   1 
ATOM   182  C CA  . GLU A 1 22  ? -10.880 -6.858  4.753   1.00 35.53  ? 77  GLU A CA  1 
ATOM   183  C C   . GLU A 1 22  ? -9.416  -6.852  4.368   1.00 33.08  ? 77  GLU A C   1 
ATOM   184  O O   . GLU A 1 22  ? -8.833  -7.893  4.057   1.00 29.17  ? 77  GLU A O   1 
ATOM   185  C CB  . GLU A 1 22  ? -11.010 -6.794  6.278   1.00 33.67  ? 77  GLU A CB  1 
ATOM   186  C CG  . GLU A 1 22  ? -12.421 -6.902  6.749   1.00 44.21  ? 77  GLU A CG  1 
ATOM   187  C CD  . GLU A 1 22  ? -13.237 -5.785  6.197   1.00 53.88  ? 77  GLU A CD  1 
ATOM   188  O OE1 . GLU A 1 22  ? -12.717 -4.653  6.253   1.00 58.80  ? 77  GLU A OE1 1 
ATOM   189  O OE2 . GLU A 1 22  ? -14.367 -6.036  5.716   1.00 62.07  ? 77  GLU A OE2 1 
ATOM   190  N N   . PHE A 1 23  ? -8.828  -5.660  4.377   1.00 27.20  ? 78  PHE A N   1 
ATOM   191  C CA  . PHE A 1 23  ? -7.418  -5.502  4.051   1.00 22.70  ? 78  PHE A CA  1 
ATOM   192  C C   . PHE A 1 23  ? -6.757  -5.432  5.405   1.00 24.84  ? 78  PHE A C   1 
ATOM   193  O O   . PHE A 1 23  ? -7.113  -4.605  6.237   1.00 27.38  ? 78  PHE A O   1 
ATOM   194  C CB  . PHE A 1 23  ? -7.176  -4.213  3.267   1.00 21.07  ? 78  PHE A CB  1 
ATOM   195  C CG  . PHE A 1 23  ? -5.747  -3.992  2.889   1.00 22.50  ? 78  PHE A CG  1 
ATOM   196  C CD1 . PHE A 1 23  ? -5.192  -4.649  1.806   1.00 21.51  ? 78  PHE A CD1 1 
ATOM   197  C CD2 . PHE A 1 23  ? -4.942  -3.156  3.637   1.00 22.72  ? 78  PHE A CD2 1 
ATOM   198  C CE1 . PHE A 1 23  ? -3.876  -4.466  1.485   1.00 22.59  ? 78  PHE A CE1 1 
ATOM   199  C CE2 . PHE A 1 23  ? -3.623  -2.976  3.320   1.00 18.82  ? 78  PHE A CE2 1 
ATOM   200  C CZ  . PHE A 1 23  ? -3.093  -3.622  2.248   1.00 19.70  ? 78  PHE A CZ  1 
ATOM   201  N N   . GLU A 1 24  ? -5.811  -6.323  5.650   1.00 32.66  ? 79  GLU A N   1 
ATOM   202  C CA  . GLU A 1 24  ? -5.157  -6.314  6.949   1.00 35.45  ? 79  GLU A CA  1 
ATOM   203  C C   . GLU A 1 24  ? -3.930  -7.175  6.964   1.00 21.13  ? 79  GLU A C   1 
ATOM   204  O O   . GLU A 1 24  ? -3.735  -8.037  6.105   1.00 23.56  ? 79  GLU A O   1 
ATOM   205  C CB  . GLU A 1 24  ? -6.094  -6.876  8.022   1.00 27.96  ? 79  GLU A CB  1 
ATOM   206  C CG  . GLU A 1 24  ? -6.508  -8.285  7.678   1.00 33.05  ? 79  GLU A CG  1 
ATOM   207  C CD  . GLU A 1 24  ? -7.583  -8.815  8.567   1.00 39.93  ? 79  GLU A CD  1 
ATOM   208  O OE1 . GLU A 1 24  ? -8.213  -7.996  9.284   1.00 40.67  ? 79  GLU A OE1 1 
ATOM   209  O OE2 . GLU A 1 24  ? -7.795  -10.052 8.525   1.00 39.56  ? 79  GLU A OE2 1 
ATOM   210  N N   . PHE A 1 25  ? -3.122  -6.932  7.981   1.00 20.20  ? 80  PHE A N   1 
ATOM   211  C CA  . PHE A 1 25  ? -1.924  -7.705  8.215   1.00 21.13  ? 80  PHE A CA  1 
ATOM   212  C C   . PHE A 1 25  ? -1.760  -7.983  9.716   1.00 19.49  ? 80  PHE A C   1 
ATOM   213  O O   . PHE A 1 25  ? -2.378  -7.332  10.559  1.00 21.80  ? 80  PHE A O   1 
ATOM   214  C CB  . PHE A 1 25  ? -0.704  -6.944  7.734   1.00 19.21  ? 80  PHE A CB  1 
ATOM   215  C CG  . PHE A 1 25  ? -0.569  -6.919  6.260   1.00 18.65  ? 80  PHE A CG  1 
ATOM   216  C CD1 . PHE A 1 25  ? -0.142  -8.038  5.571   1.00 20.93  ? 80  PHE A CD1 1 
ATOM   217  C CD2 . PHE A 1 25  ? -0.881  -5.790  5.551   1.00 18.46  ? 80  PHE A CD2 1 
ATOM   218  C CE1 . PHE A 1 25  ? -0.027  -8.020  4.201   1.00 22.05  ? 80  PHE A CE1 1 
ATOM   219  C CE2 . PHE A 1 25  ? -0.770  -5.767  4.191   1.00 18.55  ? 80  PHE A CE2 1 
ATOM   220  C CZ  . PHE A 1 25  ? -0.339  -6.879  3.513   1.00 21.28  ? 80  PHE A CZ  1 
ATOM   221  N N   . VAL A 1 26  ? -0.921  -8.956  10.041  1.00 20.24  ? 81  VAL A N   1 
ATOM   222  C CA  . VAL A 1 26  ? -0.652  -9.224  11.432  1.00 21.34  ? 81  VAL A CA  1 
ATOM   223  C C   . VAL A 1 26  ? 0.324   -8.115  11.862  1.00 18.37  ? 81  VAL A C   1 
ATOM   224  O O   . VAL A 1 26  ? 1.128   -7.676  11.053  1.00 17.16  ? 81  VAL A O   1 
ATOM   225  C CB  . VAL A 1 26  ? -0.017  -10.640 11.595  1.00 22.18  ? 81  VAL A CB  1 
ATOM   226  C CG1 . VAL A 1 26  ? 0.450   -10.852 13.025  1.00 17.49  ? 81  VAL A CG1 1 
ATOM   227  C CG2 . VAL A 1 26  ? -1.046  -11.704 11.184  1.00 16.92  ? 81  VAL A CG2 1 
ATOM   228  N N   . GLU A 1 27  ? 0.215   -7.613  13.096  1.00 20.05  ? 82  GLU A N   1 
ATOM   229  C CA  . GLU A 1 27  ? 1.143   -6.579  13.554  1.00 20.99  ? 82  GLU A CA  1 
ATOM   230  C C   . GLU A 1 27  ? 2.569   -7.083  13.295  1.00 20.68  ? 82  GLU A C   1 
ATOM   231  O O   . GLU A 1 27  ? 2.872   -8.250  13.519  1.00 21.73  ? 82  GLU A O   1 
ATOM   232  C CB  . GLU A 1 27  ? 0.949   -6.326  15.049  1.00 24.24  ? 82  GLU A CB  1 
ATOM   233  C CG  . GLU A 1 27  ? 1.601   -5.044  15.593  1.00 28.27  ? 82  GLU A CG  1 
ATOM   234  C CD  . GLU A 1 27  ? 1.147   -4.722  17.042  1.00 58.56  ? 82  GLU A CD  1 
ATOM   235  O OE1 . GLU A 1 27  ? 0.420   -5.564  17.639  1.00 41.65  ? 82  GLU A OE1 1 
ATOM   236  O OE2 . GLU A 1 27  ? 1.515   -3.638  17.579  1.00 40.69  ? 82  GLU A OE2 1 
ATOM   237  N N   . GLY A 1 28  ? 3.426   -6.203  12.785  1.00 25.31  ? 83  GLY A N   1 
ATOM   238  C CA  . GLY A 1 28  ? 4.799   -6.590  12.492  1.00 18.53  ? 83  GLY A CA  1 
ATOM   239  C C   . GLY A 1 28  ? 4.970   -7.005  11.050  1.00 17.17  ? 83  GLY A C   1 
ATOM   240  O O   . GLY A 1 28  ? 6.063   -6.978  10.528  1.00 23.56  ? 83  GLY A O   1 
ATOM   241  N N   . GLN A 1 29  ? 3.889   -7.403  10.398  1.00 16.71  ? 84  GLN A N   1 
ATOM   242  C CA  . GLN A 1 29  ? 3.961   -7.775  8.995   1.00 17.60  ? 84  GLN A CA  1 
ATOM   243  C C   . GLN A 1 29  ? 3.320   -6.725  8.050   1.00 16.72  ? 84  GLN A C   1 
ATOM   244  O O   . GLN A 1 29  ? 2.790   -5.704  8.477   1.00 16.52  ? 84  GLN A O   1 
ATOM   245  C CB  . GLN A 1 29  ? 3.272   -9.126  8.822   1.00 19.61  ? 84  GLN A CB  1 
ATOM   246  C CG  . GLN A 1 29  ? 3.688   -10.107 9.892   1.00 19.92  ? 84  GLN A CG  1 
ATOM   247  C CD  . GLN A 1 29  ? 3.078   -11.488 9.723   1.00 24.27  ? 84  GLN A CD  1 
ATOM   248  O OE1 . GLN A 1 29  ? 2.168   -11.702 8.921   1.00 37.06  ? 84  GLN A OE1 1 
ATOM   249  N NE2 . GLN A 1 29  ? 3.584   -12.435 10.488  1.00 29.88  ? 84  GLN A NE2 1 
ATOM   250  N N   . GLY A 1 30  ? 3.411   -6.974  6.751   1.00 17.57  ? 85  GLY A N   1 
ATOM   251  C CA  . GLY A 1 30  ? 2.787   -6.077  5.802   1.00 17.58  ? 85  GLY A CA  1 
ATOM   252  C C   . GLY A 1 30  ? 3.674   -5.011  5.214   1.00 16.66  ? 85  GLY A C   1 
ATOM   253  O O   . GLY A 1 30  ? 3.189   -4.190  4.468   1.00 17.60  ? 85  GLY A O   1 
ATOM   254  N N   . VAL A 1 31  ? 4.953   -4.970  5.566   1.00 16.29  ? 86  VAL A N   1 
ATOM   255  C CA  . VAL A 1 31  ? 5.852   -3.963  4.959   1.00 18.09  ? 86  VAL A CA  1 
ATOM   256  C C   . VAL A 1 31  ? 6.515   -4.733  3.836   1.00 19.23  ? 86  VAL A C   1 
ATOM   257  O O   . VAL A 1 31  ? 7.194   -5.727  4.089   1.00 21.56  ? 86  VAL A O   1 
ATOM   258  C CB  . VAL A 1 31  ? 6.889   -3.441  5.935   1.00 17.35  ? 86  VAL A CB  1 
ATOM   259  C CG1 . VAL A 1 31  ? 7.900   -2.622  5.171   1.00 17.24  ? 86  VAL A CG1 1 
ATOM   260  C CG2 . VAL A 1 31  ? 6.225   -2.606  7.013   1.00 17.00  ? 86  VAL A CG2 1 
ATOM   261  N N   . PRO A 1 32  ? 6.360   -4.254  2.580   1.00 19.07  ? 87  PRO A N   1 
ATOM   262  C CA  . PRO A 1 32  ? 6.970   -4.898  1.396   1.00 20.83  ? 87  PRO A CA  1 
ATOM   263  C C   . PRO A 1 32  ? 8.464   -4.873  1.351   1.00 22.35  ? 87  PRO A C   1 
ATOM   264  O O   . PRO A 1 32  ? 9.066   -3.922  1.819   1.00 18.36  ? 87  PRO A O   1 
ATOM   265  C CB  . PRO A 1 32  ? 6.238   -4.237  0.225   1.00 19.48  ? 87  PRO A CB  1 
ATOM   266  C CG  . PRO A 1 32  ? 5.811   -2.905  0.753   1.00 21.93  ? 87  PRO A CG  1 
ATOM   267  C CD  . PRO A 1 32  ? 5.529   -3.084  2.204   1.00 18.17  ? 87  PRO A CD  1 
ATOM   268  N N   . ILE A 1 33  ? 9.069   -5.910  0.779   1.00 21.69  ? 88  ILE A N   1 
ATOM   269  C CA  . ILE A 1 33  ? 10.509  -6.018  0.798   1.00 25.31  ? 88  ILE A CA  1 
ATOM   270  C C   . ILE A 1 33  ? 11.205  -5.144  -0.202  1.00 27.11  ? 88  ILE A C   1 
ATOM   271  O O   . ILE A 1 33  ? 10.836  -5.062  -1.376  1.00 22.84  ? 88  ILE A O   1 
ATOM   272  C CB  . ILE A 1 33  ? 10.961  -7.498  0.592   1.00 27.88  ? 88  ILE A CB  1 
ATOM   273  C CG1 . ILE A 1 33  ? 10.590  -8.356  1.801   1.00 29.34  ? 88  ILE A CG1 1 
ATOM   274  C CG2 . ILE A 1 33  ? 12.450  -7.581  0.453   1.00 23.78  ? 88  ILE A CG2 1 
ATOM   275  C CD1 . ILE A 1 33  ? 9.140   -8.387  2.098   1.00 32.59  ? 88  ILE A CD1 1 
ATOM   276  N N   . ALA A 1 34  ? 12.190  -4.431  0.301   1.00 24.16  ? 89  ALA A N   1 
ATOM   277  C CA  . ALA A 1 34  ? 12.985  -3.624  -0.553  1.00 25.97  ? 89  ALA A CA  1 
ATOM   278  C C   . ALA A 1 34  ? 14.437  -3.944  -0.274  1.00 30.06  ? 89  ALA A C   1 
ATOM   279  O O   . ALA A 1 34  ? 14.893  -3.959  0.879   1.00 22.61  ? 89  ALA A O   1 
ATOM   280  C CB  . ALA A 1 34  ? 12.739  -2.196  -0.304  1.00 38.14  ? 89  ALA A CB  1 
ATOM   281  N N   . PRO A 1 35  ? 15.177  -4.244  -1.336  1.00 33.61  ? 90  PRO A N   1 
ATOM   282  C CA  . PRO A 1 35  ? 16.585  -4.567  -1.205  1.00 33.40  ? 90  PRO A CA  1 
ATOM   283  C C   . PRO A 1 35  ? 17.348  -3.497  -0.406  1.00 27.86  ? 90  PRO A C   1 
ATOM   284  O O   . PRO A 1 35  ? 17.372  -2.335  -0.804  1.00 27.81  ? 90  PRO A O   1 
ATOM   285  C CB  . PRO A 1 35  ? 17.095  -4.596  -2.664  1.00 28.20  ? 90  PRO A CB  1 
ATOM   286  C CG  . PRO A 1 35  ? 15.962  -4.042  -3.513  1.00 41.77  ? 90  PRO A CG  1 
ATOM   287  C CD  . PRO A 1 35  ? 14.708  -4.311  -2.736  1.00 35.96  ? 90  PRO A CD  1 
ATOM   288  N N   . GLY A 1 36  ? 17.901  -3.888  0.742   1.00 33.44  ? 91  GLY A N   1 
ATOM   289  C CA  . GLY A 1 36  ? 18.781  -3.002  1.481   1.00 27.29  ? 91  GLY A CA  1 
ATOM   290  C C   . GLY A 1 36  ? 18.189  -2.063  2.478   1.00 29.98  ? 91  GLY A C   1 
ATOM   291  O O   . GLY A 1 36  ? 18.916  -1.327  3.153   1.00 36.92  ? 91  GLY A O   1 
ATOM   292  N N   . VAL A 1 37  ? 16.864  -2.050  2.563   1.00 30.90  ? 92  VAL A N   1 
ATOM   293  C CA  . VAL A 1 37  ? 16.218  -1.211  3.560   1.00 31.73  ? 92  VAL A CA  1 
ATOM   294  C C   . VAL A 1 37  ? 16.321  -1.917  4.924   1.00 33.21  ? 92  VAL A C   1 
ATOM   295  O O   . VAL A 1 37  ? 16.104  -3.128  5.047   1.00 36.93  ? 92  VAL A O   1 
ATOM   296  C CB  . VAL A 1 37  ? 14.733  -0.973  3.211   1.00 30.69  ? 92  VAL A CB  1 
ATOM   297  C CG1 . VAL A 1 37  ? 14.117  -0.006  4.178   1.00 29.13  ? 92  VAL A CG1 1 
ATOM   298  C CG2 . VAL A 1 37  ? 14.627  -0.414  1.821   1.00 31.55  ? 92  VAL A CG2 1 
ATOM   299  N N   . PRO A 1 38  ? 16.708  -1.170  5.964   1.00 28.87  ? 93  PRO A N   1 
ATOM   300  C CA  . PRO A 1 38  ? 16.823  -1.797  7.282   1.00 31.06  ? 93  PRO A CA  1 
ATOM   301  C C   . PRO A 1 38  ? 15.450  -1.889  7.933   1.00 33.48  ? 93  PRO A C   1 
ATOM   302  O O   . PRO A 1 38  ? 14.590  -1.045  7.700   1.00 29.79  ? 93  PRO A O   1 
ATOM   303  C CB  . PRO A 1 38  ? 17.744  -0.863  8.061   1.00 31.71  ? 93  PRO A CB  1 
ATOM   304  C CG  . PRO A 1 38  ? 18.206  0.169   7.073   1.00 32.39  ? 93  PRO A CG  1 
ATOM   305  C CD  . PRO A 1 38  ? 17.203  0.218   5.989   1.00 27.95  ? 93  PRO A CD  1 
ATOM   306  N N   . ALA A 1 39  ? 15.261  -2.898  8.775   1.00 32.00  ? 94  ALA A N   1 
ATOM   307  C CA  . ALA A 1 39  ? 14.001  -3.108  9.461   1.00 23.84  ? 94  ALA A CA  1 
ATOM   308  C C   . ALA A 1 39  ? 13.588  -1.907  10.292  1.00 23.74  ? 94  ALA A C   1 
ATOM   309  O O   . ALA A 1 39  ? 12.415  -1.766  10.625  1.00 25.40  ? 94  ALA A O   1 
ATOM   310  C CB  . ALA A 1 39  ? 14.079  -4.344  10.301  1.00 35.90  ? 94  ALA A CB  1 
ATOM   311  N N   . THR A 1 40  ? 14.536  -1.055  10.667  1.00 26.49  ? 95  THR A N   1 
ATOM   312  C CA  . THR A 1 40  ? 14.162  0.162   11.392  1.00 30.71  ? 95  THR A CA  1 
ATOM   313  C C   . THR A 1 40  ? 13.421  1.162   10.471  1.00 29.62  ? 95  THR A C   1 
ATOM   314  O O   . THR A 1 40  ? 12.661  1.996   10.952  1.00 27.75  ? 95  THR A O   1 
ATOM   315  C CB  . THR A 1 40  ? 15.379  0.820   12.060  1.00 31.64  ? 95  THR A CB  1 
ATOM   316  O OG1 . THR A 1 40  ? 16.433  0.996   11.106  1.00 34.23  ? 95  THR A OG1 1 
ATOM   317  C CG2 . THR A 1 40  ? 15.873  -0.066  13.202  1.00 37.06  ? 95  THR A CG2 1 
ATOM   318  N N   . GLU A 1 41  ? 13.630  1.070   9.154   1.00 29.63  ? 96  GLU A N   1 
ATOM   319  C CA  . GLU A 1 41  ? 12.887  1.916   8.219   1.00 28.69  ? 96  GLU A CA  1 
ATOM   320  C C   . GLU A 1 41  ? 11.641  1.207   7.685   1.00 27.55  ? 96  GLU A C   1 
ATOM   321  O O   . GLU A 1 41  ? 10.879  1.793   6.929   1.00 26.15  ? 96  GLU A O   1 
ATOM   322  C CB  . GLU A 1 41  ? 13.723  2.315   7.017   1.00 30.52  ? 96  GLU A CB  1 
ATOM   323  C CG  . GLU A 1 41  ? 14.938  3.129   7.343   1.00 32.20  ? 96  GLU A CG  1 
ATOM   324  C CD  . GLU A 1 41  ? 14.779  3.943   8.602   1.00 40.33  ? 96  GLU A CD  1 
ATOM   325  O OE1 . GLU A 1 41  ? 14.210  5.061   8.516   1.00 38.40  ? 96  GLU A OE1 1 
ATOM   326  O OE2 . GLU A 1 41  ? 15.222  3.445   9.669   1.00 43.06  ? 96  GLU A OE2 1 
ATOM   327  N N   . ALA A 1 42  ? 11.443  -0.051  8.049   1.00 25.01  ? 97  ALA A N   1 
ATOM   328  C CA  . ALA A 1 42  ? 10.274  -0.769  7.578   1.00 21.17  ? 97  ALA A CA  1 
ATOM   329  C C   . ALA A 1 42  ? 9.026   -0.306  8.365   1.00 21.80  ? 97  ALA A C   1 
ATOM   330  O O   . ALA A 1 42  ? 8.572   -0.995  9.284   1.00 22.18  ? 97  ALA A O   1 
ATOM   331  C CB  . ALA A 1 42  ? 10.506  -2.271  7.735   1.00 19.82  ? 97  ALA A CB  1 
ATOM   332  N N   . LYS A 1 43  ? 8.481   0.858   8.005   1.00 21.65  ? 98  LYS A N   1 
ATOM   333  C CA  . LYS A 1 43  ? 7.301   1.409   8.687   1.00 19.35  ? 98  LYS A CA  1 
ATOM   334  C C   . LYS A 1 43  ? 6.532   2.325   7.762   1.00 20.87  ? 98  LYS A C   1 
ATOM   335  O O   . LYS A 1 43  ? 7.138   3.069   6.991   1.00 23.03  ? 98  LYS A O   1 
ATOM   336  C CB  . LYS A 1 43  ? 7.732   2.258   9.890   1.00 17.97  ? 98  LYS A CB  1 
ATOM   337  C CG  . LYS A 1 43  ? 8.755   3.303   9.514   1.00 19.65  ? 98  LYS A CG  1 
ATOM   338  C CD  . LYS A 1 43  ? 9.408   3.987   10.716  1.00 21.98  ? 98  LYS A CD  1 
ATOM   339  C CE  . LYS A 1 43  ? 10.659  4.728   10.236  1.00 26.08  ? 98  LYS A CE  1 
ATOM   340  N NZ  . LYS A 1 43  ? 11.349  5.543   11.265  1.00 32.80  ? 98  LYS A NZ  1 
ATOM   341  N N   . GLY A 1 44  ? 5.209   2.264   7.839   1.00 17.50  ? 99  GLY A N   1 
ATOM   342  C CA  . GLY A 1 44  ? 4.403   3.164   7.043   1.00 16.96  ? 99  GLY A CA  1 
ATOM   343  C C   . GLY A 1 44  ? 2.974   2.728   6.928   1.00 16.59  ? 99  GLY A C   1 
ATOM   344  O O   . GLY A 1 44  ? 2.393   2.257   7.897   1.00 16.35  ? 99  GLY A O   1 
ATOM   345  N N   . TYR A 1 45  ? 2.425   2.851   5.722   1.00 19.82  ? 100 TYR A N   1 
ATOM   346  C CA  . TYR A 1 45  ? 1.037   2.496   5.478   1.00 18.98  ? 100 TYR A CA  1 
ATOM   347  C C   . TYR A 1 45  ? 0.677   2.165   4.034   1.00 20.41  ? 100 TYR A C   1 
ATOM   348  O O   . TYR A 1 45  ? 1.359   2.543   3.086   1.00 20.07  ? 100 TYR A O   1 
ATOM   349  C CB  . TYR A 1 45  ? 0.120   3.660   5.922   1.00 18.71  ? 100 TYR A CB  1 
ATOM   350  C CG  . TYR A 1 45  ? 0.314   4.928   5.135   1.00 22.62  ? 100 TYR A CG  1 
ATOM   351  C CD1 . TYR A 1 45  ? 1.302   5.833   5.482   1.00 23.61  ? 100 TYR A CD1 1 
ATOM   352  C CD2 . TYR A 1 45  ? -0.491  5.222   4.035   1.00 19.96  ? 100 TYR A CD2 1 
ATOM   353  C CE1 . TYR A 1 45  ? 1.490   6.994   4.765   1.00 22.23  ? 100 TYR A CE1 1 
ATOM   354  C CE2 . TYR A 1 45  ? -0.305  6.379   3.312   1.00 21.30  ? 100 TYR A CE2 1 
ATOM   355  C CZ  . TYR A 1 45  ? 0.689   7.264   3.680   1.00 23.20  ? 100 TYR A CZ  1 
ATOM   356  O OH  . TYR A 1 45  ? 0.919   8.415   2.959   1.00 21.28  ? 100 TYR A OH  1 
ATOM   357  N N   . TRP A 1 46  ? -0.396  1.400   3.931   1.00 20.87  ? 101 TRP A N   1 
ATOM   358  C CA  . TRP A 1 46  ? -1.010  1.012   2.685   1.00 18.17  ? 101 TRP A CA  1 
ATOM   359  C C   . TRP A 1 46  ? -2.166  2.024   2.486   1.00 28.58  ? 101 TRP A C   1 
ATOM   360  O O   . TRP A 1 46  ? -2.842  2.441   3.440   1.00 21.91  ? 101 TRP A O   1 
ATOM   361  C CB  . TRP A 1 46  ? -1.531  -0.400  2.789   1.00 17.23  ? 101 TRP A CB  1 
ATOM   362  C CG  . TRP A 1 46  ? -0.457  -1.401  2.680   1.00 18.64  ? 101 TRP A CG  1 
ATOM   363  C CD1 . TRP A 1 46  ? 0.162   -2.026  3.705   1.00 18.23  ? 101 TRP A CD1 1 
ATOM   364  C CD2 . TRP A 1 46  ? 0.144   -1.897  1.478   1.00 21.02  ? 101 TRP A CD2 1 
ATOM   365  N NE1 . TRP A 1 46  ? 1.109   -2.892  3.230   1.00 16.76  ? 101 TRP A NE1 1 
ATOM   366  C CE2 . TRP A 1 46  ? 1.122   -2.833  1.862   1.00 23.46  ? 101 TRP A CE2 1 
ATOM   367  C CE3 . TRP A 1 46  ? -0.048  -1.646  0.116   1.00 19.46  ? 101 TRP A CE3 1 
ATOM   368  C CZ2 . TRP A 1 46  ? 1.916   -3.532  0.926   1.00 17.94  ? 101 TRP A CZ2 1 
ATOM   369  C CZ3 . TRP A 1 46  ? 0.750   -2.342  -0.819  1.00 24.00  ? 101 TRP A CZ3 1 
ATOM   370  C CH2 . TRP A 1 46  ? 1.714   -3.268  -0.403  1.00 16.60  ? 101 TRP A CH2 1 
ATOM   371  N N   . TYR A 1 47  ? -2.413  2.403   1.241   1.00 22.63  ? 102 TYR A N   1 
ATOM   372  C CA  . TYR A 1 47  ? -3.414  3.434   1.012   1.00 20.38  ? 102 TYR A CA  1 
ATOM   373  C C   . TYR A 1 47  ? -4.385  3.048   -0.092  1.00 20.68  ? 102 TYR A C   1 
ATOM   374  O O   . TYR A 1 47  ? -3.992  2.654   -1.192  1.00 22.47  ? 102 TYR A O   1 
ATOM   375  C CB  . TYR A 1 47  ? -2.679  4.741   0.750   1.00 20.45  ? 102 TYR A CB  1 
ATOM   376  C CG  . TYR A 1 47  ? -3.559  5.735   0.095   1.00 23.71  ? 102 TYR A CG  1 
ATOM   377  C CD1 . TYR A 1 47  ? -4.250  6.693   0.835   1.00 20.81  ? 102 TYR A CD1 1 
ATOM   378  C CD2 . TYR A 1 47  ? -3.720  5.714   -1.286  1.00 26.09  ? 102 TYR A CD2 1 
ATOM   379  C CE1 . TYR A 1 47  ? -5.076  7.597   0.206   1.00 23.61  ? 102 TYR A CE1 1 
ATOM   380  C CE2 . TYR A 1 47  ? -4.536  6.595   -1.909  1.00 31.31  ? 102 TYR A CE2 1 
ATOM   381  C CZ  . TYR A 1 47  ? -5.213  7.537   -1.170  1.00 25.87  ? 102 TYR A CZ  1 
ATOM   382  O OH  . TYR A 1 47  ? -6.012  8.416   -1.846  1.00 34.09  ? 102 TYR A OH  1 
ATOM   383  N N   . ARG A 1 48  ? -5.668  3.186   0.217   1.00 19.15  ? 103 ARG A N   1 
ATOM   384  C CA  . ARG A 1 48  ? -6.681  2.694   -0.686  1.00 18.82  ? 103 ARG A CA  1 
ATOM   385  C C   . ARG A 1 48  ? -7.046  3.647   -1.816  1.00 18.71  ? 103 ARG A C   1 
ATOM   386  O O   . ARG A 1 48  ? -7.339  4.832   -1.609  1.00 17.50  ? 103 ARG A O   1 
ATOM   387  C CB  . ARG A 1 48  ? -7.910  2.258   0.165   1.00 17.51  ? 103 ARG A CB  1 
ATOM   388  C CG  . ARG A 1 48  ? -8.964  1.537   -0.656  1.00 18.91  ? 103 ARG A CG  1 
ATOM   389  C CD  . ARG A 1 48  ? -10.279 1.388   0.068   1.00 21.56  ? 103 ARG A CD  1 
ATOM   390  N NE  . ARG A 1 48  ? -10.631 2.575   0.844   1.00 26.66  ? 103 ARG A NE  1 
ATOM   391  C CZ  . ARG A 1 48  ? -11.428 2.551   1.910   1.00 25.97  ? 103 ARG A CZ  1 
ATOM   392  N NH1 . ARG A 1 48  ? -11.948 1.404   2.331   1.00 24.26  ? 103 ARG A NH1 1 
ATOM   393  N NH2 . ARG A 1 48  ? -11.678 3.665   2.592   1.00 24.78  ? 103 ARG A NH2 1 
ATOM   394  N N   . HIS A 1 49  ? -6.923  3.130   -3.031  1.00 19.35  ? 104 HIS A N   1 
ATOM   395  C CA  . HIS A 1 49  ? -7.274  3.852   -4.245  1.00 26.47  ? 104 HIS A CA  1 
ATOM   396  C C   . HIS A 1 49  ? -8.621  3.274   -4.625  1.00 27.58  ? 104 HIS A C   1 
ATOM   397  O O   . HIS A 1 49  ? -8.694  2.102   -5.021  1.00 21.79  ? 104 HIS A O   1 
ATOM   398  C CB  . HIS A 1 49  ? -6.255  3.563   -5.348  1.00 25.68  ? 104 HIS A CB  1 
ATOM   399  C CG  . HIS A 1 49  ? -6.702  3.941   -6.728  1.00 30.88  ? 104 HIS A CG  1 
ATOM   400  N ND1 . HIS A 1 49  ? -5.996  3.578   -7.859  1.00 33.25  ? 104 HIS A ND1 1 
ATOM   401  C CD2 . HIS A 1 49  ? -7.765  4.658   -7.170  1.00 30.22  ? 104 HIS A CD2 1 
ATOM   402  C CE1 . HIS A 1 49  ? -6.601  4.056   -8.934  1.00 29.17  ? 104 HIS A CE1 1 
ATOM   403  N NE2 . HIS A 1 49  ? -7.677  4.716   -8.545  1.00 30.42  ? 104 HIS A NE2 1 
ATOM   404  N N   . ASN A 1 50  ? -9.676  4.085   -4.470  1.00 25.12  ? 105 ASN A N   1 
ATOM   405  C CA  . ASN A 1 50  ? -11.048 3.666   -4.829  1.00 22.94  ? 105 ASN A CA  1 
ATOM   406  C C   . ASN A 1 50  ? -11.121 3.923   -6.325  1.00 22.48  ? 105 ASN A C   1 
ATOM   407  O O   . ASN A 1 50  ? -10.722 4.985   -6.790  1.00 26.69  ? 105 ASN A O   1 
ATOM   408  C CB  . ASN A 1 50  ? -12.097 4.403   -4.002  1.00 17.88  ? 105 ASN A CB  1 
ATOM   409  C CG  . ASN A 1 50  ? -12.124 3.912   -2.527  1.00 26.07  ? 105 ASN A CG  1 
ATOM   410  O OD1 . ASN A 1 50  ? -12.141 2.698   -2.252  1.00 24.40  ? 105 ASN A OD1 1 
ATOM   411  N ND2 . ASN A 1 50  ? -12.135 4.860   -1.583  1.00 22.90  ? 105 ASN A ND2 1 
ATOM   412  N N   . ARG A 1 51  ? -11.636 2.947   -7.077  1.00 26.03  ? 106 ARG A N   1 
ATOM   413  C CA  . ARG A 1 51  ? -11.516 3.052   -8.531  1.00 31.59  ? 106 ARG A CA  1 
ATOM   414  C C   . ARG A 1 51  ? -12.685 3.386   -9.425  1.00 31.90  ? 106 ARG A C   1 
ATOM   415  O O   . ARG A 1 51  ? -12.534 4.185   -10.346 1.00 37.45  ? 106 ARG A O   1 
ATOM   416  C CB  . ARG A 1 51  ? -10.769 1.784   -9.038  1.00 28.52  ? 106 ARG A CB  1 
ATOM   417  C CG  . ARG A 1 51  ? -9.311  1.755   -8.587  1.00 24.53  ? 106 ARG A CG  1 
ATOM   418  C CD  . ARG A 1 51  ? -8.418  0.746   -9.341  1.00 31.34  ? 106 ARG A CD  1 
ATOM   419  N NE  . ARG A 1 51  ? -8.720  -0.678  -9.160  1.00 25.19  ? 106 ARG A NE  1 
ATOM   420  C CZ  . ARG A 1 51  ? -8.488  -1.593  -10.108 1.00 35.74  ? 106 ARG A CZ  1 
ATOM   421  N NH1 . ARG A 1 51  ? -8.779  -2.873  -9.904  1.00 33.54  ? 106 ARG A NH1 1 
ATOM   422  N NH2 . ARG A 1 51  ? -7.964  -1.227  -11.280 1.00 27.44  ? 106 ARG A NH2 1 
ATOM   423  N N   . ARG A 1 52  ? -13.868 2.849   -9.170  1.00 33.53  ? 107 ARG A N   1 
ATOM   424  C CA  . ARG A 1 52  ? -15.051 3.172   -10.014 1.00 65.62  ? 107 ARG A CA  1 
ATOM   425  C C   . ARG A 1 52  ? -14.882 3.088   -11.552 1.00 55.16  ? 107 ARG A C   1 
ATOM   426  O O   . ARG A 1 52  ? -13.880 3.525   -12.143 1.00 46.99  ? 107 ARG A O   1 
ATOM   427  C CB  . ARG A 1 52  ? -15.669 4.559   -9.650  1.00 52.48  ? 107 ARG A CB  1 
ATOM   428  C CG  . ARG A 1 52  ? -15.593 5.652   -10.743 1.00 51.51  ? 107 ARG A CG  1 
ATOM   429  C CD  . ARG A 1 52  ? -16.684 6.754   -10.605 1.00 50.39  ? 107 ARG A CD  1 
ATOM   430  N NE  . ARG A 1 52  ? -17.811 6.558   -11.534 1.00 52.13  ? 107 ARG A NE  1 
ATOM   431  C CZ  . ARG A 1 52  ? -18.949 7.270   -11.553 1.00 46.84  ? 107 ARG A CZ  1 
ATOM   432  N NH1 . ARG A 1 52  ? -19.896 6.988   -12.448 1.00 35.34  ? 107 ARG A NH1 1 
ATOM   433  N NH2 . ARG A 1 52  ? -19.159 8.259   -10.693 1.00 33.65  ? 107 ARG A NH2 1 
ATOM   434  N N   . SER A 1 53  ? -15.912 2.538   -12.187 1.00 62.04  ? 108 SER A N   1 
ATOM   435  C CA  . SER A 1 53  ? -15.916 2.327   -13.632 1.00 54.83  ? 108 SER A CA  1 
ATOM   436  C C   . SER A 1 53  ? -16.912 3.253   -14.315 1.00 53.10  ? 108 SER A C   1 
ATOM   437  O O   . SER A 1 53  ? -17.292 4.281   -13.758 1.00 56.37  ? 108 SER A O   1 
ATOM   438  C CB  . SER A 1 53  ? -16.302 0.854   -13.920 1.00 65.84  ? 108 SER A CB  1 
ATOM   439  O OG  . SER A 1 53  ? -17.615 0.527   -13.471 1.00 59.45  ? 108 SER A OG  1 
ATOM   440  N N   . PHE A 1 54  ? -17.282 2.905   -15.546 1.00 68.29  ? 109 PHE A N   1 
ATOM   441  C CA  . PHE A 1 54  ? -18.319 3.631   -16.267 1.00 55.44  ? 109 PHE A CA  1 
ATOM   442  C C   . PHE A 1 54  ? -19.419 2.629   -16.620 1.00 51.84  ? 109 PHE A C   1 
ATOM   443  O O   . PHE A 1 54  ? -19.177 1.419   -16.659 1.00 43.28  ? 109 PHE A O   1 
ATOM   444  C CB  . PHE A 1 54  ? -17.786 4.308   -17.554 1.00 31.05  ? 109 PHE A CB  1 
ATOM   445  C CG  . PHE A 1 54  ? -17.145 3.368   -18.569 1.00 45.94  ? 109 PHE A CG  1 
ATOM   446  C CD1 . PHE A 1 54  ? -17.875 2.372   -19.210 1.00 52.94  ? 109 PHE A CD1 1 
ATOM   447  C CD2 . PHE A 1 54  ? -15.805 3.520   -18.910 1.00 46.90  ? 109 PHE A CD2 1 
ATOM   448  C CE1 . PHE A 1 54  ? -17.271 1.547   -20.178 1.00 46.43  ? 109 PHE A CE1 1 
ATOM   449  C CE2 . PHE A 1 54  ? -15.202 2.702   -19.868 1.00 39.51  ? 109 PHE A CE2 1 
ATOM   450  C CZ  . PHE A 1 54  ? -15.930 1.718   -20.501 1.00 45.95  ? 109 PHE A CZ  1 
ATOM   451  N N   . LYS A 1 55  ? -20.638 3.122   -16.804 1.00 44.70  ? 110 LYS A N   1 
ATOM   452  C CA  . LYS A 1 55  ? -21.710 2.251   -17.230 1.00 43.80  ? 110 LYS A CA  1 
ATOM   453  C C   . LYS A 1 55  ? -21.519 1.895   -18.698 1.00 50.81  ? 110 LYS A C   1 
ATOM   454  O O   . LYS A 1 55  ? -21.217 2.753   -19.532 1.00 51.41  ? 110 LYS A O   1 
ATOM   455  C CB  . LYS A 1 55  ? -23.077 2.948   -17.166 1.00 46.32  ? 110 LYS A CB  1 
ATOM   456  C CG  . LYS A 1 55  ? -23.655 3.095   -15.797 1.00 53.09  ? 110 LYS A CG  1 
ATOM   457  C CD  . LYS A 1 55  ? -24.954 3.890   -15.853 1.00 44.67  ? 110 LYS A CD  1 
ATOM   458  C CE  . LYS A 1 55  ? -26.113 3.030   -16.320 1.00 54.23  ? 110 LYS A CE  1 
ATOM   459  N NZ  . LYS A 1 55  ? -27.403 3.763   -16.291 1.00 52.83  ? 110 LYS A NZ  1 
ATOM   460  N N   . THR A 1 56  ? -21.671 0.611   -18.983 1.00 51.86  ? 111 THR A N   1 
ATOM   461  C CA  . THR A 1 56  ? -21.704 0.152   -20.363 1.00 53.02  ? 111 THR A CA  1 
ATOM   462  C C   . THR A 1 56  ? -23.236 0.049   -20.626 1.00 56.95  ? 111 THR A C   1 
ATOM   463  O O   . THR A 1 56  ? -24.018 0.110   -19.670 1.00 61.06  ? 111 THR A O   1 
ATOM   464  C CB  . THR A 1 56  ? -21.009 -1.197  -20.502 1.00 51.55  ? 111 THR A CB  1 
ATOM   465  O OG1 . THR A 1 56  ? -21.173 -1.943  -19.291 1.00 41.05  ? 111 THR A OG1 1 
ATOM   466  C CG2 . THR A 1 56  ? -19.513 -0.980  -20.748 1.00 41.22  ? 111 THR A CG2 1 
ATOM   467  N N   . ALA A 1 57  ? -23.679 -0.068  -21.883 1.00 46.14  ? 112 ALA A N   1 
ATOM   468  C CA  . ALA A 1 57  ? -25.131 -0.152  -22.128 1.00 51.91  ? 112 ALA A CA  1 
ATOM   469  C C   . ALA A 1 57  ? -25.674 -1.586  -22.170 1.00 53.60  ? 112 ALA A C   1 
ATOM   470  O O   . ALA A 1 57  ? -26.721 -1.852  -22.760 1.00 44.01  ? 112 ALA A O   1 
ATOM   471  C CB  . ALA A 1 57  ? -25.540 0.624   -23.403 1.00 41.99  ? 112 ALA A CB  1 
ATOM   472  N N   . ASP A 1 58  ? -24.954 -2.505  -21.532 1.00 53.51  ? 113 ASP A N   1 
ATOM   473  C CA  . ASP A 1 58  ? -25.396 -3.893  -21.441 1.00 50.56  ? 113 ASP A CA  1 
ATOM   474  C C   . ASP A 1 58  ? -26.070 -4.123  -20.075 1.00 55.94  ? 113 ASP A C   1 
ATOM   475  O O   . ASP A 1 58  ? -26.383 -5.262  -19.696 1.00 46.85  ? 113 ASP A O   1 
ATOM   476  C CB  . ASP A 1 58  ? -24.205 -4.850  -21.604 1.00 52.64  ? 113 ASP A CB  1 
ATOM   477  C CG  . ASP A 1 58  ? -23.100 -4.599  -20.597 1.00 61.75  ? 113 ASP A CG  1 
ATOM   478  O OD1 . ASP A 1 58  ? -22.339 -5.551  -20.302 1.00 54.72  ? 113 ASP A OD1 1 
ATOM   479  O OD2 . ASP A 1 58  ? -22.993 -3.449  -20.108 1.00 65.50  ? 113 ASP A OD2 1 
ATOM   480  N N   . GLY A 1 59  ? -26.309 -3.010  -19.378 1.00 53.16  ? 114 GLY A N   1 
ATOM   481  C CA  . GLY A 1 59  ? -26.901 -3.036  -18.053 1.00 62.96  ? 114 GLY A CA  1 
ATOM   482  C C   . GLY A 1 59  ? -26.421 -1.855  -17.219 1.00 68.94  ? 114 GLY A C   1 
ATOM   483  O O   . GLY A 1 59  ? -27.274 -1.047  -16.773 1.00 32.59  ? 114 GLY A O   1 
ATOM   484  N N   . GLN A 1 61  ? -24.105 -4.480  -14.640 1.00 78.32  ? 116 GLN A N   1 
ATOM   485  C CA  . GLN A 1 61  ? -22.635 -4.476  -14.927 1.00 83.56  ? 116 GLN A CA  1 
ATOM   486  C C   . GLN A 1 61  ? -21.925 -3.584  -13.929 1.00 83.88  ? 116 GLN A C   1 
ATOM   487  O O   . GLN A 1 61  ? -21.876 -2.361  -14.080 1.00 88.54  ? 116 GLN A O   1 
ATOM   488  C CB  . GLN A 1 61  ? -22.390 -4.026  -16.349 1.00 76.80  ? 116 GLN A CB  1 
ATOM   489  C CG  . GLN A 1 61  ? -22.503 -5.162  -17.337 1.00 72.53  ? 116 GLN A CG  1 
ATOM   490  C CD  . GLN A 1 61  ? -23.924 -5.683  -17.462 1.00 70.85  ? 116 GLN A CD  1 
ATOM   491  O OE1 . GLN A 1 61  ? -24.883 -5.037  -17.016 1.00 58.61  ? 116 GLN A OE1 1 
ATOM   492  N NE2 . GLN A 1 61  ? -24.075 -6.848  -18.090 1.00 71.90  ? 116 GLN A NE2 1 
ATOM   493  N N   . ARG A 1 62  ? -21.314 -4.235  -12.945 1.00 94.66  ? 117 ARG A N   1 
ATOM   494  C CA  . ARG A 1 62  ? -20.717 -3.533  -11.810 1.00 105.99 ? 117 ARG A CA  1 
ATOM   495  C C   . ARG A 1 62  ? -19.246 -3.840  -11.560 1.00 92.18  ? 117 ARG A C   1 
ATOM   496  O O   . ARG A 1 62  ? -18.540 -4.307  -12.456 1.00 97.68  ? 117 ARG A O   1 
ATOM   497  C CB  . ARG A 1 62  ? -21.537 -3.963  -10.551 1.00 103.91 ? 117 ARG A CB  1 
ATOM   498  C CG  . ARG A 1 62  ? -23.023 -3.554  -10.558 1.00 91.39  ? 117 ARG A CG  1 
ATOM   499  C CD  . ARG A 1 62  ? -23.766 -4.059  -9.314  1.00 104.21 ? 117 ARG A CD  1 
ATOM   500  N NE  . ARG A 1 62  ? -24.016 -5.502  -9.340  1.00 94.38  ? 117 ARG A NE  1 
ATOM   501  C CZ  . ARG A 1 62  ? -23.286 -6.425  -8.720  1.00 77.21  ? 117 ARG A CZ  1 
ATOM   502  N NH1 . ARG A 1 62  ? -22.227 -6.089  -7.991  1.00 86.33  ? 117 ARG A NH1 1 
ATOM   503  N NH2 . ARG A 1 62  ? -23.629 -7.699  -8.833  1.00 72.85  ? 117 ARG A NH2 1 
ATOM   504  N N   . GLN A 1 63  ? -18.797 -3.492  -10.353 1.00 92.07  ? 118 GLN A N   1 
ATOM   505  C CA  . GLN A 1 63  ? -17.476 -3.813  -9.866  1.00 86.63  ? 118 GLN A CA  1 
ATOM   506  C C   . GLN A 1 63  ? -16.217 -3.309  -10.567 1.00 73.71  ? 118 GLN A C   1 
ATOM   507  O O   . GLN A 1 63  ? -16.066 -3.426  -11.786 1.00 77.11  ? 118 GLN A O   1 
ATOM   508  C CB  . GLN A 1 63  ? -17.356 -5.398  -9.770  1.00 75.54  ? 118 GLN A CB  1 
ATOM   509  C CG  . GLN A 1 63  ? -17.759 -6.057  -8.425  1.00 72.47  ? 118 GLN A CG  1 
ATOM   510  C CD  . GLN A 1 63  ? -17.028 -7.394  -8.160  1.00 83.46  ? 118 GLN A CD  1 
ATOM   511  O OE1 . GLN A 1 63  ? -16.194 -7.828  -8.965  1.00 89.25  ? 118 GLN A OE1 1 
ATOM   512  N NE2 . GLN A 1 63  ? -17.338 -8.039  -7.025  1.00 62.16  ? 118 GLN A NE2 1 
ATOM   513  N N   . LEU A 1 64  ? -15.387 -2.651  -9.763  1.00 58.62  ? 119 LEU A N   1 
ATOM   514  C CA  . LEU A 1 64  ? -13.981 -2.344  -10.131 1.00 33.96  ? 119 LEU A CA  1 
ATOM   515  C C   . LEU A 1 64  ? -13.407 -2.066  -8.736  1.00 38.61  ? 119 LEU A C   1 
ATOM   516  O O   . LEU A 1 64  ? -13.304 -0.919  -8.344  1.00 40.28  ? 119 LEU A O   1 
ATOM   517  C CB  . LEU A 1 64  ? -13.798 -1.173  -11.052 1.00 41.45  ? 119 LEU A CB  1 
ATOM   518  C CG  . LEU A 1 64  ? -12.701 -1.169  -12.166 1.00 45.16  ? 119 LEU A CG  1 
ATOM   519  C CD1 . LEU A 1 64  ? -11.825 0.073   -12.012 1.00 42.58  ? 119 LEU A CD1 1 
ATOM   520  C CD2 . LEU A 1 64  ? -11.821 -2.407  -12.215 1.00 22.80  ? 119 LEU A CD2 1 
ATOM   521  N N   . LEU A 1 65  ? -13.019 -3.127  -8.016  1.00 34.51  ? 120 LEU A N   1 
ATOM   522  C CA  . LEU A 1 65  ? -12.592 -3.023  -6.613  1.00 30.99  ? 120 LEU A CA  1 
ATOM   523  C C   . LEU A 1 65  ? -11.347 -2.208  -6.338  1.00 32.13  ? 120 LEU A C   1 
ATOM   524  O O   . LEU A 1 65  ? -10.523 -1.970  -7.232  1.00 29.38  ? 120 LEU A O   1 
ATOM   525  C CB  . LEU A 1 65  ? -12.552 -4.397  -5.991  1.00 34.35  ? 120 LEU A CB  1 
ATOM   526  C CG  . LEU A 1 65  ? -13.778 -5.273  -6.236  1.00 34.66  ? 120 LEU A CG  1 
ATOM   527  C CD1 . LEU A 1 65  ? -13.526 -6.639  -5.691  1.00 36.71  ? 120 LEU A CD1 1 
ATOM   528  C CD2 . LEU A 1 65  ? -14.971 -4.683  -5.563  1.00 30.44  ? 120 LEU A CD2 1 
ATOM   529  N N   . PRO A 1 66  ? -11.145 -1.822  -5.077  1.00 26.79  ? 121 PRO A N   1 
ATOM   530  C CA  . PRO A 1 66  ? -9.962  -1.042  -4.705  1.00 25.28  ? 121 PRO A CA  1 
ATOM   531  C C   . PRO A 1 66  ? -8.609  -1.661  -4.811  1.00 22.61  ? 121 PRO A C   1 
ATOM   532  O O   . PRO A 1 66  ? -8.472  -2.881  -4.721  1.00 20.53  ? 121 PRO A O   1 
ATOM   533  C CB  . PRO A 1 66  ? -10.260 -0.614  -3.263  1.00 23.08  ? 121 PRO A CB  1 
ATOM   534  C CG  . PRO A 1 66  ? -11.712 -0.979  -3.020  1.00 21.32  ? 121 PRO A CG  1 
ATOM   535  C CD  . PRO A 1 66  ? -11.980 -2.145  -3.900  1.00 19.46  ? 121 PRO A CD  1 
ATOM   536  N N   . ARG A 1 67  ? -7.600  -0.818  -5.006  1.00 21.87  ? 122 ARG A N   1 
ATOM   537  C CA  . ARG A 1 67  ? -6.216  -1.272  -5.024  1.00 20.89  ? 122 ARG A CA  1 
ATOM   538  C C   . ARG A 1 67  ? -5.441  -0.442  -3.988  1.00 25.01  ? 122 ARG A C   1 
ATOM   539  O O   . ARG A 1 67  ? -5.585  0.780   -3.913  1.00 21.22  ? 122 ARG A O   1 
ATOM   540  C CB  . ARG A 1 67  ? -5.608  -1.130  -6.390  1.00 25.05  ? 122 ARG A CB  1 
ATOM   541  C CG  . ARG A 1 67  ? -4.108  -1.324  -6.391  1.00 27.28  ? 122 ARG A CG  1 
ATOM   542  C CD  . ARG A 1 67  ? -3.547  -1.170  -7.779  1.00 23.04  ? 122 ARG A CD  1 
ATOM   543  N NE  . ARG A 1 67  ? -4.090  -2.189  -8.665  1.00 27.53  ? 122 ARG A NE  1 
ATOM   544  C CZ  . ARG A 1 67  ? -4.512  -1.963  -9.903  1.00 30.29  ? 122 ARG A CZ  1 
ATOM   545  N NH1 . ARG A 1 67  ? -4.455  -0.738  -10.430 1.00 22.37  ? 122 ARG A NH1 1 
ATOM   546  N NH2 . ARG A 1 67  ? -4.994  -2.970  -10.608 1.00 22.28  ? 122 ARG A NH2 1 
ATOM   547  N N   . TRP A 1 68  ? -4.602  -1.120  -3.207  1.00 23.95  ? 123 TRP A N   1 
ATOM   548  C CA  . TRP A 1 68  ? -3.878  -0.472  -2.124  1.00 19.48  ? 123 TRP A CA  1 
ATOM   549  C C   . TRP A 1 68  ? -2.441  -0.283  -2.506  1.00 22.47  ? 123 TRP A C   1 
ATOM   550  O O   . TRP A 1 68  ? -1.853  -1.148  -3.151  1.00 24.23  ? 123 TRP A O   1 
ATOM   551  C CB  . TRP A 1 68  ? -3.982  -1.338  -0.874  1.00 20.71  ? 123 TRP A CB  1 
ATOM   552  C CG  . TRP A 1 68  ? -5.365  -1.492  -0.388  1.00 18.07  ? 123 TRP A CG  1 
ATOM   553  C CD1 . TRP A 1 68  ? -6.367  -2.221  -0.958  1.00 17.16  ? 123 TRP A CD1 1 
ATOM   554  C CD2 . TRP A 1 68  ? -5.917  -0.882  0.775   1.00 17.57  ? 123 TRP A CD2 1 
ATOM   555  N NE1 . TRP A 1 68  ? -7.514  -2.102  -0.212  1.00 16.31  ? 123 TRP A NE1 1 
ATOM   556  C CE2 . TRP A 1 68  ? -7.260  -1.285  0.858   1.00 17.04  ? 123 TRP A CE2 1 
ATOM   557  C CE3 . TRP A 1 68  ? -5.403  -0.025  1.761   1.00 18.70  ? 123 TRP A CE3 1 
ATOM   558  C CZ2 . TRP A 1 68  ? -8.091  -0.870  1.880   1.00 18.43  ? 123 TRP A CZ2 1 
ATOM   559  C CZ3 . TRP A 1 68  ? -6.237  0.396   2.780   1.00 17.68  ? 123 TRP A CZ3 1 
ATOM   560  C CH2 . TRP A 1 68  ? -7.561  -0.027  2.834   1.00 19.61  ? 123 TRP A CH2 1 
ATOM   561  N N   . TYR A 1 69  ? -1.863  0.843   -2.108  1.00 22.24  ? 124 TYR A N   1 
ATOM   562  C CA  . TYR A 1 69  ? -0.474  1.129   -2.448  1.00 21.96  ? 124 TYR A CA  1 
ATOM   563  C C   . TYR A 1 69  ? 0.265   1.470   -1.176  1.00 19.78  ? 124 TYR A C   1 
ATOM   564  O O   . TYR A 1 69  ? -0.288  2.171   -0.330  1.00 22.87  ? 124 TYR A O   1 
ATOM   565  C CB  . TYR A 1 69  ? -0.397  2.321   -3.417  1.00 21.80  ? 124 TYR A CB  1 
ATOM   566  C CG  . TYR A 1 69  ? -0.816  2.027   -4.839  1.00 20.35  ? 124 TYR A CG  1 
ATOM   567  C CD1 . TYR A 1 69  ? 0.070   1.453   -5.750  1.00 21.47  ? 124 TYR A CD1 1 
ATOM   568  C CD2 . TYR A 1 69  ? -2.099  2.341   -5.276  1.00 20.97  ? 124 TYR A CD2 1 
ATOM   569  C CE1 . TYR A 1 69  ? -0.314  1.205   -7.065  1.00 21.89  ? 124 TYR A CE1 1 
ATOM   570  C CE2 . TYR A 1 69  ? -2.493  2.107   -6.573  1.00 22.56  ? 124 TYR A CE2 1 
ATOM   571  C CZ  . TYR A 1 69  ? -1.601  1.537   -7.472  1.00 31.69  ? 124 TYR A CZ  1 
ATOM   572  O OH  . TYR A 1 69  ? -2.012  1.303   -8.769  1.00 32.95  ? 124 TYR A OH  1 
ATOM   573  N N   . PHE A 1 70  ? 1.506   0.988   -1.049  1.00 19.63  ? 125 PHE A N   1 
ATOM   574  C CA  . PHE A 1 70  ? 2.321   1.250   0.145   1.00 18.26  ? 125 PHE A CA  1 
ATOM   575  C C   . PHE A 1 70  ? 3.207   2.481   0.107   1.00 19.34  ? 125 PHE A C   1 
ATOM   576  O O   . PHE A 1 70  ? 3.893   2.728   -0.879  1.00 20.55  ? 125 PHE A O   1 
ATOM   577  C CB  . PHE A 1 70  ? 3.190   0.065   0.477   1.00 17.97  ? 125 PHE A CB  1 
ATOM   578  C CG  . PHE A 1 70  ? 4.158   0.342   1.575   1.00 17.37  ? 125 PHE A CG  1 
ATOM   579  C CD1 . PHE A 1 70  ? 5.376   0.927   1.300   1.00 17.04  ? 125 PHE A CD1 1 
ATOM   580  C CD2 . PHE A 1 70  ? 3.854   0.031   2.885   1.00 17.98  ? 125 PHE A CD2 1 
ATOM   581  C CE1 . PHE A 1 70  ? 6.265   1.185   2.293   1.00 17.40  ? 125 PHE A CE1 1 
ATOM   582  C CE2 . PHE A 1 70  ? 4.752   0.294   3.892   1.00 18.64  ? 125 PHE A CE2 1 
ATOM   583  C CZ  . PHE A 1 70  ? 5.959   0.870   3.591   1.00 17.79  ? 125 PHE A CZ  1 
ATOM   584  N N   . TYR A 1 71  ? 3.210   3.212   1.223   1.00 18.34  ? 126 TYR A N   1 
ATOM   585  C CA  . TYR A 1 71  ? 3.959   4.452   1.402   1.00 18.53  ? 126 TYR A CA  1 
ATOM   586  C C   . TYR A 1 71  ? 4.695   4.407   2.735   1.00 21.25  ? 126 TYR A C   1 
ATOM   587  O O   . TYR A 1 71  ? 4.121   4.036   3.757   1.00 20.64  ? 126 TYR A O   1 
ATOM   588  C CB  . TYR A 1 71  ? 2.979   5.668   1.390   1.00 22.63  ? 126 TYR A CB  1 
ATOM   589  C CG  . TYR A 1 71  ? 2.333   5.855   0.028   1.00 26.57  ? 126 TYR A CG  1 
ATOM   590  C CD1 . TYR A 1 71  ? 3.054   6.432   -1.019  1.00 27.24  ? 126 TYR A CD1 1 
ATOM   591  C CD2 . TYR A 1 71  ? 1.050   5.378   -0.240  1.00 19.89  ? 126 TYR A CD2 1 
ATOM   592  C CE1 . TYR A 1 71  ? 2.541   6.526   -2.277  1.00 20.63  ? 126 TYR A CE1 1 
ATOM   593  C CE2 . TYR A 1 71  ? 0.528   5.469   -1.507  1.00 24.38  ? 126 TYR A CE2 1 
ATOM   594  C CZ  . TYR A 1 71  ? 1.286   6.048   -2.521  1.00 25.65  ? 126 TYR A CZ  1 
ATOM   595  O OH  . TYR A 1 71  ? 0.802   6.163   -3.797  1.00 25.59  ? 126 TYR A OH  1 
ATOM   596  N N   . TYR A 1 72  ? 5.984   4.707   2.702   1.00 20.57  ? 127 TYR A N   1 
ATOM   597  C CA  . TYR A 1 72  ? 6.745   4.814   3.931   1.00 19.00  ? 127 TYR A CA  1 
ATOM   598  C C   . TYR A 1 72  ? 6.251   6.005   4.779   1.00 22.38  ? 127 TYR A C   1 
ATOM   599  O O   . TYR A 1 72  ? 5.934   7.084   4.276   1.00 18.80  ? 127 TYR A O   1 
ATOM   600  C CB  . TYR A 1 72  ? 8.220   5.061   3.618   1.00 19.23  ? 127 TYR A CB  1 
ATOM   601  C CG  . TYR A 1 72  ? 8.921   3.853   3.062   1.00 29.08  ? 127 TYR A CG  1 
ATOM   602  C CD1 . TYR A 1 72  ? 9.310   2.811   3.904   1.00 18.20  ? 127 TYR A CD1 1 
ATOM   603  C CD2 . TYR A 1 72  ? 9.180   3.741   1.687   1.00 25.61  ? 127 TYR A CD2 1 
ATOM   604  C CE1 . TYR A 1 72  ? 9.941   1.701   3.404   1.00 20.42  ? 127 TYR A CE1 1 
ATOM   605  C CE2 . TYR A 1 72  ? 9.815   2.620   1.169   1.00 20.58  ? 127 TYR A CE2 1 
ATOM   606  C CZ  . TYR A 1 72  ? 10.194  1.604   2.030   1.00 21.80  ? 127 TYR A CZ  1 
ATOM   607  O OH  . TYR A 1 72  ? 10.844  0.490   1.529   1.00 21.45  ? 127 TYR A OH  1 
ATOM   608  N N   . LEU A 1 73  ? 6.248   5.791   6.086   1.00 22.68  ? 128 LEU A N   1 
ATOM   609  C CA  . LEU A 1 73  ? 5.850   6.796   7.050   1.00 23.56  ? 128 LEU A CA  1 
ATOM   610  C C   . LEU A 1 73  ? 6.462   8.194   6.770   1.00 24.85  ? 128 LEU A C   1 
ATOM   611  O O   . LEU A 1 73  ? 7.683   8.384   6.730   1.00 20.30  ? 128 LEU A O   1 
ATOM   612  C CB  . LEU A 1 73  ? 6.251   6.282   8.433   1.00 22.62  ? 128 LEU A CB  1 
ATOM   613  C CG  . LEU A 1 73  ? 5.811   7.033   9.685   1.00 27.56  ? 128 LEU A CG  1 
ATOM   614  C CD1 . LEU A 1 73  ? 4.308   6.860   9.997   1.00 24.26  ? 128 LEU A CD1 1 
ATOM   615  C CD2 . LEU A 1 73  ? 6.650   6.497   10.814  1.00 25.53  ? 128 LEU A CD2 1 
ATOM   616  N N   . GLY A 1 74  ? 5.583   9.165   6.565   1.00 33.00  ? 129 GLY A N   1 
ATOM   617  C CA  . GLY A 1 74  ? 6.035   10.519  6.336   1.00 26.24  ? 129 GLY A CA  1 
ATOM   618  C C   . GLY A 1 74  ? 6.122   10.873  4.876   1.00 26.10  ? 129 GLY A C   1 
ATOM   619  O O   . GLY A 1 74  ? 6.677   11.910  4.526   1.00 37.53  ? 129 GLY A O   1 
ATOM   620  N N   . THR A 1 75  ? 5.612   9.976   4.035   1.00 26.34  ? 130 THR A N   1 
ATOM   621  C CA  . THR A 1 75  ? 5.541   10.209  2.607   1.00 23.89  ? 130 THR A CA  1 
ATOM   622  C C   . THR A 1 75  ? 4.129   9.850   2.139   1.00 24.21  ? 130 THR A C   1 
ATOM   623  O O   . THR A 1 75  ? 3.327   9.291   2.896   1.00 22.61  ? 130 THR A O   1 
ATOM   624  C CB  . THR A 1 75  ? 6.546   9.350   1.795   1.00 25.63  ? 130 THR A CB  1 
ATOM   625  O OG1 . THR A 1 75  ? 6.159   7.972   1.817   1.00 22.79  ? 130 THR A OG1 1 
ATOM   626  C CG2 . THR A 1 75  ? 7.944   9.503   2.359   1.00 24.74  ? 130 THR A CG2 1 
ATOM   627  N N   . GLY A 1 76  ? 3.831   10.228  0.897   1.00 27.49  ? 131 GLY A N   1 
ATOM   628  C CA  . GLY A 1 76  ? 2.563   9.880   0.295   1.00 25.82  ? 131 GLY A CA  1 
ATOM   629  C C   . GLY A 1 76  ? 1.439   10.834  0.554   1.00 22.88  ? 131 GLY A C   1 
ATOM   630  O O   . GLY A 1 76  ? 1.634   11.905  1.127   1.00 26.84  ? 131 GLY A O   1 
ATOM   631  N N   . PRO A 1 77  ? 0.213   10.420  0.222   1.00 21.87  ? 132 PRO A N   1 
ATOM   632  C CA  . PRO A 1 77  ? -0.914  11.303  0.479   1.00 20.32  ? 132 PRO A CA  1 
ATOM   633  C C   . PRO A 1 77  ? -1.262  11.547  1.925   1.00 26.85  ? 132 PRO A C   1 
ATOM   634  O O   . PRO A 1 77  ? -2.080  12.415  2.213   1.00 34.29  ? 132 PRO A O   1 
ATOM   635  C CB  . PRO A 1 77  ? -2.032  10.706  -0.365  1.00 18.65  ? 132 PRO A CB  1 
ATOM   636  C CG  . PRO A 1 77  ? -1.712  9.264   -0.437  1.00 21.60  ? 132 PRO A CG  1 
ATOM   637  C CD  . PRO A 1 77  ? -0.209  9.142   -0.376  1.00 24.16  ? 132 PRO A CD  1 
ATOM   638  N N   . HIS A 1 78  ? -0.680  10.767  2.837   1.00 25.99  ? 133 HIS A N   1 
ATOM   639  C CA  . HIS A 1 78  ? -0.891  11.004  4.266   1.00 22.70  ? 133 HIS A CA  1 
ATOM   640  C C   . HIS A 1 78  ? 0.453   11.158  4.940   1.00 22.63  ? 133 HIS A C   1 
ATOM   641  O O   . HIS A 1 78  ? 0.669   10.721  6.079   1.00 19.46  ? 133 HIS A O   1 
ATOM   642  C CB  . HIS A 1 78  ? -1.667  9.887   4.913   1.00 19.97  ? 133 HIS A CB  1 
ATOM   643  C CG  . HIS A 1 78  ? -3.095  9.860   4.490   1.00 27.80  ? 133 HIS A CG  1 
ATOM   644  N ND1 . HIS A 1 78  ? -4.093  10.505  5.194   1.00 23.04  ? 133 HIS A ND1 1 
ATOM   645  C CD2 . HIS A 1 78  ? -3.698  9.267   3.433   1.00 27.72  ? 133 HIS A CD2 1 
ATOM   646  C CE1 . HIS A 1 78  ? -5.252  10.303  4.593   1.00 29.22  ? 133 HIS A CE1 1 
ATOM   647  N NE2 . HIS A 1 78  ? -5.038  9.556   3.523   1.00 24.55  ? 133 HIS A NE2 1 
ATOM   648  N N   . ALA A 1 79  ? 1.351   11.821  4.232   1.00 20.51  ? 134 ALA A N   1 
ATOM   649  C CA  . ALA A 1 79  ? 2.664   12.019  4.770   1.00 27.91  ? 134 ALA A CA  1 
ATOM   650  C C   . ALA A 1 79  ? 2.680   12.616  6.190   1.00 32.04  ? 134 ALA A C   1 
ATOM   651  O O   . ALA A 1 79  ? 3.614   12.338  6.947   1.00 28.50  ? 134 ALA A O   1 
ATOM   652  C CB  . ALA A 1 79  ? 3.471   12.913  3.817   1.00 18.56  ? 134 ALA A CB  1 
ATOM   653  N N   . LYS A 1 80  ? 1.631   13.351  6.571   1.00 32.89  ? 135 LYS A N   1 
ATOM   654  C CA  . LYS A 1 80  ? 1.588   14.058  7.860   1.00 24.35  ? 135 LYS A CA  1 
ATOM   655  C C   . LYS A 1 80  ? 0.946   13.364  9.052   1.00 37.69  ? 135 LYS A C   1 
ATOM   656  O O   . LYS A 1 80  ? 1.178   13.733  10.220  1.00 30.70  ? 135 LYS A O   1 
ATOM   657  C CB  . LYS A 1 80  ? 0.864   15.403  7.645   1.00 25.73  ? 135 LYS A CB  1 
ATOM   658  C CG  . LYS A 1 80  ? 1.728   16.493  7.053   1.00 37.94  ? 135 LYS A CG  1 
ATOM   659  C CD  . LYS A 1 80  ? 0.953   17.810  6.961   1.00 47.98  ? 135 LYS A CD  1 
ATOM   660  C CE  . LYS A 1 80  ? 1.642   18.820  6.032   1.00 59.09  ? 135 LYS A CE  1 
ATOM   661  N NZ  . LYS A 1 80  ? 1.136   18.766  4.628   1.00 57.18  ? 135 LYS A NZ  1 
ATOM   662  N N   . ASP A 1 81  ? 0.129   12.357  8.780   1.00 28.01  ? 136 ASP A N   1 
ATOM   663  C CA  . ASP A 1 81  ? -0.547  11.705  9.887   1.00 27.31  ? 136 ASP A CA  1 
ATOM   664  C C   . ASP A 1 81  ? 0.365   10.865  10.794  1.00 33.21  ? 136 ASP A C   1 
ATOM   665  O O   . ASP A 1 81  ? 1.490   10.478  10.427  1.00 23.20  ? 136 ASP A O   1 
ATOM   666  C CB  . ASP A 1 81  ? -1.686  10.852  9.344   1.00 25.73  ? 136 ASP A CB  1 
ATOM   667  C CG  . ASP A 1 81  ? -2.613  11.624  8.445   1.00 26.90  ? 136 ASP A CG  1 
ATOM   668  O OD1 . ASP A 1 81  ? -3.666  12.094  8.922   1.00 33.61  ? 136 ASP A OD1 1 
ATOM   669  O OD2 . ASP A 1 81  ? -2.294  11.761  7.251   1.00 38.54  ? 136 ASP A OD2 1 
ATOM   670  N N   . GLN A 1 82  ? -0.147  10.611  11.992  1.00 32.28  ? 137 GLN A N   1 
ATOM   671  C CA  . GLN A 1 82  ? 0.522   9.832   13.010  1.00 26.99  ? 137 GLN A CA  1 
ATOM   672  C C   . GLN A 1 82  ? 0.271   8.354   12.801  1.00 21.75  ? 137 GLN A C   1 
ATOM   673  O O   . GLN A 1 82  ? -0.885  7.917   12.686  1.00 19.29  ? 137 GLN A O   1 
ATOM   674  C CB  . GLN A 1 82  ? -0.030  10.194  14.413  1.00 28.32  ? 137 GLN A CB  1 
ATOM   675  C CG  . GLN A 1 82  ? 0.578   9.407   15.606  1.00 19.92  ? 137 GLN A CG  1 
ATOM   676  C CD  . GLN A 1 82  ? -0.166  9.593   16.939  1.00 23.53  ? 137 GLN A CD  1 
ATOM   677  O OE1 . GLN A 1 82  ? -1.357  9.919   16.974  1.00 27.19  ? 137 GLN A OE1 1 
ATOM   678  N NE2 . GLN A 1 82  ? 0.538   9.350   18.041  1.00 24.11  ? 137 GLN A NE2 1 
ATOM   679  N N   . TYR A 1 83  ? 1.362   7.596   12.755  1.00 21.36  ? 138 TYR A N   1 
ATOM   680  C CA  . TYR A 1 83  ? 1.246   6.158   12.700  1.00 19.30  ? 138 TYR A CA  1 
ATOM   681  C C   . TYR A 1 83  ? 0.155   5.743   13.690  1.00 19.69  ? 138 TYR A C   1 
ATOM   682  O O   . TYR A 1 83  ? 0.061   6.255   14.816  1.00 20.38  ? 138 TYR A O   1 
ATOM   683  C CB  . TYR A 1 83  ? 2.560   5.473   13.141  1.00 19.43  ? 138 TYR A CB  1 
ATOM   684  C CG  . TYR A 1 83  ? 2.522   3.977   12.886  1.00 18.19  ? 138 TYR A CG  1 
ATOM   685  C CD1 . TYR A 1 83  ? 2.939   3.449   11.664  1.00 19.92  ? 138 TYR A CD1 1 
ATOM   686  C CD2 . TYR A 1 83  ? 2.004   3.110   13.844  1.00 16.56  ? 138 TYR A CD2 1 
ATOM   687  C CE1 . TYR A 1 83  ? 2.847   2.115   11.398  1.00 16.93  ? 138 TYR A CE1 1 
ATOM   688  C CE2 . TYR A 1 83  ? 1.894   1.768   13.591  1.00 16.76  ? 138 TYR A CE2 1 
ATOM   689  C CZ  . TYR A 1 83  ? 2.320   1.264   12.360  1.00 20.41  ? 138 TYR A CZ  1 
ATOM   690  O OH  . TYR A 1 83  ? 2.236   -0.091  12.077  1.00 20.43  ? 138 TYR A OH  1 
ATOM   691  N N   . GLY A 1 84  ? -0.662  4.808   13.235  1.00 21.69  ? 139 GLY A N   1 
ATOM   692  C CA  . GLY A 1 84  ? -1.722  4.241   14.022  1.00 19.19  ? 139 GLY A CA  1 
ATOM   693  C C   . GLY A 1 84  ? -3.075  4.894   13.880  1.00 23.97  ? 139 GLY A C   1 
ATOM   694  O O   . GLY A 1 84  ? -4.098  4.247   14.086  1.00 33.52  ? 139 GLY A O   1 
ATOM   695  N N   . THR A 1 85  ? -3.093  6.140   13.439  1.00 20.71  ? 140 THR A N   1 
ATOM   696  C CA  . THR A 1 85  ? -4.352  6.853   13.518  1.00 24.25  ? 140 THR A CA  1 
ATOM   697  C C   . THR A 1 85  ? -5.443  6.366   12.650  1.00 24.30  ? 140 THR A C   1 
ATOM   698  O O   . THR A 1 85  ? -5.283  6.323   11.439  1.00 31.52  ? 140 THR A O   1 
ATOM   699  C CB  . THR A 1 85  ? -4.175  8.336   13.213  1.00 34.66  ? 140 THR A CB  1 
ATOM   700  O OG1 . THR A 1 85  ? -3.079  8.868   13.973  1.00 33.66  ? 140 THR A OG1 1 
ATOM   701  C CG2 . THR A 1 85  ? -5.487  9.096   13.515  1.00 21.59  ? 140 THR A CG2 1 
ATOM   702  N N   . ASP A 1 86  ? -6.571  6.031   13.264  1.00 24.13  ? 141 ASP A N   1 
ATOM   703  C CA  . ASP A 1 86  ? -7.742  5.576   12.533  1.00 26.31  ? 141 ASP A CA  1 
ATOM   704  C C   . ASP A 1 86  ? -8.150  6.581   11.448  1.00 37.65  ? 141 ASP A C   1 
ATOM   705  O O   . ASP A 1 86  ? -8.611  7.693   11.733  1.00 31.70  ? 141 ASP A O   1 
ATOM   706  C CB  . ASP A 1 86  ? -8.911  5.368   13.480  1.00 27.27  ? 141 ASP A CB  1 
ATOM   707  C CG  . ASP A 1 86  ? -10.008 4.554   12.837  1.00 45.66  ? 141 ASP A CG  1 
ATOM   708  O OD1 . ASP A 1 86  ? -9.926  4.361   11.598  1.00 36.18  ? 141 ASP A OD1 1 
ATOM   709  O OD2 . ASP A 1 86  ? -10.936 4.108   13.552  1.00 60.71  ? 141 ASP A OD2 1 
ATOM   710  N N   . ILE A 1 87  ? -7.993  6.152   10.199  1.00 35.28  ? 142 ILE A N   1 
ATOM   711  C CA  . ILE A 1 87  ? -8.280  6.983   9.028   1.00 25.81  ? 142 ILE A CA  1 
ATOM   712  C C   . ILE A 1 87  ? -8.853  6.094   7.937   1.00 26.64  ? 142 ILE A C   1 
ATOM   713  O O   . ILE A 1 87  ? -8.193  5.166   7.478   1.00 27.97  ? 142 ILE A O   1 
ATOM   714  C CB  . ILE A 1 87  ? -6.984  7.607   8.459   1.00 29.07  ? 142 ILE A CB  1 
ATOM   715  C CG1 . ILE A 1 87  ? -6.353  8.573   9.462   1.00 30.07  ? 142 ILE A CG1 1 
ATOM   716  C CG2 . ILE A 1 87  ? -7.306  8.319   7.151   1.00 27.42  ? 142 ILE A CG2 1 
ATOM   717  C CD1 . ILE A 1 87  ? -4.911  8.958   9.133   1.00 32.59  ? 142 ILE A CD1 1 
ATOM   718  N N   . ASP A 1 88  ? -10.061 6.391   7.489   1.00 31.29  ? 143 ASP A N   1 
ATOM   719  C CA  . ASP A 1 88  ? -10.651 5.534   6.483   1.00 24.83  ? 143 ASP A CA  1 
ATOM   720  C C   . ASP A 1 88  ? -9.735  5.520   5.276   1.00 33.04  ? 143 ASP A C   1 
ATOM   721  O O   . ASP A 1 88  ? -9.282  6.589   4.849   1.00 29.77  ? 143 ASP A O   1 
ATOM   722  C CB  . ASP A 1 88  ? -12.015 6.073   6.064   1.00 26.66  ? 143 ASP A CB  1 
ATOM   723  C CG  . ASP A 1 88  ? -12.809 5.061   5.302   1.00 33.58  ? 143 ASP A CG  1 
ATOM   724  O OD1 . ASP A 1 88  ? -13.463 5.441   4.307   1.00 32.63  ? 143 ASP A OD1 1 
ATOM   725  O OD2 . ASP A 1 88  ? -12.765 3.893   5.719   1.00 39.85  ? 143 ASP A OD2 1 
ATOM   726  N N   . GLY A 1 89  ? -9.417  4.323   4.774   1.00 21.31  ? 144 GLY A N   1 
ATOM   727  C CA  . GLY A 1 89  ? -8.601  4.212   3.567   1.00 24.80  ? 144 GLY A CA  1 
ATOM   728  C C   . GLY A 1 89  ? -7.102  4.127   3.765   1.00 27.77  ? 144 GLY A C   1 
ATOM   729  O O   . GLY A 1 89  ? -6.321  4.128   2.792   1.00 20.66  ? 144 GLY A O   1 
ATOM   730  N N   . VAL A 1 90  ? -6.706  4.060   5.033   1.00 21.70  ? 145 VAL A N   1 
ATOM   731  C CA  . VAL A 1 90  ? -5.317  3.957   5.437   1.00 19.98  ? 145 VAL A CA  1 
ATOM   732  C C   . VAL A 1 90  ? -5.115  2.765   6.387   1.00 23.57  ? 145 VAL A C   1 
ATOM   733  O O   . VAL A 1 90  ? -5.864  2.597   7.355   1.00 31.10  ? 145 VAL A O   1 
ATOM   734  C CB  . VAL A 1 90  ? -4.909  5.238   6.174   1.00 21.90  ? 145 VAL A CB  1 
ATOM   735  C CG1 . VAL A 1 90  ? -3.550  5.050   6.874   1.00 21.68  ? 145 VAL A CG1 1 
ATOM   736  C CG2 . VAL A 1 90  ? -4.911  6.410   5.206   1.00 22.59  ? 145 VAL A CG2 1 
ATOM   737  N N   . TYR A 1 91  ? -4.121  1.924   6.101   1.00 20.57  ? 146 TYR A N   1 
ATOM   738  C CA  . TYR A 1 91  ? -3.823  0.803   6.993   1.00 18.95  ? 146 TYR A CA  1 
ATOM   739  C C   . TYR A 1 91  ? -2.319  0.824   7.357   1.00 26.08  ? 146 TYR A C   1 
ATOM   740  O O   . TYR A 1 91  ? -1.460  0.571   6.498   1.00 23.88  ? 146 TYR A O   1 
ATOM   741  C CB  . TYR A 1 91  ? -4.219  -0.496  6.332   1.00 17.34  ? 146 TYR A CB  1 
ATOM   742  C CG  . TYR A 1 91  ? -4.172  -1.654  7.282   1.00 20.72  ? 146 TYR A CG  1 
ATOM   743  C CD1 . TYR A 1 91  ? -5.315  -2.047  7.982   1.00 22.17  ? 146 TYR A CD1 1 
ATOM   744  C CD2 . TYR A 1 91  ? -2.980  -2.357  7.509   1.00 22.46  ? 146 TYR A CD2 1 
ATOM   745  C CE1 . TYR A 1 91  ? -5.281  -3.106  8.880   1.00 23.65  ? 146 TYR A CE1 1 
ATOM   746  C CE2 . TYR A 1 91  ? -2.936  -3.426  8.409   1.00 21.26  ? 146 TYR A CE2 1 
ATOM   747  C CZ  . TYR A 1 91  ? -4.096  -3.788  9.087   1.00 26.17  ? 146 TYR A CZ  1 
ATOM   748  O OH  . TYR A 1 91  ? -4.100  -4.826  9.984   1.00 22.59  ? 146 TYR A OH  1 
ATOM   749  N N   . TRP A 1 92  ? -2.010  1.126   8.624   1.00 19.29  ? 147 TRP A N   1 
ATOM   750  C CA  . TRP A 1 92  ? -0.618  1.229   9.080   1.00 19.25  ? 147 TRP A CA  1 
ATOM   751  C C   . TRP A 1 92  ? 0.035   -0.110  9.308   1.00 18.53  ? 147 TRP A C   1 
ATOM   752  O O   . TRP A 1 92  ? -0.582  -1.041  9.808   1.00 18.08  ? 147 TRP A O   1 
ATOM   753  C CB  . TRP A 1 92  ? -0.525  2.043   10.376  1.00 19.02  ? 147 TRP A CB  1 
ATOM   754  C CG  . TRP A 1 92  ? -1.179  3.359   10.273  1.00 20.80  ? 147 TRP A CG  1 
ATOM   755  C CD1 . TRP A 1 92  ? -2.476  3.651   10.576  1.00 17.48  ? 147 TRP A CD1 1 
ATOM   756  C CD2 . TRP A 1 92  ? -0.595  4.570   9.787   1.00 19.42  ? 147 TRP A CD2 1 
ATOM   757  N NE1 . TRP A 1 92  ? -2.735  4.971   10.311  1.00 17.11  ? 147 TRP A NE1 1 
ATOM   758  C CE2 . TRP A 1 92  ? -1.598  5.562   9.828   1.00 19.44  ? 147 TRP A CE2 1 
ATOM   759  C CE3 . TRP A 1 92  ? 0.681   4.915   9.334   1.00 17.83  ? 147 TRP A CE3 1 
ATOM   760  C CZ2 . TRP A 1 92  ? -1.365  6.882   9.426   1.00 21.41  ? 147 TRP A CZ2 1 
ATOM   761  C CZ3 . TRP A 1 92  ? 0.919   6.217   8.946   1.00 19.11  ? 147 TRP A CZ3 1 
ATOM   762  C CH2 . TRP A 1 92  ? -0.098  7.190   8.987   1.00 22.20  ? 147 TRP A CH2 1 
ATOM   763  N N   . VAL A 1 93  ? 1.295   -0.214  8.935   1.00 16.43  ? 148 VAL A N   1 
ATOM   764  C CA  . VAL A 1 93  ? 2.002   -1.441  9.157   1.00 16.60  ? 148 VAL A CA  1 
ATOM   765  C C   . VAL A 1 93  ? 3.416   -1.067  9.489   1.00 17.50  ? 148 VAL A C   1 
ATOM   766  O O   . VAL A 1 93  ? 3.922   -0.073  8.979   1.00 16.50  ? 148 VAL A O   1 
ATOM   767  C CB  . VAL A 1 93  ? 2.051   -2.396  7.885   1.00 17.34  ? 148 VAL A CB  1 
ATOM   768  C CG1 . VAL A 1 93  ? 0.670   -3.013  7.604   1.00 16.13  ? 148 VAL A CG1 1 
ATOM   769  C CG2 . VAL A 1 93  ? 2.631   -1.661  6.662   1.00 16.46  ? 148 VAL A CG2 1 
ATOM   770  N N   . ALA A 1 94  ? 4.039   -1.852  10.357  1.00 21.30  ? 149 ALA A N   1 
ATOM   771  C CA  . ALA A 1 94  ? 5.426   -1.632  10.683  1.00 19.72  ? 149 ALA A CA  1 
ATOM   772  C C   . ALA A 1 94  ? 6.106   -2.847  11.289  1.00 21.52  ? 149 ALA A C   1 
ATOM   773  O O   . ALA A 1 94  ? 5.521   -3.584  12.090  1.00 28.66  ? 149 ALA A O   1 
ATOM   774  C CB  . ALA A 1 94  ? 5.577   -0.456  11.624  1.00 20.99  ? 149 ALA A CB  1 
ATOM   775  N N   . SER A 1 95  ? 7.346   -3.056  10.879  1.00 20.29  ? 150 SER A N   1 
ATOM   776  C CA  . SER A 1 95  ? 8.173   -4.109  11.441  1.00 20.87  ? 150 SER A CA  1 
ATOM   777  C C   . SER A 1 95  ? 8.370   -3.837  12.940  1.00 22.12  ? 150 SER A C   1 
ATOM   778  O O   . SER A 1 95  ? 8.386   -2.685  13.382  1.00 22.54  ? 150 SER A O   1 
ATOM   779  C CB  . SER A 1 95  ? 9.516   -4.087  10.766  1.00 25.58  ? 150 SER A CB  1 
ATOM   780  O OG  . SER A 1 95  ? 10.528  -3.913  11.738  1.00 25.64  ? 150 SER A OG  1 
ATOM   781  N N   . ASN A 1 96  ? 8.583   -4.889  13.722  1.00 23.89  ? 151 ASN A N   1 
ATOM   782  C CA  . ASN A 1 96  ? 8.695   -4.617  15.143  1.00 27.02  ? 151 ASN A CA  1 
ATOM   783  C C   . ASN A 1 96  ? 9.994   -3.948  15.570  1.00 29.81  ? 151 ASN A C   1 
ATOM   784  O O   . ASN A 1 96  ? 10.171  -3.637  16.742  1.00 39.98  ? 151 ASN A O   1 
ATOM   785  C CB  . ASN A 1 96  ? 8.328   -5.854  15.999  1.00 27.46  ? 151 ASN A CB  1 
ATOM   786  C CG  . ASN A 1 96  ? 9.059   -7.100  15.582  1.00 45.97  ? 151 ASN A CG  1 
ATOM   787  O OD1 . ASN A 1 96  ? 10.199  -7.033  15.115  1.00 27.61  ? 151 ASN A OD1 1 
ATOM   788  N ND2 . ASN A 1 96  ? 8.420   -8.260  15.768  1.00 42.23  ? 151 ASN A ND2 1 
ATOM   789  N N   . GLN A 1 97  ? 10.868  -3.666  14.602  1.00 24.93  ? 152 GLN A N   1 
ATOM   790  C CA  . GLN A 1 97  ? 12.114  -2.928  14.871  1.00 25.56  ? 152 GLN A CA  1 
ATOM   791  C C   . GLN A 1 97  ? 11.923  -1.429  14.608  1.00 29.23  ? 152 GLN A C   1 
ATOM   792  O O   . GLN A 1 97  ? 12.813  -0.629  14.891  1.00 35.83  ? 152 GLN A O   1 
ATOM   793  C CB  . GLN A 1 97  ? 13.234  -3.371  13.926  1.00 24.96  ? 152 GLN A CB  1 
ATOM   794  C CG  . GLN A 1 97  ? 13.293  -4.846  13.713  1.00 25.25  ? 152 GLN A CG  1 
ATOM   795  C CD  . GLN A 1 97  ? 13.802  -5.542  14.957  1.00 40.67  ? 152 GLN A CD  1 
ATOM   796  O OE1 . GLN A 1 97  ? 14.902  -5.232  15.448  1.00 31.92  ? 152 GLN A OE1 1 
ATOM   797  N NE2 . GLN A 1 97  ? 13.011  -6.476  15.489  1.00 41.07  ? 152 GLN A NE2 1 
ATOM   798  N N   . ALA A 1 98  ? 10.787  -1.057  14.043  1.00 22.33  ? 153 ALA A N   1 
ATOM   799  C CA  . ALA A 1 98  ? 10.595  0.325   13.700  1.00 28.58  ? 153 ALA A CA  1 
ATOM   800  C C   . ALA A 1 98  ? 10.045  1.173   14.814  1.00 28.88  ? 153 ALA A C   1 
ATOM   801  O O   . ALA A 1 98  ? 9.119   0.768   15.523  1.00 29.01  ? 153 ALA A O   1 
ATOM   802  C CB  . ALA A 1 98  ? 9.641   0.430   12.487  1.00 28.90  ? 153 ALA A CB  1 
ATOM   803  N N   . ASP A 1 99  ? 10.635  2.352   14.970  1.00 31.32  ? 154 ASP A N   1 
ATOM   804  C CA  . ASP A 1 99  ? 10.104  3.334   15.915  1.00 30.53  ? 154 ASP A CA  1 
ATOM   805  C C   . ASP A 1 99  ? 9.162   4.213   15.056  1.00 28.90  ? 154 ASP A C   1 
ATOM   806  O O   . ASP A 1 99  ? 9.618   5.009   14.220  1.00 31.50  ? 154 ASP A O   1 
ATOM   807  C CB  . ASP A 1 99  ? 11.209  4.187   16.497  1.00 31.31  ? 154 ASP A CB  1 
ATOM   808  C CG  . ASP A 1 99  ? 10.711  5.101   17.602  1.00 30.24  ? 154 ASP A CG  1 
ATOM   809  O OD1 . ASP A 1 99  ? 9.655   5.746   17.435  1.00 29.13  ? 154 ASP A OD1 1 
ATOM   810  O OD2 . ASP A 1 99  ? 11.398  5.182   18.638  1.00 31.89  ? 154 ASP A OD2 1 
ATOM   811  N N   . VAL A 1 100 ? 7.857   4.083   15.291  1.00 22.87  ? 155 VAL A N   1 
ATOM   812  C CA  . VAL A 1 100 ? 6.911   4.812   14.473  1.00 31.50  ? 155 VAL A CA  1 
ATOM   813  C C   . VAL A 1 100 ? 6.745   6.288   14.809  1.00 32.33  ? 155 VAL A C   1 
ATOM   814  O O   . VAL A 1 100 ? 5.850   6.959   14.290  1.00 32.78  ? 155 VAL A O   1 
ATOM   815  C CB  . VAL A 1 100 ? 5.505   4.101   14.421  1.00 25.95  ? 155 VAL A CB  1 
ATOM   816  C CG1 . VAL A 1 100 ? 5.603   2.733   13.706  1.00 21.92  ? 155 VAL A CG1 1 
ATOM   817  C CG2 . VAL A 1 100 ? 4.959   3.941   15.798  1.00 22.53  ? 155 VAL A CG2 1 
ATOM   818  N N   . ASN A 1 101 ? 7.630   6.815   15.648  1.00 30.56  ? 156 ASN A N   1 
ATOM   819  C CA  . ASN A 1 101 ? 7.563   8.230   16.015  1.00 26.82  ? 156 ASN A CA  1 
ATOM   820  C C   . ASN A 1 101 ? 8.374   9.147   15.090  1.00 30.74  ? 156 ASN A C   1 
ATOM   821  O O   . ASN A 1 101 ? 8.205   10.358  15.097  1.00 38.58  ? 156 ASN A O   1 
ATOM   822  C CB  . ASN A 1 101 ? 8.015   8.422   17.464  1.00 33.68  ? 156 ASN A CB  1 
ATOM   823  C CG  . ASN A 1 101 ? 6.920   8.090   18.460  1.00 33.66  ? 156 ASN A CG  1 
ATOM   824  O OD1 . ASN A 1 101 ? 5.750   7.973   18.091  1.00 46.23  ? 156 ASN A OD1 1 
ATOM   825  N ND2 . ASN A 1 101 ? 7.288   7.958   19.729  1.00 28.64  ? 156 ASN A ND2 1 
ATOM   826  N N   . THR A 1 102 ? 9.265   8.576   14.297  1.00 41.30  ? 157 THR A N   1 
ATOM   827  C CA  . THR A 1 102 ? 10.038  9.407   13.390  1.00 37.79  ? 157 THR A CA  1 
ATOM   828  C C   . THR A 1 102 ? 9.749   8.900   11.980  1.00 39.24  ? 157 THR A C   1 
ATOM   829  O O   . THR A 1 102 ? 9.554   7.699   11.773  1.00 34.68  ? 157 THR A O   1 
ATOM   830  C CB  . THR A 1 102 ? 11.579  9.335   13.692  1.00 39.25  ? 157 THR A CB  1 
ATOM   831  O OG1 . THR A 1 102 ? 12.150  8.206   13.031  1.00 37.86  ? 157 THR A OG1 1 
ATOM   832  C CG2 . THR A 1 102 ? 11.850  9.211   15.188  1.00 28.38  ? 157 THR A CG2 1 
ATOM   833  N N   . PRO A 1 103 ? 9.671   9.813   10.997  1.00 42.96  ? 158 PRO A N   1 
ATOM   834  C CA  . PRO A 1 103 ? 9.394   9.397   9.621   1.00 29.85  ? 158 PRO A CA  1 
ATOM   835  C C   . PRO A 1 103 ? 10.525  8.559   9.102   1.00 29.49  ? 158 PRO A C   1 
ATOM   836  O O   . PRO A 1 103 ? 11.656  8.699   9.554   1.00 33.67  ? 158 PRO A O   1 
ATOM   837  C CB  . PRO A 1 103 ? 9.337   10.706  8.848   1.00 30.47  ? 158 PRO A CB  1 
ATOM   838  C CG  . PRO A 1 103 ? 10.108  11.673  9.694   1.00 23.72  ? 158 PRO A CG  1 
ATOM   839  C CD  . PRO A 1 103 ? 9.804   11.278  11.094  1.00 35.01  ? 158 PRO A CD  1 
ATOM   840  N N   . ALA A 1 104 ? 10.206  7.710   8.137   1.00 36.28  ? 159 ALA A N   1 
ATOM   841  C CA  . ALA A 1 104 ? 11.220  6.901   7.504   1.00 29.24  ? 159 ALA A CA  1 
ATOM   842  C C   . ALA A 1 104 ? 12.089  7.870   6.728   1.00 33.52  ? 159 ALA A C   1 
ATOM   843  O O   . ALA A 1 104 ? 11.619  8.897   6.263   1.00 38.86  ? 159 ALA A O   1 
ATOM   844  C CB  . ALA A 1 104 ? 10.587  5.904   6.564   1.00 27.73  ? 159 ALA A CB  1 
ATOM   845  N N   . ASP A 1 105 ? 13.358  7.518   6.606   1.00 44.21  ? 160 ASP A N   1 
ATOM   846  C CA  . ASP A 1 105 ? 14.352  8.334   5.916   1.00 39.23  ? 160 ASP A CA  1 
ATOM   847  C C   . ASP A 1 105 ? 14.427  7.813   4.479   1.00 49.03  ? 160 ASP A C   1 
ATOM   848  O O   . ASP A 1 105 ? 15.412  7.171   4.113   1.00 43.13  ? 160 ASP A O   1 
ATOM   849  C CB  . ASP A 1 105 ? 15.694  8.133   6.627   1.00 46.64  ? 160 ASP A CB  1 
ATOM   850  C CG  . ASP A 1 105 ? 16.699  9.199   6.276   1.00 62.29  ? 160 ASP A CG  1 
ATOM   851  O OD1 . ASP A 1 105 ? 17.794  9.216   6.895   1.00 58.69  ? 160 ASP A OD1 1 
ATOM   852  O OD2 . ASP A 1 105 ? 16.383  10.019  5.380   1.00 60.45  ? 160 ASP A OD2 1 
ATOM   853  N N   . ILE A 1 106 ? 13.411  8.095   3.666   1.00 41.37  ? 161 ILE A N   1 
ATOM   854  C CA  . ILE A 1 106 ? 13.367  7.526   2.313   1.00 42.47  ? 161 ILE A CA  1 
ATOM   855  C C   . ILE A 1 106 ? 12.625  8.381   1.291   1.00 50.09  ? 161 ILE A C   1 
ATOM   856  O O   . ILE A 1 106 ? 11.470  8.745   1.490   1.00 55.83  ? 161 ILE A O   1 
ATOM   857  C CB  . ILE A 1 106 ? 12.705  6.120   2.366   1.00 45.95  ? 161 ILE A CB  1 
ATOM   858  C CG1 . ILE A 1 106 ? 13.501  5.187   3.301   1.00 45.75  ? 161 ILE A CG1 1 
ATOM   859  C CG2 . ILE A 1 106 ? 12.587  5.540   0.955   1.00 35.87  ? 161 ILE A CG2 1 
ATOM   860  C CD1 . ILE A 1 106 ? 14.892  4.728   2.802   1.00 32.59  ? 161 ILE A CD1 1 
ATOM   861  N N   . VAL A 1 107 ? 13.277  8.653   0.166   1.00 45.96  ? 162 VAL A N   1 
ATOM   862  C CA  . VAL A 1 107 ? 12.685  9.535   -0.823  1.00 50.93  ? 162 VAL A CA  1 
ATOM   863  C C   . VAL A 1 107 ? 11.615  8.860   -1.636  1.00 53.94  ? 162 VAL A C   1 
ATOM   864  O O   . VAL A 1 107 ? 11.643  7.642   -1.801  1.00 59.56  ? 162 VAL A O   1 
ATOM   865  C CB  . VAL A 1 107 ? 13.713  10.039  -1.875  1.00 55.21  ? 162 VAL A CB  1 
ATOM   866  C CG1 . VAL A 1 107 ? 13.151  11.266  -2.544  1.00 45.99  ? 162 VAL A CG1 1 
ATOM   867  C CG2 . VAL A 1 107 ? 15.091  10.321  -1.250  1.00 42.92  ? 162 VAL A CG2 1 
ATOM   868  N N   . ASP A 1 108 ? 10.675  9.648   -2.155  1.00 45.32  ? 163 ASP A N   1 
ATOM   869  C CA  . ASP A 1 108 ? 9.663   9.086   -3.032  1.00 46.65  ? 163 ASP A CA  1 
ATOM   870  C C   . ASP A 1 108 ? 10.325  8.474   -4.279  1.00 54.87  ? 163 ASP A C   1 
ATOM   871  O O   . ASP A 1 108 ? 11.560  8.430   -4.389  1.00 45.41  ? 163 ASP A O   1 
ATOM   872  C CB  . ASP A 1 108 ? 8.615   10.133  -3.396  1.00 43.78  ? 163 ASP A CB  1 
ATOM   873  C CG  . ASP A 1 108 ? 7.645   10.357  -2.264  1.00 59.14  ? 163 ASP A CG  1 
ATOM   874  O OD1 . ASP A 1 108 ? 7.783   9.628   -1.259  1.00 63.38  ? 163 ASP A OD1 1 
ATOM   875  O OD2 . ASP A 1 108 ? 6.752   11.233  -2.370  1.00 45.88  ? 163 ASP A OD2 1 
ATOM   876  N N   . ARG A 1 109 ? 9.499   7.990   -5.197  1.00 39.93  ? 164 ARG A N   1 
ATOM   877  C CA  . ARG A 1 109 ? 10.006  7.303   -6.362  1.00 42.31  ? 164 ARG A CA  1 
ATOM   878  C C   . ARG A 1 109 ? 9.680   8.000   -7.644  1.00 47.15  ? 164 ARG A C   1 
ATOM   879  O O   . ARG A 1 109 ? 8.524   8.006   -8.062  1.00 43.49  ? 164 ARG A O   1 
ATOM   880  C CB  . ARG A 1 109 ? 9.414   5.862   -6.420  1.00 43.35  ? 164 ARG A CB  1 
ATOM   881  C CG  . ARG A 1 109 ? 9.596   5.118   -7.764  1.00 26.28  ? 164 ARG A CG  1 
ATOM   882  C CD  . ARG A 1 109 ? 8.617   3.973   -7.902  1.00 19.93  ? 164 ARG A CD  1 
ATOM   883  N NE  . ARG A 1 109 ? 8.141   3.914   -9.273  1.00 25.51  ? 164 ARG A NE  1 
ATOM   884  C CZ  . ARG A 1 109 ? 6.920   3.550   -9.657  1.00 26.34  ? 164 ARG A CZ  1 
ATOM   885  N NH1 . ARG A 1 109 ? 6.635   3.553   -10.942 1.00 34.86  ? 164 ARG A NH1 1 
ATOM   886  N NH2 . ARG A 1 109 ? 5.989   3.188   -8.793  1.00 24.36  ? 164 ARG A NH2 1 
ATOM   887  N N   . ASP A 1 110 ? 10.689  8.610   -8.265  1.00 37.96  ? 165 ASP A N   1 
ATOM   888  C CA  . ASP A 1 110 ? 10.496  9.244   -9.597  1.00 48.55  ? 165 ASP A CA  1 
ATOM   889  C C   . ASP A 1 110 ? 10.082  8.092   -10.554 1.00 44.64  ? 165 ASP A C   1 
ATOM   890  O O   . ASP A 1 110 ? 10.912  7.324   -11.042 1.00 48.40  ? 165 ASP A O   1 
ATOM   891  C CB  . ASP A 1 110 ? 11.780  9.936   -10.052 1.00 49.70  ? 165 ASP A CB  1 
ATOM   892  C CG  . ASP A 1 110 ? 11.779  10.195  -11.539 1.00 52.69  ? 165 ASP A CG  1 
ATOM   893  O OD1 . ASP A 1 110 ? 12.853  10.438  -12.136 1.00 56.37  ? 165 ASP A OD1 1 
ATOM   894  O OD2 . ASP A 1 110 ? 10.673  10.141  -12.114 1.00 45.28  ? 165 ASP A OD2 1 
ATOM   895  N N   . PRO A 1 111 ? 8.782   8.038   -10.900 1.00 44.08  ? 166 PRO A N   1 
ATOM   896  C CA  . PRO A 1 111 ? 8.315   6.987   -11.811 1.00 37.38  ? 166 PRO A CA  1 
ATOM   897  C C   . PRO A 1 111 ? 8.930   6.929   -13.162 1.00 45.57  ? 166 PRO A C   1 
ATOM   898  O O   . PRO A 1 111 ? 8.417   6.225   -14.024 1.00 49.58  ? 166 PRO A O   1 
ATOM   899  C CB  . PRO A 1 111 ? 6.805   7.219   -11.885 1.00 44.11  ? 166 PRO A CB  1 
ATOM   900  C CG  . PRO A 1 111 ? 6.650   8.702   -11.657 1.00 39.61  ? 166 PRO A CG  1 
ATOM   901  C CD  . PRO A 1 111 ? 7.761   9.094   -10.713 1.00 48.57  ? 166 PRO A CD  1 
ATOM   902  N N   . SER A 1 112 ? 10.010  7.683   -13.362 1.00 49.97  ? 167 SER A N   1 
ATOM   903  C CA  . SER A 1 112 ? 10.668  7.787   -14.666 1.00 59.93  ? 167 SER A CA  1 
ATOM   904  C C   . SER A 1 112 ? 12.161  7.486   -14.598 1.00 52.46  ? 167 SER A C   1 
ATOM   905  O O   . SER A 1 112 ? 12.829  7.376   -15.621 1.00 57.81  ? 167 SER A O   1 
ATOM   906  C CB  . SER A 1 112 ? 10.394  9.161   -15.286 1.00 55.02  ? 167 SER A CB  1 
ATOM   907  O OG  . SER A 1 112 ? 9.049   9.270   -15.734 1.00 59.73  ? 167 SER A OG  1 
ATOM   908  N N   . SER A 1 113 ? 12.673  7.390   -13.375 1.00 55.43  ? 168 SER A N   1 
ATOM   909  C CA  . SER A 1 113 ? 14.036  6.943   -13.148 1.00 51.73  ? 168 SER A CA  1 
ATOM   910  C C   . SER A 1 113 ? 13.961  5.688   -12.252 1.00 68.17  ? 168 SER A C   1 
ATOM   911  O O   . SER A 1 113 ? 14.959  5.320   -11.635 1.00 68.48  ? 168 SER A O   1 
ATOM   912  C CB  . SER A 1 113 ? 14.911  7.997   -12.506 1.00 51.93  ? 168 SER A CB  1 
ATOM   913  O OG  . SER A 1 113 ? 14.368  8.417   -11.272 1.00 56.29  ? 168 SER A OG  1 
ATOM   914  N N   . ASP A 1 114 ? 12.773  5.073   -12.162 1.00 62.23  ? 169 ASP A N   1 
ATOM   915  C CA  . ASP A 1 114 ? 12.595  3.815   -11.431 1.00 39.71  ? 169 ASP A CA  1 
ATOM   916  C C   . ASP A 1 114 ? 11.232  3.145   -11.610 1.00 36.04  ? 169 ASP A C   1 
ATOM   917  O O   . ASP A 1 114 ? 10.206  3.820   -11.582 1.00 39.39  ? 169 ASP A O   1 
ATOM   918  C CB  . ASP A 1 114 ? 12.823  4.008   -9.937  1.00 32.59  ? 169 ASP A CB  1 
ATOM   919  C CG  . ASP A 1 114 ? 14.279  4.139   -9.593  1.00 51.52  ? 169 ASP A CG  1 
ATOM   920  O OD1 . ASP A 1 114 ? 14.731  5.276   -9.328  1.00 52.80  ? 169 ASP A OD1 1 
ATOM   921  O OD2 . ASP A 1 114 ? 14.971  3.098   -9.598  1.00 62.91  ? 169 ASP A OD2 1 
ATOM   922  N N   . GLU A 1 115 ? 11.207  1.833   -11.838 1.00 34.58  ? 170 GLU A N   1 
ATOM   923  C CA  . GLU A 1 115 ? 9.918   1.143   -11.892 1.00 42.53  ? 170 GLU A CA  1 
ATOM   924  C C   . GLU A 1 115 ? 9.517   0.722   -10.452 1.00 30.09  ? 170 GLU A C   1 
ATOM   925  O O   . GLU A 1 115 ? 10.305  0.847   -9.502  1.00 21.75  ? 170 GLU A O   1 
ATOM   926  C CB  . GLU A 1 115 ? 9.991   -0.090  -12.800 1.00 42.26  ? 170 GLU A CB  1 
ATOM   927  C CG  . GLU A 1 115 ? 8.616   -0.580  -13.277 1.00 54.04  ? 170 GLU A CG  1 
ATOM   928  C CD  . GLU A 1 115 ? 8.384   -0.375  -14.780 1.00 66.64  ? 170 GLU A CD  1 
ATOM   929  O OE1 . GLU A 1 115 ? 8.782   0.692   -15.309 1.00 59.20  ? 170 GLU A OE1 1 
ATOM   930  O OE2 . GLU A 1 115 ? 7.789   -1.282  -15.420 1.00 52.51  ? 170 GLU A OE2 1 
ATOM   931  N N   . ALA A 1 116 ? 8.278   0.276   -10.273 1.00 22.12  ? 171 ALA A N   1 
ATOM   932  C CA  . ALA A 1 116 ? 7.894   -0.142  -8.947  1.00 26.05  ? 171 ALA A CA  1 
ATOM   933  C C   . ALA A 1 116 ? 8.507   -1.486  -8.657  1.00 26.04  ? 171 ALA A C   1 
ATOM   934  O O   . ALA A 1 116 ? 8.542   -2.370  -9.519  1.00 25.15  ? 171 ALA A O   1 
ATOM   935  C CB  . ALA A 1 116 ? 6.361   -0.299  -8.823  1.00 17.72  ? 171 ALA A CB  1 
ATOM   936  N N   . ILE A 1 117 ? 9.061   -1.598  -7.469  1.00 24.47  ? 172 ILE A N   1 
ATOM   937  C CA  . ILE A 1 117 ? 9.485   -2.875  -7.021  1.00 26.87  ? 172 ILE A CA  1 
ATOM   938  C C   . ILE A 1 117 ? 8.224   -3.750  -6.788  1.00 22.00  ? 172 ILE A C   1 
ATOM   939  O O   . ILE A 1 117 ? 7.299   -3.363  -6.076  1.00 23.54  ? 172 ILE A O   1 
ATOM   940  C CB  . ILE A 1 117 ? 10.154  -2.755  -5.634  1.00 28.00  ? 172 ILE A CB  1 
ATOM   941  C CG1 . ILE A 1 117 ? 11.378  -1.855  -5.780  1.00 24.55  ? 172 ILE A CG1 1 
ATOM   942  C CG2 . ILE A 1 117 ? 10.527  -4.126  -5.085  1.00 21.97  ? 172 ILE A CG2 1 
ATOM   943  C CD1 . ILE A 1 117 ? 11.949  -1.345  -4.458  1.00 32.59  ? 172 ILE A CD1 1 
ATOM   944  N N   . PRO A 1 118 ? 8.151   -4.899  -7.464  1.00 26.64  ? 173 PRO A N   1 
ATOM   945  C CA  . PRO A 1 118 ? 7.012   -5.848  -7.372  1.00 28.09  ? 173 PRO A CA  1 
ATOM   946  C C   . PRO A 1 118 ? 6.963   -6.227  -5.859  1.00 29.15  ? 173 PRO A C   1 
ATOM   947  O O   . PRO A 1 118 ? 8.011   -6.500  -5.253  1.00 23.85  ? 173 PRO A O   1 
ATOM   948  C CB  . PRO A 1 118 ? 7.481   -7.050  -8.160  1.00 24.62  ? 173 PRO A CB  1 
ATOM   949  C CG  . PRO A 1 118 ? 8.511   -6.501  -9.103  1.00 23.61  ? 173 PRO A CG  1 
ATOM   950  C CD  . PRO A 1 118 ? 9.196   -5.383  -8.380  1.00 22.21  ? 173 PRO A CD  1 
ATOM   951  N N   . THR A 1 119 ? 5.752   -6.320  -5.311  1.00 27.80  ? 174 THR A N   1 
ATOM   952  C CA  . THR A 1 119 ? 5.548   -6.521  -3.881  1.00 23.23  ? 174 THR A CA  1 
ATOM   953  C C   . THR A 1 119 ? 5.693   -7.927  -3.344  1.00 23.38  ? 174 THR A C   1 
ATOM   954  O O   . THR A 1 119 ? 4.927   -8.802  -3.719  1.00 26.57  ? 174 THR A O   1 
ATOM   955  C CB  . THR A 1 119 ? 4.153   -5.968  -3.531  1.00 27.33  ? 174 THR A CB  1 
ATOM   956  O OG1 . THR A 1 119 ? 4.120   -4.562  -3.834  1.00 26.16  ? 174 THR A OG1 1 
ATOM   957  C CG2 . THR A 1 119 ? 3.787   -6.222  -2.049  1.00 21.28  ? 174 THR A CG2 1 
ATOM   958  N N   . ARG A 1 120 ? 6.678   -8.152  -2.480  1.00 23.44  ? 175 ARG A N   1 
ATOM   959  C CA  . ARG A 1 120 ? 6.899   -9.463  -1.856  1.00 21.08  ? 175 ARG A CA  1 
ATOM   960  C C   . ARG A 1 120 ? 6.852   -9.256  -0.352  1.00 20.08  ? 175 ARG A C   1 
ATOM   961  O O   . ARG A 1 120 ? 7.074   -8.158  0.144   1.00 17.67  ? 175 ARG A O   1 
ATOM   962  C CB  . ARG A 1 120 ? 8.337   -9.981  -2.049  1.00 20.25  ? 175 ARG A CB  1 
ATOM   963  C CG  . ARG A 1 120 ? 8.817   -10.379 -3.399  1.00 34.99  ? 175 ARG A CG  1 
ATOM   964  C CD  . ARG A 1 120 ? 10.023  -11.338 -3.222  1.00 40.67  ? 175 ARG A CD  1 
ATOM   965  N NE  . ARG A 1 120 ? 11.163  -10.766 -2.490  1.00 34.61  ? 175 ARG A NE  1 
ATOM   966  C CZ  . ARG A 1 120 ? 11.768  -11.301 -1.422  1.00 38.65  ? 175 ARG A CZ  1 
ATOM   967  N NH1 . ARG A 1 120 ? 11.385  -12.464 -0.882  1.00 37.14  ? 175 ARG A NH1 1 
ATOM   968  N NH2 . ARG A 1 120 ? 12.799  -10.659 -0.898  1.00 38.97  ? 175 ARG A NH2 1 
ATOM   969  N N   . PHE A 1 121 ? 6.652   -10.352 0.363   1.00 17.72  ? 176 PHE A N   1 
ATOM   970  C CA  . PHE A 1 121 ? 6.737   -10.322 1.812   1.00 18.76  ? 176 PHE A CA  1 
ATOM   971  C C   . PHE A 1 121 ? 7.656   -11.440 2.317   1.00 18.56  ? 176 PHE A C   1 
ATOM   972  O O   . PHE A 1 121 ? 7.920   -12.404 1.611   1.00 18.01  ? 176 PHE A O   1 
ATOM   973  C CB  . PHE A 1 121 ? 5.358   -10.481 2.416   1.00 19.84  ? 176 PHE A CB  1 
ATOM   974  C CG  . PHE A 1 121 ? 4.435   -9.379  2.036   1.00 17.64  ? 176 PHE A CG  1 
ATOM   975  C CD1 . PHE A 1 121 ? 4.608   -8.100  2.546   1.00 17.48  ? 176 PHE A CD1 1 
ATOM   976  C CD2 . PHE A 1 121 ? 3.400   -9.602  1.167   1.00 17.10  ? 176 PHE A CD2 1 
ATOM   977  C CE1 . PHE A 1 121 ? 3.768   -7.084  2.197   1.00 17.52  ? 176 PHE A CE1 1 
ATOM   978  C CE2 . PHE A 1 121 ? 2.565   -8.586  0.822   1.00 19.71  ? 176 PHE A CE2 1 
ATOM   979  C CZ  . PHE A 1 121 ? 2.749   -7.327  1.338   1.00 18.26  ? 176 PHE A CZ  1 
ATOM   980  N N   . PRO A 1 122 ? 8.193   -11.301 3.532   1.00 27.95  ? 177 PRO A N   1 
ATOM   981  C CA  . PRO A 1 122 ? 9.068   -12.366 4.044   1.00 24.56  ? 177 PRO A CA  1 
ATOM   982  C C   . PRO A 1 122 ? 8.294   -13.661 4.348   1.00 20.48  ? 177 PRO A C   1 
ATOM   983  O O   . PRO A 1 122 ? 7.075   -13.645 4.559   1.00 18.42  ? 177 PRO A O   1 
ATOM   984  C CB  . PRO A 1 122 ? 9.689   -11.769 5.299   1.00 24.39  ? 177 PRO A CB  1 
ATOM   985  C CG  . PRO A 1 122 ? 8.889   -10.599 5.636   1.00 17.81  ? 177 PRO A CG  1 
ATOM   986  C CD  . PRO A 1 122 ? 8.251   -10.096 4.379   1.00 20.00  ? 177 PRO A CD  1 
ATOM   987  N N   . PRO A 1 123 ? 9.010   -14.799 4.411   1.00 25.94  ? 178 PRO A N   1 
ATOM   988  C CA  . PRO A 1 123 ? 8.356   -16.077 4.704   1.00 22.30  ? 178 PRO A CA  1 
ATOM   989  C C   . PRO A 1 123 ? 7.540   -15.958 5.965   1.00 18.62  ? 178 PRO A C   1 
ATOM   990  O O   . PRO A 1 123 ? 8.005   -15.358 6.917   1.00 18.05  ? 178 PRO A O   1 
ATOM   991  C CB  . PRO A 1 123 ? 9.520   -17.048 4.904   1.00 22.07  ? 178 PRO A CB  1 
ATOM   992  C CG  . PRO A 1 123 ? 10.690  -16.408 4.270   1.00 21.50  ? 178 PRO A CG  1 
ATOM   993  C CD  . PRO A 1 123 ? 10.482  -14.936 4.346   1.00 24.00  ? 178 PRO A CD  1 
ATOM   994  N N   . GLY A 1 124 ? 6.327   -16.502 5.984   1.00 17.38  ? 179 GLY A N   1 
ATOM   995  C CA  . GLY A 1 124 ? 5.561   -16.463 7.215   1.00 18.04  ? 179 GLY A CA  1 
ATOM   996  C C   . GLY A 1 124 ? 4.517   -15.391 7.283   1.00 21.10  ? 179 GLY A C   1 
ATOM   997  O O   . GLY A 1 124 ? 3.615   -15.429 8.127   1.00 22.32  ? 179 GLY A O   1 
ATOM   998  N N   . THR A 1 125 ? 4.640   -14.420 6.387   1.00 23.67  ? 180 THR A N   1 
ATOM   999  C CA  . THR A 1 125 ? 3.689   -13.337 6.331   1.00 24.70  ? 180 THR A CA  1 
ATOM   1000 C C   . THR A 1 125 ? 2.298   -13.856 5.986   1.00 21.56  ? 180 THR A C   1 
ATOM   1001 O O   . THR A 1 125 ? 2.122   -14.615 5.039   1.00 18.40  ? 180 THR A O   1 
ATOM   1002 C CB  . THR A 1 125 ? 4.110   -12.296 5.294   1.00 28.62  ? 180 THR A CB  1 
ATOM   1003 O OG1 . THR A 1 125 ? 5.447   -11.840 5.582   1.00 26.80  ? 180 THR A OG1 1 
ATOM   1004 C CG2 . THR A 1 125 ? 3.125   -11.129 5.333   1.00 19.52  ? 180 THR A CG2 1 
ATOM   1005 N N   . VAL A 1 126 ? 1.322   -13.463 6.797   1.00 22.24  ? 181 VAL A N   1 
ATOM   1006 C CA  . VAL A 1 126 ? -0.076  -13.848 6.604   1.00 25.11  ? 181 VAL A CA  1 
ATOM   1007 C C   . VAL A 1 126 ? -0.713  -12.906 5.574   1.00 25.09  ? 181 VAL A C   1 
ATOM   1008 O O   . VAL A 1 126 ? -0.959  -11.738 5.853   1.00 23.06  ? 181 VAL A O   1 
ATOM   1009 C CB  . VAL A 1 126 ? -0.850  -13.763 7.966   1.00 36.03  ? 181 VAL A CB  1 
ATOM   1010 C CG1 . VAL A 1 126 ? -2.289  -14.276 7.819   1.00 23.24  ? 181 VAL A CG1 1 
ATOM   1011 C CG2 . VAL A 1 126 ? -0.089  -14.553 9.044   1.00 24.23  ? 181 VAL A CG2 1 
ATOM   1012 N N   . LEU A 1 127 ? -0.961  -13.426 4.383   1.00 29.02  ? 182 LEU A N   1 
ATOM   1013 C CA  . LEU A 1 127 ? -1.568  -12.655 3.304   1.00 26.78  ? 182 LEU A CA  1 
ATOM   1014 C C   . LEU A 1 127 ? -3.085  -12.540 3.451   1.00 29.36  ? 182 LEU A C   1 
ATOM   1015 O O   . LEU A 1 127 ? -3.771  -13.514 3.765   1.00 32.54  ? 182 LEU A O   1 
ATOM   1016 C CB  . LEU A 1 127 ? -1.237  -13.321 1.973   1.00 21.17  ? 182 LEU A CB  1 
ATOM   1017 C CG  . LEU A 1 127 ? 0.271   -13.406 1.720   1.00 21.40  ? 182 LEU A CG  1 
ATOM   1018 C CD1 . LEU A 1 127 ? 0.557   -14.492 0.721   1.00 31.73  ? 182 LEU A CD1 1 
ATOM   1019 C CD2 . LEU A 1 127 ? 0.807   -12.098 1.217   1.00 17.99  ? 182 LEU A CD2 1 
ATOM   1020 N N   . PRO A 1 128 ? -3.634  -11.339 3.215   1.00 27.44  ? 183 PRO A N   1 
ATOM   1021 C CA  . PRO A 1 128 ? -5.080  -11.104 3.319   1.00 26.32  ? 183 PRO A CA  1 
ATOM   1022 C C   . PRO A 1 128 ? -5.862  -11.825 2.239   1.00 24.25  ? 183 PRO A C   1 
ATOM   1023 O O   . PRO A 1 128 ? -5.701  -11.575 1.056   1.00 31.23  ? 183 PRO A O   1 
ATOM   1024 C CB  . PRO A 1 128 ? -5.203  -9.605  3.202   1.00 26.38  ? 183 PRO A CB  1 
ATOM   1025 C CG  . PRO A 1 128 ? -4.032  -9.207  2.396   1.00 26.15  ? 183 PRO A CG  1 
ATOM   1026 C CD  . PRO A 1 128 ? -2.917  -10.119 2.803   1.00 24.72  ? 183 PRO A CD  1 
ATOM   1027 N N   . GLN A 1 129 ? -6.720  -12.730 2.645   1.00 38.03  ? 184 GLN A N   1 
ATOM   1028 C CA  . GLN A 1 129 ? -7.455  -13.452 1.655   1.00 33.20  ? 184 GLN A CA  1 
ATOM   1029 C C   . GLN A 1 129 ? -8.360  -12.468 0.955   1.00 31.55  ? 184 GLN A C   1 
ATOM   1030 O O   . GLN A 1 129 ? -8.862  -11.532 1.569   1.00 27.29  ? 184 GLN A O   1 
ATOM   1031 C CB  . GLN A 1 129 ? -8.243  -14.559 2.338   1.00 32.30  ? 184 GLN A CB  1 
ATOM   1032 C CG  . GLN A 1 129 ? -7.891  -15.925 1.804   1.00 55.84  ? 184 GLN A CG  1 
ATOM   1033 C CD  . GLN A 1 129 ? -8.771  -16.993 2.406   1.00 72.48  ? 184 GLN A CD  1 
ATOM   1034 O OE1 . GLN A 1 129 ? -9.977  -16.785 2.598   1.00 58.31  ? 184 GLN A OE1 1 
ATOM   1035 N NE2 . GLN A 1 129 ? -8.183  -18.149 2.709   1.00 76.45  ? 184 GLN A NE2 1 
ATOM   1036 N N   . GLY A 1 130 ? -8.520  -12.653 -0.349  1.00 36.22  ? 185 GLY A N   1 
ATOM   1037 C CA  . GLY A 1 130 ? -9.400  -11.789 -1.110  1.00 34.12  ? 185 GLY A CA  1 
ATOM   1038 C C   . GLY A 1 130 ? -8.648  -10.719 -1.854  1.00 34.59  ? 185 GLY A C   1 
ATOM   1039 O O   . GLY A 1 130 ? -9.247  -9.863  -2.498  1.00 30.08  ? 185 GLY A O   1 
ATOM   1040 N N   . TYR A 1 131 ? -7.326  -10.792 -1.788  1.00 29.79  ? 186 TYR A N   1 
ATOM   1041 C CA  . TYR A 1 131 ? -6.494  -9.801  -2.434  1.00 26.95  ? 186 TYR A CA  1 
ATOM   1042 C C   . TYR A 1 131 ? -5.442  -10.432 -3.323  1.00 23.95  ? 186 TYR A C   1 
ATOM   1043 O O   . TYR A 1 131 ? -4.985  -11.526 -3.076  1.00 33.04  ? 186 TYR A O   1 
ATOM   1044 C CB  . TYR A 1 131 ? -5.887  -8.912  -1.357  1.00 27.51  ? 186 TYR A CB  1 
ATOM   1045 C CG  . TYR A 1 131 ? -6.932  -8.052  -0.687  1.00 22.42  ? 186 TYR A CG  1 
ATOM   1046 C CD1 . TYR A 1 131 ? -7.596  -8.479  0.446   1.00 24.51  ? 186 TYR A CD1 1 
ATOM   1047 C CD2 . TYR A 1 131 ? -7.250  -6.810  -1.200  1.00 24.96  ? 186 TYR A CD2 1 
ATOM   1048 C CE1 . TYR A 1 131 ? -8.546  -7.687  1.052   1.00 25.97  ? 186 TYR A CE1 1 
ATOM   1049 C CE2 . TYR A 1 131 ? -8.191  -6.012  -0.607  1.00 27.52  ? 186 TYR A CE2 1 
ATOM   1050 C CZ  . TYR A 1 131 ? -8.842  -6.446  0.521   1.00 31.73  ? 186 TYR A CZ  1 
ATOM   1051 O OH  . TYR A 1 131 ? -9.788  -5.629  1.095   1.00 30.79  ? 186 TYR A OH  1 
ATOM   1052 N N   . TYR A 1 132 ? -5.092  -9.760  -4.402  1.00 27.80  ? 187 TYR A N   1 
ATOM   1053 C CA  . TYR A 1 132 ? -4.116  -10.306 -5.326  1.00 24.88  ? 187 TYR A CA  1 
ATOM   1054 C C   . TYR A 1 132 ? -2.970  -9.329  -5.352  1.00 25.26  ? 187 TYR A C   1 
ATOM   1055 O O   . TYR A 1 132 ? -3.164  -8.142  -5.592  1.00 21.37  ? 187 TYR A O   1 
ATOM   1056 C CB  . TYR A 1 132 ? -4.718  -10.454 -6.750  1.00 21.57  ? 187 TYR A CB  1 
ATOM   1057 C CG  . TYR A 1 132 ? -3.681  -10.662 -7.846  1.00 27.21  ? 187 TYR A CG  1 
ATOM   1058 C CD1 . TYR A 1 132 ? -2.859  -11.791 -7.845  1.00 37.29  ? 187 TYR A CD1 1 
ATOM   1059 C CD2 . TYR A 1 132 ? -3.504  -9.712  -8.871  1.00 23.65  ? 187 TYR A CD2 1 
ATOM   1060 C CE1 . TYR A 1 132 ? -1.884  -11.986 -8.821  1.00 36.54  ? 187 TYR A CE1 1 
ATOM   1061 C CE2 . TYR A 1 132 ? -2.523  -9.894  -9.859  1.00 27.09  ? 187 TYR A CE2 1 
ATOM   1062 C CZ  . TYR A 1 132 ? -1.717  -11.044 -9.821  1.00 42.86  ? 187 TYR A CZ  1 
ATOM   1063 O OH  . TYR A 1 132 ? -0.739  -11.279 -10.758 1.00 48.21  ? 187 TYR A OH  1 
ATOM   1064 N N   . ILE A 1 133 ? -1.777  -9.816  -5.052  1.00 28.99  ? 188 ILE A N   1 
ATOM   1065 C CA  . ILE A 1 133 ? -0.603  -8.953  -5.098  1.00 33.01  ? 188 ILE A CA  1 
ATOM   1066 C C   . ILE A 1 133 ? -0.200  -8.770  -6.581  1.00 31.81  ? 188 ILE A C   1 
ATOM   1067 O O   . ILE A 1 133 ? -0.035  -9.737  -7.308  1.00 33.06  ? 188 ILE A O   1 
ATOM   1068 C CB  . ILE A 1 133 ? 0.496   -9.564  -4.238  1.00 24.98  ? 188 ILE A CB  1 
ATOM   1069 C CG1 . ILE A 1 133 ? -0.040  -9.678  -2.807  1.00 21.41  ? 188 ILE A CG1 1 
ATOM   1070 C CG2 . ILE A 1 133 ? 1.735   -8.698  -4.277  1.00 28.26  ? 188 ILE A CG2 1 
ATOM   1071 C CD1 . ILE A 1 133 ? 0.781   -10.571 -1.891  1.00 32.59  ? 188 ILE A CD1 1 
ATOM   1072 N N   . GLU A 1 134 ? -0.089  -7.518  -7.024  1.00 27.84  ? 189 GLU A N   1 
ATOM   1073 C CA  . GLU A 1 134 ? 0.206   -7.210  -8.424  1.00 26.98  ? 189 GLU A CA  1 
ATOM   1074 C C   . GLU A 1 134 ? 1.650   -7.490  -8.672  1.00 38.43  ? 189 GLU A C   1 
ATOM   1075 O O   . GLU A 1 134 ? 2.481   -7.185  -7.814  1.00 36.60  ? 189 GLU A O   1 
ATOM   1076 C CB  . GLU A 1 134 ? -0.066  -5.736  -8.731  1.00 26.30  ? 189 GLU A CB  1 
ATOM   1077 C CG  . GLU A 1 134 ? -1.505  -5.280  -8.566  1.00 31.39  ? 189 GLU A CG  1 
ATOM   1078 C CD  . GLU A 1 134 ? -2.447  -5.836  -9.631  1.00 33.90  ? 189 GLU A CD  1 
ATOM   1079 O OE1 . GLU A 1 134 ? -3.563  -5.296  -9.797  1.00 34.68  ? 189 GLU A OE1 1 
ATOM   1080 O OE2 . GLU A 1 134 ? -2.080  -6.823  -10.296 1.00 31.35  ? 189 GLU A OE2 1 
ATOM   1081 N N   . GLY A 1 135 ? 1.931   -8.031  -9.860  1.00 42.05  ? 190 GLY A N   1 
ATOM   1082 C CA  . GLY A 1 135 ? 3.275   -8.401  -10.296 1.00 42.33  ? 190 GLY A CA  1 
ATOM   1083 C C   . GLY A 1 135 ? 3.668   -9.798  -9.815  1.00 55.02  ? 190 GLY A C   1 
ATOM   1084 O O   . GLY A 1 135 ? 4.852   -10.144 -9.850  1.00 62.30  ? 190 GLY A O   1 
ATOM   1085 N N   . SER A 1 136 ? 2.682   -10.621 -9.434  1.00 44.80  ? 191 SER A N   1 
ATOM   1086 C CA  . SER A 1 136 ? 2.980   -11.928 -8.795  1.00 57.55  ? 191 SER A CA  1 
ATOM   1087 C C   . SER A 1 136 ? 2.347   -13.157 -9.430  1.00 56.91  ? 191 SER A C   1 
ATOM   1088 O O   . SER A 1 136 ? 1.458   -12.977 -10.284 1.00 32.59  ? 191 SER A O   1 
ATOM   1089 C CB  . SER A 1 136 ? 2.547   -11.857 -7.292  1.00 51.30  ? 191 SER A CB  1 
ATOM   1090 O OG  . SER A 1 136 ? 1.306   -12.518 -7.046  1.00 43.93  ? 191 SER A OG  1 
ATOM   1091 O OXT . SER A 1 136 ? 2.736   -14.295 -9.076  1.00 48.43  ? 191 SER A OXT 1 
HETATM 1092 C CAA . P34 B 2 .   ? -7.727  9.498   -6.759  1.00 47.72  ? 201 P34 A CAA 1 
HETATM 1093 N N   . P34 B 2 .   ? -7.852  8.071   -6.442  1.00 36.83  ? 201 P34 A N   1 
HETATM 1094 C CAB . P34 B 2 .   ? -9.102  7.850   -5.703  1.00 28.00  ? 201 P34 A CAB 1 
HETATM 1095 C CA  . P34 B 2 .   ? -6.698  7.823   -5.572  1.00 36.59  ? 201 P34 A CA  1 
HETATM 1096 C C   . P34 B 2 .   ? -5.396  7.529   -6.339  1.00 45.46  ? 201 P34 A C   1 
HETATM 1097 O O   . P34 B 2 .   ? -5.499  7.298   -7.537  1.00 54.56  ? 201 P34 A O   1 
HETATM 1098 N NAM . P34 B 2 .   ? -4.401  6.902   -5.708  1.00 45.17  ? 201 P34 A NAM 1 
HETATM 1099 C CAP . P34 B 2 .   ? -3.230  6.543   -6.252  1.00 35.25  ? 201 P34 A CAP 1 
HETATM 1100 C CAK . P34 B 2 .   ? -2.683  6.044   -7.443  1.00 34.85  ? 201 P34 A CAK 1 
HETATM 1101 C CAU . P34 B 2 .   ? -1.447  5.414   -7.604  1.00 44.41  ? 201 P34 A CAU 1 
HETATM 1102 C CAT . P34 B 2 .   ? -0.826  4.881   -8.732  1.00 32.94  ? 201 P34 A CAT 1 
HETATM 1103 C CAI . P34 B 2 .   ? -1.412  4.904   -9.981  1.00 43.91  ? 201 P34 A CAI 1 
HETATM 1104 C CAF . P34 B 2 .   ? -0.881  4.401   -11.156 1.00 38.80  ? 201 P34 A CAF 1 
HETATM 1105 C CAE . P34 B 2 .   ? 0.369   3.811   -11.102 1.00 35.47  ? 201 P34 A CAE 1 
HETATM 1106 C CAH . P34 B 2 .   ? 0.980   3.776   -9.862  1.00 33.11  ? 201 P34 A CAH 1 
HETATM 1107 C CAS . P34 B 2 .   ? 0.418   4.290   -8.708  1.00 29.63  ? 201 P34 A CAS 1 
HETATM 1108 C CAQ . P34 B 2 .   ? 1.144   4.199   -7.546  1.00 39.56  ? 201 P34 A CAQ 1 
HETATM 1109 O OAD . P34 B 2 .   ? 2.254   3.697   -7.400  1.00 30.70  ? 201 P34 A OAD 1 
HETATM 1110 N NAN . P34 B 2 .   ? 0.539   4.717   -6.422  1.00 34.94  ? 201 P34 A NAN 1 
HETATM 1111 C CAR . P34 B 2 .   ? -0.724  5.302   -6.454  1.00 29.79  ? 201 P34 A CAR 1 
HETATM 1112 C CAJ . P34 B 2 .   ? -1.192  5.795   -5.258  1.00 34.82  ? 201 P34 A CAJ 1 
HETATM 1113 C CAG . P34 B 2 .   ? -2.352  6.533   -5.193  1.00 38.83  ? 201 P34 A CAG 1 
HETATM 1114 O O   . HOH C 3 .   ? 0.423   -10.093 7.971   1.00 18.06  ? 301 HOH A O   1 
HETATM 1115 O O   . HOH C 3 .   ? 2.250   -0.386  -3.296  1.00 16.49  ? 302 HOH A O   1 
HETATM 1116 O O   . HOH C 3 .   ? -12.652 0.487   -6.256  1.00 19.13  ? 303 HOH A O   1 
HETATM 1117 O O   . HOH C 3 .   ? -9.142  -10.395 3.898   1.00 35.30  ? 304 HOH A O   1 
HETATM 1118 O O   . HOH C 3 .   ? 7.880   -7.623  12.472  1.00 17.39  ? 305 HOH A O   1 
HETATM 1119 O O   . HOH C 3 .   ? 8.362   -6.054  -2.662  1.00 20.25  ? 306 HOH A O   1 
HETATM 1120 O O   . HOH C 3 .   ? -6.603  -13.456 5.250   1.00 27.06  ? 307 HOH A O   1 
HETATM 1121 O O   . HOH C 3 .   ? -10.550 -3.050  -0.193  1.00 17.45  ? 308 HOH A O   1 
HETATM 1122 O O   . HOH C 3 .   ? -18.380 9.652   -9.211  1.00 17.37  ? 309 HOH A O   1 
HETATM 1123 O O   . HOH C 3 .   ? -4.420  1.981   -9.611  1.00 31.37  ? 310 HOH A O   1 
HETATM 1124 O O   . HOH C 3 .   ? -13.033 1.895   5.727   1.00 26.28  ? 311 HOH A O   1 
HETATM 1125 O O   . HOH C 3 .   ? -8.491  6.583   -3.433  1.00 29.76  ? 312 HOH A O   1 
HETATM 1126 O O   . HOH C 3 .   ? 6.659   3.614   -1.207  1.00 19.97  ? 313 HOH A O   1 
HETATM 1127 O O   . HOH C 3 .   ? 4.817   -8.512  -7.065  1.00 28.46  ? 314 HOH A O   1 
HETATM 1128 O O   . HOH C 3 .   ? 6.241   6.910   21.856  1.00 26.82  ? 315 HOH A O   1 
HETATM 1129 O O   . HOH C 3 .   ? -17.026 -0.216  -16.791 1.00 40.88  ? 316 HOH A O   1 
HETATM 1130 O O   . HOH C 3 .   ? 2.838   8.962   7.466   1.00 30.52  ? 317 HOH A O   1 
HETATM 1131 O O   . HOH C 3 .   ? 11.031  -1.785  2.534   1.00 29.73  ? 318 HOH A O   1 
HETATM 1132 O O   . HOH C 3 .   ? -17.777 -2.110  -13.154 1.00 65.55  ? 319 HOH A O   1 
HETATM 1133 O O   . HOH C 3 .   ? 10.486  -7.392  -4.943  1.00 32.91  ? 320 HOH A O   1 
HETATM 1134 O O   . HOH C 3 .   ? 7.046   -0.927  15.527  1.00 23.80  ? 321 HOH A O   1 
HETATM 1135 O O   . HOH C 3 .   ? 6.823   5.854   -0.007  1.00 25.70  ? 322 HOH A O   1 
HETATM 1136 O O   . HOH C 3 .   ? 4.877   -12.308 -0.906  1.00 18.78  ? 323 HOH A O   1 
HETATM 1137 O O   . HOH C 3 .   ? 0.264   -2.301  -9.001  1.00 24.32  ? 324 HOH A O   1 
HETATM 1138 O O   . HOH C 3 .   ? -2.007  12.691  -5.658  1.00 24.44  ? 325 HOH A O   1 
HETATM 1139 O O   . HOH C 3 .   ? 2.487   0.507   -9.897  1.00 27.39  ? 326 HOH A O   1 
HETATM 1140 O O   . HOH C 3 .   ? 5.451   11.915  -0.237  1.00 34.27  ? 327 HOH A O   1 
HETATM 1141 O O   . HOH C 3 .   ? 12.756  3.326   13.278  1.00 40.85  ? 328 HOH A O   1 
HETATM 1142 O O   . HOH C 3 .   ? -1.248  9.233   -3.884  1.00 23.56  ? 329 HOH A O   1 
HETATM 1143 O O   . HOH C 3 .   ? 13.599  0.268   -12.282 1.00 43.79  ? 330 HOH A O   1 
HETATM 1144 O O   . HOH C 3 .   ? 3.336   1.582   -7.785  1.00 18.58  ? 331 HOH A O   1 
HETATM 1145 O O   . HOH C 3 .   ? 1.157   -1.721  13.823  1.00 21.22  ? 332 HOH A O   1 
HETATM 1146 O O   . HOH C 3 .   ? -14.334 1.439   -1.075  1.00 27.89  ? 333 HOH A O   1 
HETATM 1147 O O   . HOH C 3 .   ? 10.786  -14.771 7.927   1.00 33.42  ? 334 HOH A O   1 
HETATM 1148 O O   . HOH C 3 .   ? 5.132   9.322   -2.279  1.00 44.34  ? 335 HOH A O   1 
HETATM 1149 O O   . HOH C 3 .   ? -2.660  8.947   -17.057 1.00 42.31  ? 336 HOH A O   1 
HETATM 1150 O O   . HOH C 3 .   ? 3.860   8.961   13.342  1.00 28.44  ? 337 HOH A O   1 
HETATM 1151 O O   . HOH C 3 .   ? -3.652  -10.976 6.461   1.00 31.15  ? 338 HOH A O   1 
HETATM 1152 O O   . HOH C 3 .   ? -15.198 1.810   -16.407 1.00 57.52  ? 339 HOH A O   1 
HETATM 1153 O O   . HOH C 3 .   ? 10.062  -5.572  18.894  1.00 29.22  ? 340 HOH A O   1 
HETATM 1154 O O   . HOH C 3 .   ? -12.186 -0.724  0.777   1.00 33.26  ? 341 HOH A O   1 
HETATM 1155 O O   . HOH C 3 .   ? 4.573   -11.577 -3.839  1.00 28.28  ? 342 HOH A O   1 
HETATM 1156 O O   . HOH C 3 .   ? 12.934  7.512   -8.401  1.00 35.08  ? 343 HOH A O   1 
HETATM 1157 O O   . HOH C 3 .   ? -2.792  -1.210  11.731  1.00 20.00  ? 344 HOH A O   1 
HETATM 1158 O O   . HOH C 3 .   ? -8.867  -2.772  6.744   1.00 26.21  ? 345 HOH A O   1 
HETATM 1159 O O   . HOH C 3 .   ? 6.078   -8.262  6.339   1.00 18.64  ? 346 HOH A O   1 
HETATM 1160 O O   . HOH C 3 .   ? -6.131  -11.550 6.897   1.00 33.66  ? 347 HOH A O   1 
HETATM 1161 O O   . HOH C 3 .   ? 9.618   -5.434  4.443   1.00 27.29  ? 348 HOH A O   1 
HETATM 1162 O O   . HOH C 3 .   ? -1.163  20.036  5.712   1.00 42.12  ? 349 HOH A O   1 
# 
